data_5OTB
#
_entry.id   5OTB
#
_cell.length_a   78.750
_cell.length_b   80.930
_cell.length_c   110.530
_cell.angle_alpha   90.01
_cell.angle_beta   75.90
_cell.angle_gamma   72.22
#
_symmetry.space_group_name_H-M   'P 1'
#
loop_
_entity.id
_entity.type
_entity.pdbx_description
1 polymer Albumin
2 non-polymer 'TRIETHYLENE GLYCOL'
3 non-polymer PROLINE
4 non-polymer DI(HYDROXYETHYL)ETHER
5 water water
#
_entity_poly.entity_id   1
_entity_poly.type   'polypeptide(L)'
_entity_poly.pdbx_seq_one_letter_code
;DTHKSEIAHRFNDLGEENFQGLVLIAFSQYLQQCPFDEHVKLVKELTEFAKTCVADESHAGCDKSLHTLFGDELCKVATL
RETYGDMADCCEKQEPERNECFLKHKDDSPDLPKLKPEPDTLCAEFKADEKKFWGKYLYEVARRHPYFYAPELLYYANKY
NGVFQECCQAEDKGACLLPKIETMREKVLASSARQRLRCASIQKFGERALKAWSVARLSQKFPKADFTDVTKIVTDLTKV
HKECCHGDLLECADDRADLAKYICDHQDTLSSKLKECCDKPVLEKSHCIAEIDKDAVPENLPPLTADFAEDKEVCKNYQE
AKDVFLGSFLYEYSRRHPEYAVSVLLRLAKEYEATLEDCCAKEDPHACYATVFDKLKHLVDEPQNLIKKNCELFEKHGEY
GFQNALIVRYTRKAPQVSTPTLVEISRSLGKVGTKCCAKPESERMPCTEDYLSLILNRLCVLHEKTPVSEKVTKCCTESL
VNRRPCFSDLTLDETYVPKPFDGESFTFHADICTLPDTEKQIKKQTALVELLKHKPKATDEQLKTVMENFVAFVDKCCAA
DDKEGCFLLEGPKLVASTQAALA
;
_entity_poly.pdbx_strand_id   A,B,C,D
#
loop_
_chem_comp.id
_chem_comp.type
_chem_comp.name
_chem_comp.formula
PEG non-polymer DI(HYDROXYETHYL)ETHER 'C4 H10 O3'
PGE non-polymer 'TRIETHYLENE GLYCOL' 'C6 H14 O4'
#
# COMPACT_ATOMS: atom_id res chain seq x y z
N HIS A 3 -2.99 20.95 0.11
CA HIS A 3 -4.14 21.76 0.63
C HIS A 3 -3.79 22.13 2.08
N LYS A 4 -4.33 23.25 2.55
CA LYS A 4 -3.91 23.93 3.79
C LYS A 4 -4.46 23.33 5.13
N SER A 5 -5.54 22.55 5.03
CA SER A 5 -5.86 21.56 6.07
C SER A 5 -6.20 20.17 5.47
N GLU A 6 -5.34 19.22 5.78
CA GLU A 6 -5.40 17.89 5.16
C GLU A 6 -6.66 17.09 5.57
N ILE A 7 -6.89 16.96 6.89
CA ILE A 7 -8.05 16.23 7.39
C ILE A 7 -9.35 16.64 6.69
N ALA A 8 -9.49 17.94 6.47
CA ALA A 8 -10.66 18.53 5.81
C ALA A 8 -10.50 18.64 4.31
N HIS A 9 -9.26 18.70 3.83
CA HIS A 9 -9.05 18.57 2.39
C HIS A 9 -9.81 17.34 1.96
N ARG A 10 -9.43 16.21 2.59
CA ARG A 10 -9.95 14.84 2.38
C ARG A 10 -11.45 14.67 2.63
N PHE A 11 -11.94 15.23 3.75
CA PHE A 11 -13.36 15.23 4.04
C PHE A 11 -14.22 15.84 2.92
N ASN A 12 -13.91 17.01 2.36
CA ASN A 12 -14.76 17.47 1.25
C ASN A 12 -14.51 16.56 0.09
N ASP A 13 -13.28 16.08 -0.01
CA ASP A 13 -12.89 15.26 -1.13
C ASP A 13 -13.71 13.99 -1.23
N LEU A 14 -14.06 13.39 -0.10
CA LEU A 14 -14.67 12.06 -0.12
C LEU A 14 -16.12 12.07 0.30
N GLY A 15 -16.48 13.00 1.20
CA GLY A 15 -17.86 13.07 1.69
C GLY A 15 -18.13 12.22 2.91
N GLU A 16 -19.03 12.70 3.76
CA GLU A 16 -19.21 12.16 5.11
C GLU A 16 -19.31 10.64 5.22
N GLU A 17 -19.98 10.00 4.27
CA GLU A 17 -20.14 8.56 4.34
C GLU A 17 -18.81 7.78 4.15
N ASN A 18 -18.24 7.86 2.94
CA ASN A 18 -16.98 7.17 2.68
C ASN A 18 -15.86 7.68 3.62
N PHE A 19 -15.90 8.95 3.95
CA PHE A 19 -14.99 9.40 4.95
C PHE A 19 -15.06 8.59 6.28
N GLN A 20 -16.28 8.31 6.74
CA GLN A 20 -16.44 7.69 8.04
C GLN A 20 -16.16 6.22 7.83
N GLY A 21 -16.52 5.71 6.65
CA GLY A 21 -16.16 4.32 6.30
C GLY A 21 -14.73 4.14 6.56
N LEU A 22 -13.94 4.94 5.85
CA LEU A 22 -12.52 4.73 5.76
C LEU A 22 -11.82 4.76 7.11
N VAL A 23 -12.20 5.76 7.91
CA VAL A 23 -11.57 5.96 9.26
C VAL A 23 -11.86 4.77 10.12
N LEU A 24 -13.11 4.31 10.16
CA LEU A 24 -13.47 3.04 10.89
C LEU A 24 -12.68 1.81 10.42
N ILE A 25 -12.65 1.53 9.12
CA ILE A 25 -11.63 0.61 8.55
C ILE A 25 -10.21 0.82 9.07
N ALA A 26 -9.78 2.05 9.26
CA ALA A 26 -8.40 2.29 9.74
C ALA A 26 -8.21 1.98 11.23
N PHE A 27 -9.23 2.27 12.01
CA PHE A 27 -9.17 1.95 13.41
C PHE A 27 -9.26 0.45 13.57
N SER A 28 -10.14 -0.18 12.81
CA SER A 28 -10.37 -1.60 12.94
C SER A 28 -9.24 -2.47 12.46
N GLN A 29 -8.44 -1.94 11.54
CA GLN A 29 -7.23 -2.63 11.17
C GLN A 29 -6.08 -2.30 12.18
N TYR A 30 -5.99 -1.10 12.77
CA TYR A 30 -5.06 -0.86 13.91
C TYR A 30 -5.35 -1.74 15.20
N LEU A 31 -6.57 -1.59 15.70
CA LEU A 31 -7.07 -2.21 16.93
C LEU A 31 -8.03 -3.35 16.66
N GLN A 32 -7.47 -4.41 16.08
CA GLN A 32 -8.20 -5.62 15.72
C GLN A 32 -9.00 -6.26 16.85
N GLN A 33 -8.61 -6.00 18.10
CA GLN A 33 -9.24 -6.66 19.24
C GLN A 33 -10.23 -5.77 19.98
N CYS A 34 -10.12 -4.45 19.86
CA CYS A 34 -11.10 -3.58 20.49
C CYS A 34 -12.51 -3.78 19.88
N PRO A 35 -13.56 -3.63 20.71
CA PRO A 35 -14.91 -3.86 20.24
C PRO A 35 -15.40 -2.69 19.44
N PHE A 36 -16.38 -3.00 18.63
CA PHE A 36 -16.94 -2.11 17.66
C PHE A 36 -17.59 -0.81 18.20
N ASP A 37 -18.17 -0.78 19.40
CA ASP A 37 -18.60 0.53 20.00
C ASP A 37 -17.42 1.49 20.34
N GLU A 38 -16.33 0.89 20.82
CA GLU A 38 -15.08 1.63 21.01
C GLU A 38 -14.67 2.37 19.74
N HIS A 39 -14.79 1.70 18.57
CA HIS A 39 -14.24 2.26 17.34
C HIS A 39 -15.26 3.24 16.81
N VAL A 40 -16.54 2.97 17.04
CA VAL A 40 -17.62 3.89 16.70
C VAL A 40 -17.43 5.29 17.34
N LYS A 41 -16.80 5.33 18.51
CA LYS A 41 -16.61 6.62 19.19
C LYS A 41 -15.40 7.40 18.65
N LEU A 42 -14.19 6.83 18.83
CA LEU A 42 -12.94 7.36 18.24
C LEU A 42 -13.22 7.97 16.87
N VAL A 43 -14.05 7.24 16.07
CA VAL A 43 -14.53 7.67 14.73
C VAL A 43 -15.46 8.89 14.60
N LYS A 44 -16.22 9.27 15.62
CA LYS A 44 -17.08 10.45 15.44
C LYS A 44 -16.38 11.71 15.98
N GLU A 45 -15.39 11.47 16.81
CA GLU A 45 -14.58 12.53 17.39
C GLU A 45 -13.75 13.17 16.30
N LEU A 46 -13.13 12.32 15.46
CA LEU A 46 -12.39 12.76 14.27
C LEU A 46 -13.32 13.18 13.14
N THR A 47 -14.56 12.67 13.15
CA THR A 47 -15.60 13.15 12.24
C THR A 47 -16.05 14.58 12.57
N GLU A 48 -16.44 14.84 13.82
CA GLU A 48 -16.61 16.20 14.35
C GLU A 48 -15.41 17.08 14.06
N PHE A 49 -14.25 16.67 14.53
CA PHE A 49 -13.12 17.54 14.43
C PHE A 49 -12.83 17.83 12.99
N ALA A 50 -13.10 16.85 12.16
CA ALA A 50 -12.85 17.09 10.76
C ALA A 50 -13.72 18.25 10.30
N LYS A 51 -15.03 18.09 10.55
CA LYS A 51 -16.09 19.01 10.10
C LYS A 51 -15.76 20.46 10.51
N THR A 52 -15.15 20.58 11.69
CA THR A 52 -14.67 21.83 12.22
C THR A 52 -13.66 22.42 11.26
N CYS A 53 -12.71 21.59 10.81
CA CYS A 53 -11.66 22.08 9.92
C CYS A 53 -12.25 22.39 8.58
N VAL A 54 -13.47 21.94 8.34
CA VAL A 54 -14.18 22.40 7.16
C VAL A 54 -14.72 23.83 7.42
N ALA A 55 -15.37 24.06 8.56
CA ALA A 55 -15.86 25.43 8.84
C ALA A 55 -14.85 26.48 9.35
N ASP A 56 -13.88 26.12 10.20
CA ASP A 56 -12.81 27.09 10.50
C ASP A 56 -11.44 26.49 10.28
N GLU A 57 -10.98 26.56 9.03
CA GLU A 57 -9.73 25.88 8.58
C GLU A 57 -8.47 26.26 9.34
N SER A 58 -8.43 27.49 9.83
CA SER A 58 -7.29 27.91 10.62
C SER A 58 -7.37 27.40 12.09
N HIS A 59 -8.42 26.63 12.40
CA HIS A 59 -8.61 26.25 13.78
C HIS A 59 -7.40 25.53 14.38
N ALA A 60 -7.38 25.52 15.73
CA ALA A 60 -6.32 24.91 16.53
C ALA A 60 -6.20 23.46 16.12
N GLY A 61 -5.05 23.10 15.56
CA GLY A 61 -4.82 21.73 15.10
C GLY A 61 -5.27 21.24 13.75
N CYS A 62 -5.85 22.09 12.89
CA CYS A 62 -6.31 21.58 11.59
C CYS A 62 -5.25 21.23 10.53
N ASP A 63 -4.12 21.93 10.61
CA ASP A 63 -2.98 21.71 9.71
C ASP A 63 -2.18 20.45 10.02
N LYS A 64 -2.34 19.91 11.24
CA LYS A 64 -1.76 18.62 11.61
C LYS A 64 -1.93 17.54 10.51
N SER A 65 -1.02 16.57 10.51
CA SER A 65 -1.14 15.36 9.67
C SER A 65 -2.06 14.31 10.25
N LEU A 66 -2.43 13.38 9.39
CA LEU A 66 -3.45 12.45 9.78
C LEU A 66 -2.80 11.41 10.73
N HIS A 67 -1.52 11.15 10.51
CA HIS A 67 -0.73 10.27 11.37
C HIS A 67 -0.62 10.75 12.79
N THR A 68 -0.62 12.07 13.00
CA THR A 68 -0.70 12.63 14.34
C THR A 68 -2.19 12.64 14.80
N LEU A 69 -3.11 13.02 13.90
CA LEU A 69 -4.57 12.95 14.22
C LEU A 69 -5.11 11.57 14.57
N PHE A 70 -4.75 10.54 13.79
CA PHE A 70 -5.18 9.15 14.08
C PHE A 70 -4.47 8.65 15.30
N GLY A 71 -3.14 8.66 15.20
CA GLY A 71 -2.31 8.27 16.28
C GLY A 71 -2.74 8.94 17.57
N ASP A 72 -3.24 10.18 17.50
CA ASP A 72 -3.62 10.97 18.70
C ASP A 72 -4.77 10.38 19.51
N GLU A 73 -5.27 9.25 19.03
CA GLU A 73 -6.55 8.73 19.43
C GLU A 73 -6.37 7.29 19.68
N LEU A 74 -5.46 6.72 18.95
CA LEU A 74 -5.03 5.42 19.35
C LEU A 74 -4.59 5.62 20.77
N CYS A 75 -3.83 6.70 21.02
CA CYS A 75 -3.27 7.04 22.39
C CYS A 75 -4.23 7.11 23.54
N LYS A 76 -5.42 7.68 23.32
CA LYS A 76 -6.51 7.65 24.33
C LYS A 76 -7.34 6.32 24.34
N VAL A 77 -6.78 5.22 23.81
CA VAL A 77 -7.28 3.86 24.06
C VAL A 77 -6.38 3.29 25.18
N ALA A 78 -6.86 3.43 26.42
CA ALA A 78 -6.13 3.05 27.63
C ALA A 78 -5.69 1.57 27.77
N THR A 79 -6.32 0.67 26.96
CA THR A 79 -6.11 -0.82 27.17
C THR A 79 -5.19 -1.43 26.08
N LEU A 80 -4.08 -0.75 25.80
CA LEU A 80 -3.19 -1.16 24.71
C LEU A 80 -2.17 -2.16 25.23
N ARG A 81 -1.77 -1.96 26.50
CA ARG A 81 -0.95 -2.91 27.25
C ARG A 81 -1.68 -4.26 27.35
N GLU A 82 -2.77 -4.25 28.12
CA GLU A 82 -3.67 -5.39 28.30
C GLU A 82 -3.85 -6.11 26.96
N THR A 83 -4.37 -5.38 25.98
CA THR A 83 -4.86 -6.00 24.74
C THR A 83 -3.80 -6.21 23.63
N TYR A 84 -2.73 -5.40 23.62
CA TYR A 84 -1.73 -5.48 22.53
C TYR A 84 -0.28 -5.40 22.98
N GLY A 85 -0.04 -5.52 24.29
CA GLY A 85 1.32 -5.55 24.83
C GLY A 85 2.06 -4.23 24.66
N ASP A 86 3.18 -4.28 23.94
CA ASP A 86 4.07 -3.12 23.75
C ASP A 86 3.59 -2.20 22.65
N MET A 87 2.39 -2.49 22.12
CA MET A 87 1.76 -1.61 21.18
C MET A 87 1.43 -0.27 21.86
N ALA A 88 1.13 -0.31 23.16
CA ALA A 88 0.86 0.90 23.95
C ALA A 88 2.13 1.74 24.14
N ASP A 89 3.30 1.06 24.02
CA ASP A 89 4.65 1.76 24.00
C ASP A 89 4.73 2.64 22.74
N CYS A 90 4.09 2.17 21.64
CA CYS A 90 3.95 2.91 20.37
C CYS A 90 3.53 4.34 20.54
N CYS A 91 2.57 4.54 21.44
CA CYS A 91 1.93 5.83 21.72
C CYS A 91 2.84 6.88 22.36
N GLU A 92 3.72 6.41 23.23
CA GLU A 92 4.81 7.21 23.79
C GLU A 92 5.67 7.92 22.73
N LYS A 93 5.86 7.30 21.54
CA LYS A 93 6.80 7.84 20.54
C LYS A 93 6.26 9.04 19.69
N GLN A 94 7.16 9.79 19.03
CA GLN A 94 6.77 10.90 18.13
C GLN A 94 6.54 10.40 16.69
N GLU A 95 5.71 11.12 15.93
CA GLU A 95 5.59 10.82 14.50
C GLU A 95 6.91 11.17 13.78
N PRO A 96 7.41 10.25 12.91
CA PRO A 96 6.67 9.20 12.26
C PRO A 96 6.87 7.82 12.84
N GLU A 97 7.33 7.74 14.08
CA GLU A 97 7.74 6.46 14.68
C GLU A 97 6.59 5.73 15.35
N ARG A 98 5.73 6.52 15.95
CA ARG A 98 4.53 6.07 16.58
C ARG A 98 3.64 5.51 15.50
N ASN A 99 3.54 6.17 14.35
CA ASN A 99 2.88 5.49 13.23
C ASN A 99 3.62 4.29 12.62
N GLU A 100 4.94 4.32 12.74
CA GLU A 100 5.71 3.22 12.24
C GLU A 100 5.34 2.09 13.14
N CYS A 101 5.20 2.36 14.42
CA CYS A 101 5.14 1.22 15.33
C CYS A 101 3.75 0.57 15.38
N PHE A 102 2.69 1.38 15.30
CA PHE A 102 1.33 0.87 15.32
C PHE A 102 1.16 -0.18 14.24
N LEU A 103 1.77 0.05 13.07
CA LEU A 103 1.59 -0.81 11.89
C LEU A 103 2.21 -2.16 12.03
N LYS A 104 3.16 -2.24 12.97
CA LYS A 104 3.92 -3.44 13.21
C LYS A 104 2.96 -4.45 13.79
N HIS A 105 2.04 -3.93 14.59
CA HIS A 105 1.17 -4.80 15.38
C HIS A 105 -0.01 -5.38 14.60
N LYS A 106 -0.11 -5.10 13.33
CA LYS A 106 -1.05 -5.82 12.44
C LYS A 106 -1.00 -7.37 12.47
N ASP A 107 -2.09 -7.97 12.85
CA ASP A 107 -2.02 -9.41 13.09
C ASP A 107 -2.79 -10.02 11.96
N ASP A 108 -2.06 -10.83 11.21
CA ASP A 108 -2.53 -11.39 9.95
C ASP A 108 -3.39 -12.57 10.24
N SER A 109 -3.34 -13.03 11.47
CA SER A 109 -4.05 -14.23 11.82
C SER A 109 -4.63 -14.15 13.21
N PRO A 110 -5.53 -13.16 13.46
CA PRO A 110 -6.08 -12.72 14.76
C PRO A 110 -6.90 -13.68 15.61
N ASP A 111 -7.23 -14.88 15.11
CA ASP A 111 -8.00 -15.90 15.88
C ASP A 111 -9.23 -15.32 16.62
N LEU A 112 -10.13 -14.74 15.86
CA LEU A 112 -11.40 -14.26 16.40
C LEU A 112 -12.43 -15.27 15.88
N PRO A 113 -13.67 -15.26 16.37
CA PRO A 113 -14.63 -16.35 15.96
C PRO A 113 -15.02 -16.29 14.51
N LYS A 114 -15.12 -17.45 13.92
CA LYS A 114 -15.51 -17.47 12.55
C LYS A 114 -16.98 -16.98 12.64
N LEU A 115 -17.57 -16.50 11.56
CA LEU A 115 -18.92 -15.99 11.65
C LEU A 115 -19.93 -16.93 11.01
N LYS A 116 -20.94 -17.31 11.78
CA LYS A 116 -21.94 -18.13 11.20
C LYS A 116 -23.16 -17.27 10.98
N PRO A 117 -23.42 -16.91 9.72
CA PRO A 117 -24.55 -16.06 9.36
C PRO A 117 -25.90 -16.72 9.70
N GLU A 118 -26.65 -16.07 10.58
CA GLU A 118 -28.00 -16.46 10.90
C GLU A 118 -28.98 -15.45 10.29
N PRO A 119 -29.72 -15.90 9.27
CA PRO A 119 -30.64 -14.99 8.48
C PRO A 119 -31.61 -14.07 9.26
N ASP A 120 -32.18 -14.52 10.37
CA ASP A 120 -33.19 -13.77 11.10
C ASP A 120 -32.56 -12.73 12.01
N THR A 121 -31.43 -13.12 12.63
CA THR A 121 -30.67 -12.18 13.48
C THR A 121 -30.14 -11.01 12.62
N LEU A 122 -29.60 -11.33 11.43
CA LEU A 122 -29.00 -10.31 10.58
C LEU A 122 -30.08 -9.42 9.96
N CYS A 123 -31.20 -9.99 9.49
CA CYS A 123 -32.26 -9.15 9.05
C CYS A 123 -32.83 -8.25 10.16
N ALA A 124 -32.81 -8.72 11.39
CA ALA A 124 -33.36 -7.98 12.54
C ALA A 124 -32.41 -6.84 12.85
N GLU A 125 -31.13 -7.16 12.87
CA GLU A 125 -30.07 -6.16 13.03
C GLU A 125 -30.14 -5.09 11.94
N PHE A 126 -30.38 -5.55 10.72
CA PHE A 126 -30.51 -4.66 9.56
C PHE A 126 -31.67 -3.70 9.58
N LYS A 127 -32.86 -4.16 9.92
CA LYS A 127 -34.04 -3.31 9.99
C LYS A 127 -34.00 -2.30 11.18
N ALA A 128 -33.47 -2.77 12.29
CA ALA A 128 -33.21 -1.98 13.48
C ALA A 128 -32.19 -0.79 13.29
N ASP A 129 -31.11 -1.03 12.54
CA ASP A 129 -30.13 0.05 12.29
C ASP A 129 -29.32 -0.13 11.00
N GLU A 130 -29.80 0.40 9.87
CA GLU A 130 -29.05 0.25 8.63
C GLU A 130 -27.60 0.68 8.80
N LYS A 131 -27.40 1.90 9.26
CA LYS A 131 -26.06 2.45 9.39
C LYS A 131 -25.12 1.60 10.28
N LYS A 132 -25.57 1.20 11.47
CA LYS A 132 -24.74 0.45 12.36
C LYS A 132 -24.45 -0.94 11.78
N PHE A 133 -25.41 -1.48 11.03
CA PHE A 133 -25.24 -2.78 10.31
C PHE A 133 -24.07 -2.70 9.32
N TRP A 134 -24.07 -1.69 8.42
CA TRP A 134 -23.08 -1.37 7.42
C TRP A 134 -21.71 -1.33 7.95
N GLY A 135 -21.46 -0.42 8.88
CA GLY A 135 -20.18 -0.29 9.54
C GLY A 135 -19.85 -1.44 10.48
N LYS A 136 -20.83 -2.27 10.79
CA LYS A 136 -20.52 -3.48 11.54
C LYS A 136 -19.84 -4.45 10.53
N TYR A 137 -20.19 -4.35 9.26
CA TYR A 137 -19.69 -5.32 8.31
C TYR A 137 -18.26 -4.90 8.04
N LEU A 138 -17.98 -3.66 8.38
CA LEU A 138 -16.71 -3.07 8.07
C LEU A 138 -15.74 -3.35 9.16
N TYR A 139 -16.25 -3.31 10.36
CA TYR A 139 -15.55 -3.84 11.49
C TYR A 139 -15.14 -5.28 11.22
N GLU A 140 -16.11 -6.15 11.08
CA GLU A 140 -15.82 -7.63 10.98
C GLU A 140 -14.77 -8.01 9.92
N VAL A 141 -14.98 -7.58 8.69
CA VAL A 141 -14.09 -7.92 7.61
C VAL A 141 -12.68 -7.32 7.85
N ALA A 142 -12.69 -6.00 8.04
CA ALA A 142 -11.47 -5.23 8.23
C ALA A 142 -10.54 -5.70 9.34
N ARG A 143 -11.09 -5.96 10.53
CA ARG A 143 -10.32 -6.55 11.65
C ARG A 143 -9.84 -7.99 11.38
N ARG A 144 -10.53 -8.77 10.53
CA ARG A 144 -10.03 -10.12 10.28
C ARG A 144 -9.07 -10.06 9.12
N HIS A 145 -8.93 -8.87 8.53
CA HIS A 145 -8.28 -8.75 7.24
C HIS A 145 -7.60 -7.44 7.19
N PRO A 146 -6.54 -7.28 8.00
CA PRO A 146 -5.94 -5.99 8.33
C PRO A 146 -5.22 -5.29 7.16
N TYR A 147 -5.26 -5.89 5.96
CA TYR A 147 -4.70 -5.23 4.79
C TYR A 147 -5.70 -5.15 3.68
N PHE A 148 -6.94 -5.47 3.99
CA PHE A 148 -8.00 -5.30 3.02
C PHE A 148 -8.01 -3.91 2.36
N TYR A 149 -8.04 -3.92 1.01
CA TYR A 149 -8.23 -2.74 0.14
C TYR A 149 -9.43 -1.91 0.56
N ALA A 150 -9.15 -0.72 1.05
CA ALA A 150 -10.14 0.09 1.80
C ALA A 150 -11.20 0.65 0.88
N PRO A 151 -10.80 1.15 -0.28
CA PRO A 151 -11.95 1.61 -1.09
C PRO A 151 -12.81 0.43 -1.50
N GLU A 152 -12.21 -0.67 -1.87
CA GLU A 152 -12.94 -1.88 -2.17
C GLU A 152 -13.78 -2.44 -1.00
N LEU A 153 -13.28 -2.38 0.21
CA LEU A 153 -14.16 -2.79 1.29
C LEU A 153 -15.51 -2.10 1.25
N LEU A 154 -15.49 -0.75 1.10
CA LEU A 154 -16.72 0.11 1.12
C LEU A 154 -17.77 -0.27 0.03
N TYR A 155 -17.30 -0.50 -1.17
CA TYR A 155 -18.12 -1.17 -2.17
C TYR A 155 -18.74 -2.47 -1.69
N TYR A 156 -18.03 -3.29 -0.95
CA TYR A 156 -18.62 -4.61 -0.63
C TYR A 156 -19.66 -4.46 0.49
N ALA A 157 -19.40 -3.57 1.42
CA ALA A 157 -20.36 -3.18 2.49
C ALA A 157 -21.55 -2.66 1.82
N ASN A 158 -21.36 -1.96 0.72
CA ASN A 158 -22.59 -1.44 -0.02
C ASN A 158 -23.23 -2.63 -0.66
N LYS A 159 -22.50 -3.51 -1.36
CA LYS A 159 -23.23 -4.68 -1.95
C LYS A 159 -23.89 -5.52 -0.85
N TYR A 160 -23.32 -5.46 0.36
CA TYR A 160 -23.81 -6.32 1.42
C TYR A 160 -25.19 -5.92 1.92
N ASN A 161 -25.34 -4.63 2.28
CA ASN A 161 -26.55 -4.05 2.78
C ASN A 161 -27.61 -4.12 1.69
N GLY A 162 -27.22 -3.89 0.45
CA GLY A 162 -28.17 -4.09 -0.63
C GLY A 162 -28.56 -5.54 -0.79
N VAL A 163 -27.81 -6.47 -0.19
CA VAL A 163 -28.36 -7.82 -0.12
C VAL A 163 -29.51 -7.86 0.90
N PHE A 164 -29.30 -7.25 2.06
CA PHE A 164 -30.32 -7.31 3.09
C PHE A 164 -31.49 -6.41 2.77
N GLN A 165 -31.44 -5.86 1.57
CA GLN A 165 -32.49 -4.97 1.10
C GLN A 165 -33.42 -5.71 0.14
N GLU A 166 -32.81 -6.40 -0.80
CA GLU A 166 -33.49 -7.22 -1.69
C GLU A 166 -34.18 -8.31 -0.88
N CYS A 167 -33.55 -8.75 0.20
CA CYS A 167 -33.89 -10.05 0.78
C CYS A 167 -34.78 -10.04 2.02
N CYS A 168 -34.43 -9.27 3.05
CA CYS A 168 -35.19 -9.39 4.27
C CYS A 168 -36.70 -9.31 3.99
N GLN A 169 -37.05 -8.46 3.02
CA GLN A 169 -38.40 -8.40 2.43
C GLN A 169 -39.03 -9.76 2.14
N ALA A 170 -38.40 -10.53 1.24
CA ALA A 170 -39.01 -11.75 0.64
C ALA A 170 -39.56 -12.81 1.62
N GLU A 171 -40.31 -13.74 1.05
CA GLU A 171 -40.99 -14.70 1.88
C GLU A 171 -40.03 -15.67 2.57
N ASP A 172 -39.28 -16.49 1.77
CA ASP A 172 -38.18 -17.29 2.40
C ASP A 172 -36.92 -16.46 2.49
N LYS A 173 -36.68 -15.85 3.67
CA LYS A 173 -35.55 -14.92 3.82
C LYS A 173 -34.26 -15.69 3.51
N GLY A 174 -34.01 -16.76 4.28
CA GLY A 174 -32.79 -17.59 4.20
C GLY A 174 -32.32 -18.00 2.81
N ALA A 175 -33.27 -18.40 1.98
CA ALA A 175 -33.02 -18.96 0.64
C ALA A 175 -32.51 -17.88 -0.27
N CYS A 176 -33.02 -16.66 -0.06
CA CYS A 176 -32.62 -15.45 -0.79
C CYS A 176 -31.23 -15.01 -0.32
N LEU A 177 -31.02 -14.91 1.00
CA LEU A 177 -29.78 -14.35 1.55
C LEU A 177 -28.64 -15.23 1.26
N LEU A 178 -28.75 -16.49 1.72
CA LEU A 178 -27.55 -17.35 1.97
C LEU A 178 -26.65 -17.68 0.76
N PRO A 179 -27.21 -17.69 -0.45
CA PRO A 179 -26.30 -17.94 -1.55
C PRO A 179 -25.51 -16.68 -1.87
N LYS A 180 -26.26 -15.58 -1.92
CA LYS A 180 -25.70 -14.30 -2.27
C LYS A 180 -24.64 -13.88 -1.29
N ILE A 181 -24.82 -14.17 -0.01
CA ILE A 181 -23.82 -13.64 0.86
C ILE A 181 -22.63 -14.56 0.84
N GLU A 182 -22.83 -15.76 0.28
CA GLU A 182 -21.75 -16.74 0.20
C GLU A 182 -20.94 -16.52 -1.04
N THR A 183 -21.60 -16.41 -2.18
CA THR A 183 -20.82 -15.85 -3.29
C THR A 183 -20.01 -14.57 -2.82
N MET A 184 -20.67 -13.60 -2.25
CA MET A 184 -19.97 -12.38 -1.94
C MET A 184 -18.81 -12.67 -0.97
N ARG A 185 -18.97 -13.65 -0.09
CA ARG A 185 -17.93 -13.94 0.84
C ARG A 185 -16.69 -14.50 0.23
N GLU A 186 -16.84 -15.44 -0.72
CA GLU A 186 -15.72 -15.87 -1.60
C GLU A 186 -15.03 -14.68 -2.30
N LYS A 187 -15.79 -13.83 -2.99
CA LYS A 187 -15.16 -12.68 -3.70
C LYS A 187 -14.38 -11.78 -2.67
N VAL A 188 -14.98 -11.53 -1.52
CA VAL A 188 -14.28 -10.73 -0.54
C VAL A 188 -12.88 -11.27 -0.10
N LEU A 189 -12.87 -12.51 0.39
CA LEU A 189 -11.64 -13.27 0.70
C LEU A 189 -10.58 -13.23 -0.43
N ALA A 190 -11.03 -13.37 -1.68
CA ALA A 190 -10.17 -13.31 -2.86
C ALA A 190 -9.56 -11.93 -2.94
N SER A 191 -10.42 -10.89 -2.99
CA SER A 191 -9.87 -9.52 -2.92
C SER A 191 -8.99 -9.25 -1.70
N SER A 192 -9.14 -10.02 -0.65
CA SER A 192 -8.33 -9.76 0.53
C SER A 192 -6.93 -10.29 0.32
N ALA A 193 -6.84 -11.47 -0.27
CA ALA A 193 -5.59 -12.08 -0.51
C ALA A 193 -4.80 -11.27 -1.52
N ARG A 194 -5.46 -10.85 -2.61
CA ARG A 194 -4.81 -10.10 -3.69
C ARG A 194 -4.23 -8.83 -3.14
N GLN A 195 -4.93 -8.13 -2.22
CA GLN A 195 -4.31 -6.92 -1.69
C GLN A 195 -3.13 -7.42 -0.85
N ARG A 196 -3.30 -8.60 -0.23
CA ARG A 196 -2.35 -8.95 0.77
C ARG A 196 -1.07 -9.31 0.00
N LEU A 197 -1.24 -9.95 -1.15
CA LEU A 197 -0.15 -10.15 -2.06
C LEU A 197 0.54 -8.84 -2.43
N ARG A 198 -0.23 -7.80 -2.77
CA ARG A 198 0.41 -6.53 -3.13
C ARG A 198 1.33 -5.95 -2.01
N CYS A 199 0.83 -5.98 -0.81
CA CYS A 199 1.58 -5.33 0.25
C CYS A 199 2.90 -6.04 0.60
N ALA A 200 2.87 -7.37 0.50
CA ALA A 200 4.01 -8.25 0.81
C ALA A 200 4.99 -8.25 -0.37
N SER A 201 4.48 -8.01 -1.58
CA SER A 201 5.35 -7.63 -2.70
C SER A 201 6.14 -6.35 -2.50
N ILE A 202 5.46 -5.29 -2.04
CA ILE A 202 6.07 -3.94 -1.80
C ILE A 202 7.12 -4.03 -0.75
N GLN A 203 6.98 -5.02 0.14
CA GLN A 203 7.69 -5.06 1.44
C GLN A 203 8.78 -6.04 1.36
N LYS A 204 8.47 -7.30 1.04
CA LYS A 204 9.57 -8.25 0.77
C LYS A 204 10.31 -8.03 -0.54
N PHE A 205 9.80 -7.32 -1.55
CA PHE A 205 10.48 -7.38 -2.86
C PHE A 205 10.76 -6.14 -3.66
N GLY A 206 10.37 -4.96 -3.17
CA GLY A 206 10.52 -3.68 -3.92
C GLY A 206 9.39 -3.35 -4.90
N GLU A 207 8.99 -2.07 -4.90
CA GLU A 207 7.99 -1.48 -5.87
C GLU A 207 8.03 -2.00 -7.27
N ARG A 208 9.19 -1.87 -7.90
CA ARG A 208 9.45 -2.33 -9.25
C ARG A 208 8.86 -3.71 -9.58
N ALA A 209 8.88 -4.62 -8.60
CA ALA A 209 8.51 -5.96 -8.77
C ALA A 209 7.02 -5.96 -9.00
N LEU A 210 6.34 -5.10 -8.25
CA LEU A 210 4.89 -4.90 -8.36
C LEU A 210 4.55 -4.18 -9.66
N LYS A 211 5.40 -3.22 -10.04
CA LYS A 211 5.25 -2.57 -11.36
C LYS A 211 5.20 -3.60 -12.54
N ALA A 212 6.07 -4.61 -12.50
CA ALA A 212 5.99 -5.64 -13.52
C ALA A 212 4.63 -6.26 -13.55
N TRP A 213 4.09 -6.63 -12.40
CA TRP A 213 2.80 -7.31 -12.37
C TRP A 213 1.73 -6.44 -13.00
N SER A 214 1.61 -5.19 -12.55
CA SER A 214 0.67 -4.32 -13.15
C SER A 214 0.87 -4.05 -14.62
N VAL A 215 2.13 -4.06 -15.07
CA VAL A 215 2.41 -3.94 -16.48
C VAL A 215 1.78 -5.09 -17.24
N ALA A 216 2.08 -6.33 -16.91
CA ALA A 216 1.62 -7.43 -17.81
C ALA A 216 0.12 -7.68 -17.75
N ARG A 217 -0.42 -7.37 -16.60
CA ARG A 217 -1.81 -7.54 -16.31
C ARG A 217 -2.59 -6.42 -16.92
N LEU A 218 -2.07 -5.20 -16.85
CA LEU A 218 -2.78 -4.12 -17.44
C LEU A 218 -2.65 -4.09 -18.97
N SER A 219 -1.72 -4.88 -19.53
CA SER A 219 -1.46 -4.81 -20.94
C SER A 219 -2.41 -5.82 -21.49
N GLN A 220 -2.66 -6.84 -20.69
CA GLN A 220 -3.57 -7.90 -21.10
C GLN A 220 -4.99 -7.34 -21.18
N LYS A 221 -5.30 -6.38 -20.29
CA LYS A 221 -6.66 -5.84 -20.24
C LYS A 221 -6.82 -4.82 -21.32
N PHE A 222 -5.89 -3.91 -21.43
CA PHE A 222 -6.00 -2.90 -22.46
C PHE A 222 -4.93 -3.15 -23.50
N PRO A 223 -5.07 -4.16 -24.34
CA PRO A 223 -3.94 -4.41 -25.24
C PRO A 223 -3.83 -3.36 -26.37
N LYS A 224 -4.78 -2.44 -26.44
CA LYS A 224 -4.80 -1.38 -27.47
C LYS A 224 -4.23 0.00 -27.00
N ALA A 225 -3.65 0.03 -25.81
CA ALA A 225 -3.11 1.30 -25.31
C ALA A 225 -1.60 1.31 -25.35
N ASP A 226 -1.02 2.48 -25.14
CA ASP A 226 0.44 2.69 -25.24
C ASP A 226 1.24 1.99 -24.22
N PHE A 227 2.51 1.77 -24.50
CA PHE A 227 3.43 1.54 -23.42
C PHE A 227 3.52 2.79 -22.53
N THR A 228 3.36 3.95 -23.14
CA THR A 228 3.48 5.14 -22.37
C THR A 228 2.33 5.26 -21.40
N ASP A 229 1.15 5.01 -21.95
CA ASP A 229 -0.06 5.28 -21.27
C ASP A 229 -0.21 4.33 -20.12
N VAL A 230 -0.01 3.04 -20.48
CA VAL A 230 0.01 2.01 -19.51
C VAL A 230 0.90 2.39 -18.34
N THR A 231 2.15 2.69 -18.68
CA THR A 231 3.19 2.97 -17.69
C THR A 231 2.63 4.07 -16.85
N LYS A 232 1.83 4.96 -17.43
CA LYS A 232 1.35 6.11 -16.61
C LYS A 232 0.35 5.68 -15.52
N ILE A 233 -0.54 4.79 -15.88
CA ILE A 233 -1.54 4.38 -14.95
C ILE A 233 -0.82 3.54 -13.90
N VAL A 234 -0.11 2.51 -14.36
CA VAL A 234 0.68 1.67 -13.46
C VAL A 234 1.47 2.51 -12.44
N THR A 235 1.80 3.73 -12.83
CA THR A 235 2.53 4.60 -11.97
C THR A 235 1.55 5.19 -10.90
N ASP A 236 0.37 5.64 -11.29
CA ASP A 236 -0.66 6.04 -10.25
C ASP A 236 -1.30 4.87 -9.43
N LEU A 237 -1.62 3.80 -10.14
CA LEU A 237 -2.02 2.56 -9.45
C LEU A 237 -1.06 2.15 -8.32
N THR A 238 0.22 1.96 -8.66
CA THR A 238 1.24 1.63 -7.66
C THR A 238 1.20 2.59 -6.50
N LYS A 239 1.02 3.87 -6.79
CA LYS A 239 1.01 4.84 -5.69
C LYS A 239 -0.21 4.63 -4.76
N VAL A 240 -1.41 4.45 -5.33
CA VAL A 240 -2.60 4.10 -4.57
C VAL A 240 -2.35 2.91 -3.69
N HIS A 241 -2.10 1.77 -4.33
CA HIS A 241 -1.83 0.51 -3.66
C HIS A 241 -0.78 0.68 -2.52
N LYS A 242 0.20 1.56 -2.70
CA LYS A 242 1.26 1.78 -1.70
C LYS A 242 0.58 2.45 -0.55
N GLU A 243 -0.23 3.43 -0.86
CA GLU A 243 -0.87 4.18 0.24
C GLU A 243 -1.74 3.37 1.20
N CYS A 244 -2.54 2.52 0.63
CA CYS A 244 -3.35 1.66 1.42
C CYS A 244 -2.49 0.79 2.35
N CYS A 245 -1.46 0.14 1.79
CA CYS A 245 -0.77 -0.90 2.52
C CYS A 245 -0.09 -0.18 3.68
N HIS A 246 0.16 1.09 3.48
CA HIS A 246 0.83 1.83 4.51
C HIS A 246 -0.20 2.33 5.53
N GLY A 247 -1.49 2.09 5.28
CA GLY A 247 -2.51 2.49 6.21
C GLY A 247 -2.87 3.97 6.06
N ASP A 248 -2.81 4.45 4.81
CA ASP A 248 -3.14 5.83 4.42
C ASP A 248 -4.32 5.79 3.47
N LEU A 249 -5.47 5.43 4.07
CA LEU A 249 -6.70 4.98 3.39
C LEU A 249 -7.46 6.06 2.61
N LEU A 250 -7.69 7.15 3.33
CA LEU A 250 -8.11 8.44 2.79
C LEU A 250 -7.43 8.98 1.48
N GLU A 251 -6.12 9.08 1.53
CA GLU A 251 -5.32 9.33 0.37
C GLU A 251 -5.72 8.30 -0.69
N CYS A 252 -5.55 7.04 -0.26
CA CYS A 252 -5.76 5.92 -1.11
C CYS A 252 -7.02 6.05 -1.89
N ALA A 253 -8.13 6.27 -1.22
CA ALA A 253 -9.41 6.13 -1.90
C ALA A 253 -9.53 7.28 -2.86
N ASP A 254 -8.90 8.39 -2.46
CA ASP A 254 -9.02 9.68 -3.12
C ASP A 254 -8.25 9.56 -4.37
N ASP A 255 -6.96 9.23 -4.28
CA ASP A 255 -6.21 8.96 -5.52
C ASP A 255 -6.84 7.81 -6.38
N ARG A 256 -7.64 6.94 -5.77
CA ARG A 256 -8.14 5.84 -6.61
C ARG A 256 -9.28 6.47 -7.36
N ALA A 257 -9.98 7.40 -6.68
CA ALA A 257 -11.03 8.22 -7.30
C ALA A 257 -10.54 8.93 -8.56
N ASP A 258 -9.57 9.85 -8.36
CA ASP A 258 -8.85 10.51 -9.51
C ASP A 258 -8.41 9.53 -10.65
N LEU A 259 -7.65 8.52 -10.29
CA LEU A 259 -7.22 7.68 -11.35
C LEU A 259 -8.41 7.16 -12.07
N ALA A 260 -9.53 6.91 -11.40
CA ALA A 260 -10.64 6.27 -12.15
C ALA A 260 -11.32 7.23 -13.14
N LYS A 261 -11.44 8.49 -12.69
CA LYS A 261 -11.77 9.64 -13.52
C LYS A 261 -10.88 9.58 -14.73
N TYR A 262 -9.57 9.78 -14.48
CA TYR A 262 -8.50 9.77 -15.49
C TYR A 262 -8.59 8.68 -16.56
N ILE A 263 -8.90 7.47 -16.14
CA ILE A 263 -8.95 6.34 -17.05
C ILE A 263 -10.24 6.45 -17.80
N CYS A 264 -11.29 6.91 -17.12
CA CYS A 264 -12.56 6.97 -17.82
C CYS A 264 -12.43 8.11 -18.83
N ASP A 265 -11.54 9.06 -18.52
CA ASP A 265 -11.32 10.16 -19.48
C ASP A 265 -10.66 9.66 -20.79
N HIS A 266 -9.93 8.56 -20.74
CA HIS A 266 -9.07 8.20 -21.86
C HIS A 266 -9.53 6.86 -22.39
N GLN A 267 -10.82 6.68 -22.44
CA GLN A 267 -11.41 5.44 -22.76
C GLN A 267 -10.92 4.73 -24.04
N ASP A 268 -10.80 5.49 -25.14
CA ASP A 268 -10.61 4.90 -26.49
C ASP A 268 -9.17 4.60 -26.74
N THR A 269 -8.34 5.60 -26.47
CA THR A 269 -6.92 5.31 -26.19
C THR A 269 -6.73 3.95 -25.43
N LEU A 270 -7.66 3.52 -24.57
CA LEU A 270 -7.43 2.25 -23.78
C LEU A 270 -8.23 0.96 -24.19
N SER A 271 -9.55 0.98 -24.03
CA SER A 271 -10.33 -0.23 -24.20
C SER A 271 -11.73 0.16 -24.47
N SER A 272 -12.35 -0.58 -25.41
CA SER A 272 -13.78 -0.37 -25.74
C SER A 272 -14.68 -0.58 -24.52
N LYS A 273 -14.23 -1.42 -23.59
CA LYS A 273 -15.03 -1.90 -22.44
C LYS A 273 -15.37 -0.84 -21.36
N LEU A 274 -14.48 0.13 -21.16
CA LEU A 274 -14.63 1.15 -20.12
C LEU A 274 -15.96 1.84 -20.02
N LYS A 275 -16.65 2.04 -21.15
CA LYS A 275 -17.87 2.88 -21.13
C LYS A 275 -18.97 2.29 -20.30
N GLU A 276 -18.97 0.97 -20.15
CA GLU A 276 -19.92 0.27 -19.27
C GLU A 276 -19.73 0.75 -17.84
N CYS A 277 -18.47 0.81 -17.45
CA CYS A 277 -18.05 1.20 -16.13
C CYS A 277 -18.22 2.72 -15.90
N CYS A 278 -18.29 3.53 -16.97
CA CYS A 278 -17.82 4.89 -16.84
C CYS A 278 -18.81 5.89 -16.28
N ASP A 279 -20.07 5.46 -16.15
CA ASP A 279 -21.17 6.29 -15.63
C ASP A 279 -21.71 5.81 -14.25
N LYS A 280 -21.35 4.59 -13.83
CA LYS A 280 -21.67 4.13 -12.48
C LYS A 280 -20.97 5.05 -11.52
N PRO A 281 -21.53 5.29 -10.35
CA PRO A 281 -20.87 6.09 -9.26
C PRO A 281 -19.48 5.58 -8.79
N VAL A 282 -18.78 6.42 -8.03
CA VAL A 282 -17.32 6.24 -7.79
C VAL A 282 -16.88 4.80 -7.44
N LEU A 283 -17.47 4.23 -6.39
CA LEU A 283 -17.06 2.95 -5.98
C LEU A 283 -17.50 1.84 -7.03
N GLU A 284 -18.76 1.77 -7.48
CA GLU A 284 -19.12 0.80 -8.59
C GLU A 284 -18.29 1.07 -9.88
N LYS A 285 -17.90 2.29 -10.09
CA LYS A 285 -17.06 2.62 -11.22
C LYS A 285 -15.66 2.06 -11.03
N SER A 286 -15.14 2.23 -9.80
CA SER A 286 -13.77 1.86 -9.52
C SER A 286 -13.68 0.34 -9.49
N HIS A 287 -14.70 -0.32 -8.96
CA HIS A 287 -14.66 -1.77 -8.93
C HIS A 287 -14.80 -2.38 -10.38
N CYS A 288 -15.63 -1.75 -11.22
CA CYS A 288 -15.91 -2.31 -12.51
C CYS A 288 -14.62 -2.31 -13.38
N ILE A 289 -13.91 -1.19 -13.32
CA ILE A 289 -12.71 -0.95 -14.07
C ILE A 289 -11.65 -1.94 -13.65
N ALA A 290 -11.58 -2.22 -12.35
CA ALA A 290 -10.52 -3.12 -11.85
C ALA A 290 -10.73 -4.59 -12.17
N GLU A 291 -11.98 -4.99 -12.35
CA GLU A 291 -12.32 -6.37 -12.74
C GLU A 291 -12.86 -6.39 -14.16
N ILE A 292 -12.66 -5.27 -14.85
CA ILE A 292 -13.06 -5.12 -16.20
C ILE A 292 -12.60 -6.28 -17.15
N ASP A 293 -13.37 -6.46 -18.22
CA ASP A 293 -13.11 -7.53 -19.18
C ASP A 293 -11.85 -7.26 -19.99
N LYS A 294 -11.15 -8.34 -20.40
CA LYS A 294 -10.09 -8.25 -21.41
C LYS A 294 -10.64 -7.78 -22.74
N ASP A 295 -10.13 -6.64 -23.20
CA ASP A 295 -10.37 -6.25 -24.58
C ASP A 295 -9.61 -7.17 -25.52
N ALA A 296 -9.92 -7.09 -26.81
CA ALA A 296 -9.23 -7.93 -27.76
C ALA A 296 -8.06 -7.21 -28.41
N VAL A 297 -7.08 -8.02 -28.76
CA VAL A 297 -5.84 -7.54 -29.34
C VAL A 297 -6.09 -6.93 -30.69
N PRO A 298 -5.39 -5.81 -31.02
CA PRO A 298 -5.65 -5.34 -32.37
C PRO A 298 -5.11 -6.31 -33.44
N GLU A 299 -5.72 -6.25 -34.62
CA GLU A 299 -5.63 -7.30 -35.63
C GLU A 299 -4.26 -7.53 -36.20
N ASN A 300 -3.66 -6.46 -36.74
CA ASN A 300 -2.41 -6.62 -37.47
C ASN A 300 -1.13 -6.19 -36.73
N LEU A 301 -0.84 -6.81 -35.59
CA LEU A 301 0.40 -6.51 -34.85
C LEU A 301 1.51 -7.39 -35.42
N PRO A 302 2.76 -6.90 -35.40
CA PRO A 302 3.81 -7.61 -36.05
C PRO A 302 4.34 -8.71 -35.13
N PRO A 303 5.05 -9.69 -35.69
CA PRO A 303 5.39 -10.81 -34.84
C PRO A 303 6.48 -10.34 -33.91
N LEU A 304 6.30 -10.68 -32.64
CA LEU A 304 7.28 -10.37 -31.59
C LEU A 304 8.72 -10.56 -32.08
N THR A 305 8.93 -11.55 -32.95
CA THR A 305 10.28 -11.97 -33.43
C THR A 305 11.11 -10.88 -34.06
N ALA A 306 10.48 -9.91 -34.74
CA ALA A 306 11.22 -8.83 -35.42
C ALA A 306 12.09 -8.12 -34.40
N ASP A 307 11.41 -7.53 -33.42
CA ASP A 307 12.02 -6.48 -32.64
C ASP A 307 12.78 -6.97 -31.44
N PHE A 308 12.59 -8.23 -31.11
CA PHE A 308 13.15 -8.81 -29.94
C PHE A 308 13.98 -10.04 -30.33
N ALA A 309 13.91 -10.51 -31.58
CA ALA A 309 14.63 -11.74 -32.00
C ALA A 309 15.34 -11.64 -33.34
N GLU A 310 14.89 -10.81 -34.27
CA GLU A 310 15.73 -10.70 -35.48
C GLU A 310 16.38 -9.39 -35.66
N ASP A 311 15.87 -8.33 -35.05
CA ASP A 311 16.59 -7.09 -35.17
C ASP A 311 18.05 -7.44 -34.84
N LYS A 312 19.01 -6.68 -35.35
CA LYS A 312 20.40 -6.92 -34.95
C LYS A 312 20.86 -5.88 -33.92
N GLU A 313 19.94 -5.00 -33.54
CA GLU A 313 20.17 -3.97 -32.52
C GLU A 313 19.58 -4.37 -31.16
N VAL A 314 19.37 -5.66 -30.96
CA VAL A 314 18.64 -6.13 -29.84
C VAL A 314 19.50 -6.01 -28.60
N CYS A 315 20.80 -6.33 -28.74
CA CYS A 315 21.77 -6.28 -27.62
C CYS A 315 22.13 -4.85 -27.25
N LYS A 316 22.18 -4.03 -28.28
CA LYS A 316 22.59 -2.66 -28.11
C LYS A 316 21.47 -1.98 -27.29
N ASN A 317 20.26 -2.05 -27.83
CA ASN A 317 19.03 -1.65 -27.12
C ASN A 317 18.98 -2.18 -25.73
N TYR A 318 19.30 -3.45 -25.59
CA TYR A 318 19.23 -4.12 -24.34
C TYR A 318 20.37 -3.70 -23.46
N GLN A 319 21.48 -3.23 -24.00
CA GLN A 319 22.45 -2.71 -23.01
C GLN A 319 22.36 -1.23 -22.69
N GLU A 320 21.70 -0.46 -23.54
CA GLU A 320 21.60 0.95 -23.27
C GLU A 320 20.49 1.09 -22.20
N ALA A 321 19.40 0.34 -22.36
CA ALA A 321 18.23 0.64 -21.57
C ALA A 321 17.49 -0.62 -21.17
N LYS A 322 18.10 -1.38 -20.26
CA LYS A 322 17.73 -2.78 -19.98
C LYS A 322 16.28 -2.79 -19.53
N ASP A 323 16.00 -1.98 -18.51
CA ASP A 323 14.70 -2.07 -17.88
C ASP A 323 13.61 -1.66 -18.79
N VAL A 324 13.93 -0.68 -19.64
CA VAL A 324 13.02 -0.13 -20.59
C VAL A 324 12.76 -1.18 -21.59
N PHE A 325 13.83 -1.65 -22.27
CA PHE A 325 13.70 -2.76 -23.29
C PHE A 325 12.91 -3.92 -22.74
N LEU A 326 13.24 -4.38 -21.53
CA LEU A 326 12.48 -5.50 -20.91
C LEU A 326 11.11 -5.11 -20.38
N GLY A 327 10.93 -3.82 -20.06
CA GLY A 327 9.59 -3.33 -19.75
C GLY A 327 8.75 -3.34 -21.01
N SER A 328 9.42 -3.22 -22.14
CA SER A 328 8.69 -2.98 -23.34
C SER A 328 8.38 -4.38 -23.90
N PHE A 329 9.29 -5.31 -23.63
CA PHE A 329 9.06 -6.67 -24.06
C PHE A 329 7.89 -7.13 -23.24
N LEU A 330 7.87 -6.82 -21.92
CA LEU A 330 6.79 -7.37 -21.08
C LEU A 330 5.41 -6.88 -21.50
N TYR A 331 5.21 -5.55 -21.64
CA TYR A 331 4.06 -5.00 -22.35
C TYR A 331 3.78 -5.63 -23.69
N GLU A 332 4.78 -5.69 -24.57
CA GLU A 332 4.60 -6.33 -25.88
C GLU A 332 4.12 -7.79 -25.84
N TYR A 333 4.85 -8.69 -25.22
CA TYR A 333 4.35 -10.05 -24.95
C TYR A 333 2.99 -10.18 -24.27
N SER A 334 2.58 -9.12 -23.56
CA SER A 334 1.48 -9.29 -22.66
C SER A 334 0.21 -8.92 -23.34
N ARG A 335 0.21 -7.71 -23.90
CA ARG A 335 -0.96 -7.32 -24.62
C ARG A 335 -1.32 -8.42 -25.74
N ARG A 336 -0.43 -9.38 -25.97
CA ARG A 336 -0.67 -10.33 -27.06
C ARG A 336 -1.24 -11.66 -26.61
N HIS A 337 -0.95 -12.09 -25.37
CA HIS A 337 -1.46 -13.40 -24.90
C HIS A 337 -2.35 -13.37 -23.64
N PRO A 338 -3.61 -12.89 -23.80
CA PRO A 338 -4.54 -12.73 -22.71
C PRO A 338 -4.77 -14.07 -22.07
N GLU A 339 -4.25 -15.14 -22.69
CA GLU A 339 -4.54 -16.51 -22.25
C GLU A 339 -3.55 -17.11 -21.26
N TYR A 340 -2.56 -16.29 -20.87
CA TYR A 340 -1.43 -16.70 -20.06
C TYR A 340 -1.54 -16.09 -18.67
N ALA A 341 -1.18 -16.87 -17.64
CA ALA A 341 -1.06 -16.38 -16.26
C ALA A 341 0.01 -15.29 -16.08
N VAL A 342 -0.42 -14.18 -15.47
CA VAL A 342 0.46 -13.02 -15.29
C VAL A 342 1.83 -13.51 -14.83
N SER A 343 1.88 -14.36 -13.80
CA SER A 343 3.12 -14.97 -13.31
C SER A 343 3.91 -15.72 -14.36
N VAL A 344 3.20 -16.25 -15.35
CA VAL A 344 3.88 -17.02 -16.36
C VAL A 344 4.64 -16.07 -17.26
N LEU A 345 3.96 -15.01 -17.70
CA LEU A 345 4.57 -13.98 -18.50
C LEU A 345 5.88 -13.46 -17.84
N LEU A 346 5.77 -12.85 -16.66
CA LEU A 346 6.97 -12.53 -15.92
C LEU A 346 8.01 -13.66 -16.03
N ARG A 347 7.61 -14.92 -15.84
CA ARG A 347 8.65 -15.98 -15.85
C ARG A 347 9.26 -16.15 -17.24
N LEU A 348 8.51 -15.67 -18.24
CA LEU A 348 8.92 -15.66 -19.66
C LEU A 348 9.86 -14.46 -19.85
N ALA A 349 9.38 -13.29 -19.44
CA ALA A 349 10.22 -12.11 -19.32
C ALA A 349 11.59 -12.44 -18.71
N LYS A 350 11.62 -13.12 -17.56
CA LYS A 350 12.90 -13.47 -16.90
C LYS A 350 13.82 -14.35 -17.72
N GLU A 351 13.22 -15.28 -18.46
CA GLU A 351 13.99 -16.22 -19.26
C GLU A 351 14.53 -15.46 -20.47
N TYR A 352 13.64 -14.72 -21.11
CA TYR A 352 14.12 -13.84 -22.16
C TYR A 352 15.31 -13.06 -21.67
N GLU A 353 15.18 -12.48 -20.50
CA GLU A 353 16.26 -11.68 -20.01
C GLU A 353 17.51 -12.51 -19.90
N ALA A 354 17.45 -13.68 -19.25
CA ALA A 354 18.68 -14.46 -18.90
C ALA A 354 19.39 -14.97 -20.11
N THR A 355 18.60 -15.26 -21.16
CA THR A 355 19.04 -15.52 -22.55
C THR A 355 19.83 -14.36 -23.11
N LEU A 356 19.24 -13.14 -23.11
CA LEU A 356 19.96 -12.05 -23.77
C LEU A 356 21.24 -11.87 -23.01
N GLU A 357 21.15 -12.11 -21.71
CA GLU A 357 22.31 -11.94 -20.81
C GLU A 357 23.42 -12.90 -21.17
N ASP A 358 23.07 -13.93 -21.92
CA ASP A 358 23.97 -15.01 -22.29
C ASP A 358 24.35 -14.89 -23.77
N CYS A 359 23.35 -14.68 -24.62
CA CYS A 359 23.71 -14.43 -26.01
C CYS A 359 24.52 -13.16 -26.25
N CYS A 360 24.02 -12.03 -25.72
CA CYS A 360 24.68 -10.77 -26.02
C CYS A 360 26.16 -10.75 -25.71
N ALA A 361 26.71 -11.83 -25.16
CA ALA A 361 28.15 -11.97 -24.97
C ALA A 361 28.84 -13.00 -25.94
N LYS A 362 28.15 -13.45 -27.00
CA LYS A 362 28.69 -14.43 -27.87
C LYS A 362 29.41 -13.66 -28.97
N GLU A 363 30.03 -14.40 -29.87
CA GLU A 363 30.50 -13.74 -31.05
C GLU A 363 29.30 -13.32 -31.88
N ASP A 364 28.37 -14.24 -32.10
CA ASP A 364 27.19 -13.98 -32.90
C ASP A 364 25.97 -14.08 -31.98
N PRO A 365 25.61 -12.97 -31.30
CA PRO A 365 24.32 -12.98 -30.55
C PRO A 365 23.14 -13.34 -31.43
N HIS A 366 22.94 -12.66 -32.55
CA HIS A 366 21.75 -12.93 -33.38
C HIS A 366 21.56 -14.44 -33.64
N ALA A 367 22.67 -15.14 -33.81
CA ALA A 367 22.62 -16.56 -33.89
C ALA A 367 22.01 -17.06 -32.63
N CYS A 368 22.73 -16.87 -31.53
CA CYS A 368 22.43 -17.46 -30.22
C CYS A 368 21.03 -17.21 -29.74
N TYR A 369 20.36 -16.20 -30.27
CA TYR A 369 19.11 -15.75 -29.63
C TYR A 369 17.91 -15.70 -30.57
N ALA A 370 18.04 -16.17 -31.81
CA ALA A 370 16.93 -15.94 -32.73
C ALA A 370 15.86 -16.95 -32.53
N THR A 371 16.15 -18.00 -31.75
CA THR A 371 15.19 -19.07 -31.38
C THR A 371 14.59 -18.91 -29.99
N VAL A 372 14.40 -17.66 -29.62
CA VAL A 372 14.04 -17.40 -28.24
C VAL A 372 12.58 -17.77 -28.04
N PHE A 373 11.74 -17.34 -28.98
CA PHE A 373 10.32 -17.32 -28.75
C PHE A 373 9.80 -18.75 -28.78
N ASP A 374 10.57 -19.59 -29.47
CA ASP A 374 10.31 -20.99 -29.50
C ASP A 374 10.62 -21.50 -28.10
N LYS A 375 11.87 -21.35 -27.67
CA LYS A 375 12.27 -21.67 -26.28
C LYS A 375 11.24 -21.24 -25.26
N LEU A 376 10.62 -20.09 -25.49
CA LEU A 376 9.59 -19.56 -24.56
C LEU A 376 8.19 -20.24 -24.65
N LYS A 377 7.77 -20.53 -25.88
CA LYS A 377 6.56 -21.35 -26.12
C LYS A 377 6.58 -22.69 -25.39
N HIS A 378 7.76 -23.25 -25.16
CA HIS A 378 7.81 -24.52 -24.43
C HIS A 378 7.84 -24.39 -22.93
N LEU A 379 8.21 -23.20 -22.44
CA LEU A 379 8.18 -22.97 -20.99
C LEU A 379 6.76 -23.05 -20.41
N VAL A 380 5.78 -22.58 -21.18
CA VAL A 380 4.37 -22.73 -20.82
C VAL A 380 3.83 -24.18 -20.69
N ASP A 381 4.27 -25.09 -21.54
CA ASP A 381 3.64 -26.43 -21.54
C ASP A 381 3.86 -27.40 -20.32
N GLU A 382 4.94 -27.21 -19.58
CA GLU A 382 5.06 -27.99 -18.33
C GLU A 382 4.09 -27.54 -17.20
N PRO A 383 4.02 -26.24 -16.84
CA PRO A 383 2.99 -25.87 -15.82
C PRO A 383 1.58 -26.31 -16.22
N GLN A 384 1.24 -26.19 -17.51
CA GLN A 384 0.02 -26.79 -18.07
C GLN A 384 -0.09 -28.25 -17.74
N ASN A 385 1.04 -28.93 -17.64
CA ASN A 385 1.02 -30.35 -17.37
C ASN A 385 0.43 -30.54 -15.99
N LEU A 386 1.01 -29.85 -15.00
CA LEU A 386 0.60 -29.99 -13.63
C LEU A 386 -0.88 -29.70 -13.53
N ILE A 387 -1.31 -28.59 -14.15
CA ILE A 387 -2.67 -28.15 -14.00
C ILE A 387 -3.59 -29.29 -14.34
N LYS A 388 -3.45 -29.78 -15.55
CA LYS A 388 -4.36 -30.77 -16.05
C LYS A 388 -4.34 -31.99 -15.15
N LYS A 389 -3.15 -32.49 -14.78
CA LYS A 389 -3.04 -33.63 -13.82
C LYS A 389 -3.81 -33.35 -12.50
N ASN A 390 -3.58 -32.17 -11.89
CA ASN A 390 -4.28 -31.76 -10.67
C ASN A 390 -5.80 -31.72 -10.86
N CYS A 391 -6.29 -31.27 -12.03
CA CYS A 391 -7.75 -31.30 -12.31
C CYS A 391 -8.35 -32.64 -12.47
N GLU A 392 -7.62 -33.57 -13.09
CA GLU A 392 -8.14 -34.94 -13.20
C GLU A 392 -8.28 -35.50 -11.81
N LEU A 393 -7.19 -35.48 -11.06
CA LEU A 393 -7.28 -35.84 -9.68
C LEU A 393 -8.60 -35.27 -9.08
N PHE A 394 -8.81 -33.94 -9.13
CA PHE A 394 -10.12 -33.33 -8.75
C PHE A 394 -11.39 -33.89 -9.46
N GLU A 395 -11.31 -34.26 -10.72
CA GLU A 395 -12.45 -34.91 -11.41
C GLU A 395 -12.85 -36.24 -10.83
N LYS A 396 -11.90 -37.15 -10.66
CA LYS A 396 -12.13 -38.48 -10.10
C LYS A 396 -12.50 -38.49 -8.62
N HIS A 397 -12.14 -37.44 -7.88
CA HIS A 397 -12.35 -37.40 -6.42
C HIS A 397 -13.34 -36.36 -5.94
N GLY A 398 -13.49 -35.29 -6.67
CA GLY A 398 -14.40 -34.23 -6.24
C GLY A 398 -13.77 -33.38 -5.15
N GLU A 399 -14.36 -32.25 -4.82
CA GLU A 399 -13.57 -31.31 -4.05
C GLU A 399 -13.01 -31.86 -2.74
N TYR A 400 -13.90 -32.38 -1.88
CA TYR A 400 -13.50 -32.88 -0.57
C TYR A 400 -12.38 -33.99 -0.69
N GLY A 401 -12.67 -35.05 -1.43
CA GLY A 401 -11.58 -35.91 -1.94
C GLY A 401 -10.27 -35.25 -2.40
N PHE A 402 -10.38 -34.15 -3.14
CA PHE A 402 -9.23 -33.54 -3.73
C PHE A 402 -8.51 -32.79 -2.69
N GLN A 403 -9.28 -32.19 -1.77
CA GLN A 403 -8.66 -31.50 -0.68
C GLN A 403 -7.86 -32.48 0.14
N ASN A 404 -8.32 -33.72 0.28
CA ASN A 404 -7.64 -34.68 1.14
C ASN A 404 -6.34 -35.18 0.55
N ALA A 405 -6.30 -35.25 -0.75
CA ALA A 405 -5.06 -35.44 -1.48
C ALA A 405 -4.08 -34.27 -1.30
N LEU A 406 -4.60 -33.08 -1.18
CA LEU A 406 -3.69 -32.01 -1.08
C LEU A 406 -3.18 -31.95 0.35
N ILE A 407 -4.05 -32.28 1.31
CA ILE A 407 -3.63 -32.45 2.70
C ILE A 407 -2.40 -33.37 2.77
N VAL A 408 -2.52 -34.54 2.16
CA VAL A 408 -1.54 -35.57 2.24
C VAL A 408 -0.19 -35.11 1.74
N ARG A 409 -0.23 -34.57 0.53
CA ARG A 409 0.94 -34.15 -0.18
C ARG A 409 1.67 -33.12 0.60
N TYR A 410 1.03 -31.98 0.75
CA TYR A 410 1.56 -30.83 1.46
C TYR A 410 1.86 -31.13 2.93
N THR A 411 1.19 -32.10 3.53
CA THR A 411 1.52 -32.39 4.90
C THR A 411 2.94 -32.92 4.89
N ARG A 412 3.15 -33.94 4.05
CA ARG A 412 4.46 -34.49 3.79
C ARG A 412 5.49 -33.41 3.45
N LYS A 413 5.23 -32.51 2.50
CA LYS A 413 6.25 -31.51 2.17
C LYS A 413 6.78 -30.81 3.38
N ALA A 414 5.89 -30.33 4.27
CA ALA A 414 6.21 -29.38 5.35
C ALA A 414 5.59 -29.65 6.69
N PRO A 415 5.85 -30.83 7.26
CA PRO A 415 5.06 -31.31 8.38
C PRO A 415 5.20 -30.52 9.67
N GLN A 416 6.16 -29.57 9.68
CA GLN A 416 6.40 -28.70 10.82
C GLN A 416 5.47 -27.50 10.82
N VAL A 417 4.91 -27.19 9.66
CA VAL A 417 3.83 -26.23 9.54
C VAL A 417 2.63 -26.65 10.42
N SER A 418 1.96 -25.68 11.01
CA SER A 418 0.84 -25.98 11.89
C SER A 418 -0.41 -26.56 11.20
N THR A 419 -1.09 -27.43 11.93
CA THR A 419 -2.30 -28.10 11.43
C THR A 419 -3.41 -27.18 10.89
N PRO A 420 -3.72 -26.07 11.58
CA PRO A 420 -4.68 -25.08 11.02
C PRO A 420 -4.28 -24.59 9.65
N THR A 421 -3.01 -24.16 9.53
CA THR A 421 -2.44 -23.73 8.29
C THR A 421 -2.49 -24.85 7.22
N LEU A 422 -1.95 -26.02 7.49
CA LEU A 422 -1.99 -27.05 6.44
C LEU A 422 -3.41 -27.27 5.99
N VAL A 423 -4.37 -27.17 6.93
CA VAL A 423 -5.78 -27.37 6.62
C VAL A 423 -6.36 -26.23 5.82
N GLU A 424 -6.16 -24.97 6.25
CA GLU A 424 -6.78 -23.86 5.49
C GLU A 424 -6.20 -23.87 4.10
N ILE A 425 -4.88 -23.66 4.06
CA ILE A 425 -4.12 -23.79 2.80
C ILE A 425 -4.58 -25.02 1.99
N SER A 426 -4.62 -26.23 2.56
CA SER A 426 -5.06 -27.35 1.72
C SER A 426 -6.52 -27.27 1.32
N ARG A 427 -7.35 -26.61 2.10
CA ARG A 427 -8.74 -26.67 1.74
C ARG A 427 -8.94 -25.68 0.63
N SER A 428 -8.12 -24.65 0.60
CA SER A 428 -8.27 -23.66 -0.49
C SER A 428 -7.67 -24.13 -1.77
N LEU A 429 -6.57 -24.81 -1.70
CA LEU A 429 -6.03 -25.43 -2.92
C LEU A 429 -7.06 -26.40 -3.55
N GLY A 430 -7.92 -26.96 -2.70
CA GLY A 430 -9.03 -27.80 -3.15
C GLY A 430 -10.00 -26.99 -3.95
N LYS A 431 -10.33 -25.78 -3.48
CA LYS A 431 -11.34 -24.97 -4.13
C LYS A 431 -10.97 -24.51 -5.56
N VAL A 432 -9.68 -24.54 -5.85
CA VAL A 432 -9.20 -24.00 -7.09
C VAL A 432 -9.65 -24.95 -8.17
N GLY A 433 -9.52 -26.26 -7.89
CA GLY A 433 -10.24 -27.30 -8.61
C GLY A 433 -11.69 -26.94 -9.03
N THR A 434 -12.47 -26.33 -8.12
CA THR A 434 -13.89 -26.05 -8.38
C THR A 434 -13.98 -24.81 -9.27
N LYS A 435 -13.19 -23.81 -8.90
CA LYS A 435 -13.18 -22.50 -9.56
C LYS A 435 -12.63 -22.58 -10.96
N CYS A 436 -11.64 -23.44 -11.18
CA CYS A 436 -10.96 -23.34 -12.47
C CYS A 436 -11.17 -24.50 -13.45
N CYS A 437 -11.11 -25.74 -12.95
CA CYS A 437 -11.02 -26.93 -13.80
C CYS A 437 -12.03 -27.01 -14.93
N ALA A 438 -13.06 -26.18 -14.90
CA ALA A 438 -14.17 -26.36 -15.79
C ALA A 438 -14.23 -25.33 -16.91
N LYS A 439 -13.48 -24.25 -16.78
CA LYS A 439 -13.63 -23.18 -17.77
C LYS A 439 -12.87 -23.57 -19.04
N PRO A 440 -13.13 -22.89 -20.18
CA PRO A 440 -12.33 -23.17 -21.38
C PRO A 440 -10.85 -22.90 -21.12
N GLU A 441 -9.94 -23.73 -21.62
CA GLU A 441 -8.54 -23.47 -21.27
C GLU A 441 -8.07 -22.04 -21.38
N SER A 442 -8.55 -21.26 -22.38
CA SER A 442 -8.20 -19.81 -22.48
C SER A 442 -8.45 -18.93 -21.24
N GLU A 443 -9.12 -19.48 -20.22
CA GLU A 443 -9.19 -18.85 -18.88
C GLU A 443 -8.47 -19.75 -17.80
N ARG A 444 -8.46 -21.06 -18.02
CA ARG A 444 -8.01 -22.06 -17.05
C ARG A 444 -6.68 -21.75 -16.38
N MET A 445 -5.62 -21.53 -17.18
CA MET A 445 -4.27 -21.43 -16.61
C MET A 445 -4.11 -20.15 -15.85
N PRO A 446 -4.51 -19.03 -16.45
CA PRO A 446 -4.50 -17.82 -15.62
C PRO A 446 -5.24 -18.08 -14.29
N CYS A 447 -6.42 -18.67 -14.39
CA CYS A 447 -7.27 -18.93 -13.20
C CYS A 447 -6.49 -19.62 -12.12
N THR A 448 -5.94 -20.78 -12.50
CA THR A 448 -5.32 -21.66 -11.56
C THR A 448 -4.12 -21.02 -10.95
N GLU A 449 -3.38 -20.30 -11.76
CA GLU A 449 -2.17 -19.67 -11.28
C GLU A 449 -2.51 -18.39 -10.51
N ASP A 450 -3.60 -17.72 -10.86
CA ASP A 450 -4.09 -16.58 -10.05
C ASP A 450 -4.33 -17.07 -8.65
N TYR A 451 -5.14 -18.14 -8.55
CA TYR A 451 -5.50 -18.60 -7.21
C TYR A 451 -4.31 -19.10 -6.46
N LEU A 452 -3.43 -19.82 -7.16
CA LEU A 452 -2.21 -20.33 -6.55
C LEU A 452 -1.38 -19.29 -5.84
N SER A 453 -1.08 -18.19 -6.53
CA SER A 453 -0.31 -17.10 -6.02
C SER A 453 -0.86 -16.42 -4.72
N LEU A 454 -2.18 -16.36 -4.62
CA LEU A 454 -2.81 -15.80 -3.50
C LEU A 454 -2.77 -16.79 -2.32
N ILE A 455 -2.83 -18.06 -2.60
CA ILE A 455 -2.92 -19.05 -1.50
C ILE A 455 -1.52 -19.32 -0.99
N LEU A 456 -0.53 -19.17 -1.87
CA LEU A 456 0.87 -19.41 -1.48
C LEU A 456 1.35 -18.24 -0.72
N ASN A 457 0.98 -17.07 -1.19
CA ASN A 457 1.27 -15.91 -0.44
C ASN A 457 0.59 -15.89 0.90
N ARG A 458 -0.61 -16.47 1.00
CA ARG A 458 -1.27 -16.66 2.34
C ARG A 458 -0.35 -17.44 3.27
N LEU A 459 -0.02 -18.67 2.84
CA LEU A 459 0.95 -19.52 3.53
C LEU A 459 2.19 -18.76 3.90
N CYS A 460 2.80 -18.12 2.93
CA CYS A 460 4.00 -17.40 3.27
C CYS A 460 3.76 -16.36 4.36
N VAL A 461 2.57 -15.81 4.49
CA VAL A 461 2.43 -14.72 5.43
C VAL A 461 2.22 -15.31 6.81
N LEU A 462 1.71 -16.53 6.89
CA LEU A 462 1.47 -17.07 8.19
C LEU A 462 2.83 -17.58 8.81
N HIS A 463 3.53 -18.33 7.97
CA HIS A 463 4.87 -18.83 8.21
C HIS A 463 5.92 -17.82 8.68
N GLU A 464 5.98 -16.64 8.09
CA GLU A 464 6.98 -15.68 8.50
C GLU A 464 6.64 -15.12 9.86
N LYS A 465 5.38 -15.21 10.25
CA LYS A 465 4.97 -14.81 11.60
C LYS A 465 5.60 -15.71 12.71
N THR A 466 5.60 -17.02 12.49
CA THR A 466 6.25 -17.99 13.38
C THR A 466 6.88 -19.10 12.52
N PRO A 467 8.12 -18.89 12.04
CA PRO A 467 8.60 -19.86 11.02
C PRO A 467 9.13 -21.13 11.59
N VAL A 468 8.85 -22.23 10.89
CA VAL A 468 9.23 -23.58 11.35
C VAL A 468 9.73 -24.48 10.22
N SER A 469 9.80 -23.95 8.99
CA SER A 469 10.43 -24.71 7.92
C SER A 469 11.37 -23.86 7.07
N GLU A 470 12.63 -24.20 7.13
CA GLU A 470 13.59 -23.56 6.26
C GLU A 470 13.15 -23.64 4.77
N LYS A 471 12.87 -24.85 4.29
CA LYS A 471 12.41 -25.00 2.92
C LYS A 471 11.29 -23.97 2.60
N VAL A 472 10.27 -23.91 3.44
CA VAL A 472 9.19 -22.92 3.35
C VAL A 472 9.74 -21.51 3.26
N THR A 473 10.52 -21.07 4.26
CA THR A 473 11.05 -19.69 4.26
C THR A 473 11.79 -19.38 2.95
N LYS A 474 12.40 -20.40 2.30
CA LYS A 474 13.15 -20.14 1.07
C LYS A 474 12.27 -19.75 -0.06
N CYS A 475 11.30 -20.60 -0.34
CA CYS A 475 10.35 -20.37 -1.42
C CYS A 475 9.68 -19.09 -1.14
N CYS A 476 9.14 -18.88 0.07
CA CYS A 476 8.54 -17.59 0.37
C CYS A 476 9.48 -16.46 -0.02
N THR A 477 10.75 -16.56 0.34
CA THR A 477 11.74 -15.46 0.24
C THR A 477 12.58 -15.24 -1.04
N GLU A 478 12.53 -16.15 -2.00
CA GLU A 478 12.99 -15.82 -3.37
C GLU A 478 11.90 -15.28 -4.32
N SER A 479 12.34 -14.97 -5.54
CA SER A 479 11.53 -14.26 -6.49
C SER A 479 10.15 -14.82 -6.42
N LEU A 480 9.17 -13.96 -6.10
CA LEU A 480 7.76 -14.22 -6.34
C LEU A 480 7.57 -15.02 -7.60
N VAL A 481 8.20 -14.53 -8.65
CA VAL A 481 8.02 -15.14 -9.94
C VAL A 481 8.36 -16.64 -9.96
N ASN A 482 9.18 -17.08 -9.01
CA ASN A 482 9.54 -18.50 -8.86
C ASN A 482 8.83 -19.29 -7.76
N ARG A 483 7.79 -18.69 -7.21
CA ARG A 483 7.21 -19.18 -6.00
C ARG A 483 6.48 -20.55 -6.15
N ARG A 484 5.66 -20.73 -7.17
CA ARG A 484 4.87 -21.94 -7.26
C ARG A 484 5.80 -23.08 -7.58
N PRO A 485 6.70 -22.89 -8.58
CA PRO A 485 7.82 -23.76 -8.89
C PRO A 485 8.38 -24.36 -7.64
N CYS A 486 8.99 -23.49 -6.84
CA CYS A 486 9.72 -23.85 -5.63
C CYS A 486 8.85 -24.76 -4.76
N PHE A 487 7.63 -24.28 -4.44
CA PHE A 487 6.62 -25.06 -3.66
C PHE A 487 6.20 -26.38 -4.32
N SER A 488 6.05 -26.41 -5.64
CA SER A 488 5.73 -27.66 -6.40
C SER A 488 6.88 -28.62 -6.34
N ASP A 489 8.11 -28.12 -6.30
CA ASP A 489 9.32 -28.94 -6.23
C ASP A 489 9.62 -29.49 -4.85
N LEU A 490 8.94 -29.01 -3.83
CA LEU A 490 9.25 -29.53 -2.52
C LEU A 490 8.86 -30.97 -2.42
N THR A 491 9.65 -31.72 -1.67
CA THR A 491 9.42 -33.15 -1.45
C THR A 491 9.37 -33.32 0.03
N LEU A 492 8.95 -34.51 0.43
CA LEU A 492 8.90 -34.89 1.82
C LEU A 492 10.21 -34.51 2.50
N ASP A 493 10.07 -34.04 3.73
CA ASP A 493 11.19 -33.63 4.54
C ASP A 493 11.74 -34.92 5.10
N GLU A 494 12.54 -35.62 4.30
CA GLU A 494 13.17 -36.88 4.72
C GLU A 494 13.90 -36.71 6.07
N THR A 495 14.21 -35.45 6.38
CA THR A 495 14.67 -34.94 7.69
C THR A 495 13.63 -34.80 8.87
N TYR A 496 12.36 -34.48 8.59
CA TYR A 496 11.39 -34.24 9.66
C TYR A 496 11.19 -35.44 10.61
N VAL A 497 11.29 -35.22 11.92
CA VAL A 497 11.04 -36.31 12.86
C VAL A 497 9.51 -36.53 13.12
N PRO A 498 9.11 -37.84 13.27
CA PRO A 498 7.71 -38.07 13.59
C PRO A 498 7.51 -37.74 15.04
N LYS A 499 7.77 -36.48 15.40
CA LYS A 499 7.57 -36.04 16.80
C LYS A 499 6.18 -36.52 17.23
N PRO A 500 6.09 -37.18 18.42
CA PRO A 500 4.98 -38.08 18.60
C PRO A 500 3.63 -37.37 18.64
N PHE A 501 3.56 -36.18 19.25
CA PHE A 501 2.27 -35.47 19.39
C PHE A 501 1.33 -36.34 20.26
N ASP A 502 1.98 -37.11 21.15
CA ASP A 502 1.36 -38.23 21.92
C ASP A 502 1.12 -37.86 23.37
N GLY A 503 0.17 -38.57 23.96
CA GLY A 503 -0.44 -38.16 25.22
C GLY A 503 -1.53 -37.18 24.82
N GLU A 504 -1.15 -36.02 24.24
CA GLU A 504 -2.16 -35.21 23.51
C GLU A 504 -2.67 -35.97 22.26
N SER A 505 -3.93 -36.43 22.38
CA SER A 505 -4.54 -37.23 21.34
C SER A 505 -5.77 -36.56 20.77
N PHE A 506 -6.10 -37.01 19.56
CA PHE A 506 -7.04 -36.33 18.75
C PHE A 506 -8.19 -37.29 18.67
N THR A 507 -9.30 -36.89 19.26
CA THR A 507 -10.45 -37.76 19.36
C THR A 507 -11.70 -36.94 19.26
N PHE A 508 -12.72 -37.57 18.71
CA PHE A 508 -13.94 -36.89 18.37
C PHE A 508 -14.99 -36.83 19.48
N HIS A 509 -16.00 -36.04 19.21
CA HIS A 509 -17.07 -35.91 20.14
C HIS A 509 -18.29 -35.75 19.28
N ALA A 510 -19.47 -35.63 19.86
CA ALA A 510 -20.73 -35.66 19.11
C ALA A 510 -21.13 -34.32 18.40
N ASP A 511 -20.39 -33.25 18.68
CA ASP A 511 -20.55 -31.96 17.97
C ASP A 511 -20.45 -32.14 16.47
N ILE A 512 -19.66 -33.13 16.05
CA ILE A 512 -19.51 -33.34 14.63
C ILE A 512 -20.87 -33.73 14.00
N CYS A 513 -21.76 -34.29 14.79
CA CYS A 513 -23.08 -34.69 14.25
C CYS A 513 -23.91 -33.50 13.70
N THR A 514 -23.81 -32.39 14.44
CA THR A 514 -24.63 -31.20 14.34
C THR A 514 -24.04 -30.15 13.42
N LEU A 515 -22.71 -30.13 13.27
CA LEU A 515 -21.94 -29.02 12.66
C LEU A 515 -22.32 -28.92 11.22
N PRO A 516 -22.24 -27.71 10.61
CA PRO A 516 -22.52 -27.57 9.12
C PRO A 516 -21.49 -28.39 8.34
N ASP A 517 -21.83 -28.84 7.12
CA ASP A 517 -20.96 -29.84 6.45
C ASP A 517 -19.46 -29.46 6.42
N THR A 518 -19.12 -28.18 6.27
CA THR A 518 -17.70 -27.81 6.22
C THR A 518 -16.94 -28.03 7.51
N GLU A 519 -17.54 -27.68 8.65
CA GLU A 519 -16.89 -27.97 9.95
C GLU A 519 -16.58 -29.47 10.22
N LYS A 520 -17.47 -30.33 9.82
CA LYS A 520 -17.23 -31.77 9.93
C LYS A 520 -15.90 -32.05 9.18
N GLN A 521 -15.85 -31.58 7.93
CA GLN A 521 -14.64 -31.62 7.09
C GLN A 521 -13.38 -31.12 7.77
N ILE A 522 -13.38 -29.88 8.22
CA ILE A 522 -12.30 -29.37 9.00
C ILE A 522 -11.93 -30.31 10.13
N LYS A 523 -12.95 -30.86 10.78
CA LYS A 523 -12.69 -31.68 11.94
C LYS A 523 -11.93 -32.87 11.45
N LYS A 524 -12.52 -33.62 10.49
CA LYS A 524 -11.86 -34.82 9.83
C LYS A 524 -10.48 -34.52 9.24
N GLN A 525 -10.33 -33.34 8.65
CA GLN A 525 -9.09 -33.10 7.95
C GLN A 525 -7.99 -32.90 8.93
N THR A 526 -8.35 -32.37 10.07
CA THR A 526 -7.36 -32.10 11.15
C THR A 526 -6.90 -33.44 11.73
N ALA A 527 -7.64 -34.48 11.40
CA ALA A 527 -7.29 -35.77 11.93
C ALA A 527 -6.33 -36.26 10.88
N LEU A 528 -6.68 -36.07 9.61
CA LEU A 528 -5.84 -36.51 8.55
C LEU A 528 -4.44 -35.97 8.74
N VAL A 529 -4.34 -34.69 8.96
CA VAL A 529 -3.07 -34.07 9.16
C VAL A 529 -2.33 -34.62 10.35
N GLU A 530 -2.92 -34.52 11.53
CA GLU A 530 -2.25 -35.01 12.70
C GLU A 530 -1.90 -36.52 12.53
N LEU A 531 -2.66 -37.24 11.67
CA LEU A 531 -2.42 -38.62 11.38
C LEU A 531 -1.07 -38.72 10.72
N LEU A 532 -0.88 -37.88 9.69
CA LEU A 532 0.35 -37.89 8.94
C LEU A 532 1.52 -37.33 9.74
N LYS A 533 1.27 -36.27 10.52
CA LYS A 533 2.31 -35.77 11.37
C LYS A 533 2.96 -36.84 12.25
N HIS A 534 2.21 -37.87 12.61
CA HIS A 534 2.64 -38.86 13.57
C HIS A 534 3.34 -40.01 12.88
N LYS A 535 2.86 -40.38 11.69
CA LYS A 535 3.57 -41.31 10.83
C LYS A 535 3.57 -40.82 9.35
N PRO A 536 4.58 -40.00 8.98
CA PRO A 536 4.82 -39.40 7.65
C PRO A 536 5.00 -40.40 6.50
N LYS A 537 5.65 -41.53 6.79
CA LYS A 537 5.54 -42.67 5.95
C LYS A 537 4.37 -43.50 6.47
N ALA A 538 3.30 -43.45 5.66
CA ALA A 538 2.17 -44.31 5.81
C ALA A 538 1.51 -44.48 4.40
N THR A 539 0.96 -45.66 4.13
CA THR A 539 0.56 -45.99 2.76
C THR A 539 -0.62 -45.21 2.32
N ASP A 540 -0.72 -44.96 1.04
CA ASP A 540 -1.95 -44.40 0.50
C ASP A 540 -3.20 -45.21 0.92
N GLU A 541 -3.13 -46.52 0.73
CA GLU A 541 -4.22 -47.40 1.14
C GLU A 541 -4.36 -47.43 2.66
N GLN A 542 -3.23 -47.49 3.39
CA GLN A 542 -3.21 -47.24 4.86
C GLN A 542 -4.05 -46.02 5.31
N LEU A 543 -3.68 -44.84 4.83
CA LEU A 543 -4.53 -43.66 4.94
C LEU A 543 -5.99 -43.89 4.55
N LYS A 544 -6.22 -44.42 3.36
CA LYS A 544 -7.57 -44.60 2.88
C LYS A 544 -8.39 -45.52 3.80
N THR A 545 -7.78 -46.52 4.47
CA THR A 545 -8.64 -47.38 5.29
C THR A 545 -8.91 -46.74 6.61
N VAL A 546 -7.87 -46.18 7.21
CA VAL A 546 -8.07 -45.35 8.41
C VAL A 546 -9.23 -44.33 8.20
N MET A 547 -9.14 -43.40 7.22
CA MET A 547 -10.37 -42.60 6.84
C MET A 547 -11.77 -43.34 6.76
N GLU A 548 -11.85 -44.42 5.97
CA GLU A 548 -13.10 -45.20 5.79
C GLU A 548 -13.70 -45.58 7.14
N ASN A 549 -12.86 -45.56 8.18
CA ASN A 549 -13.22 -45.94 9.55
C ASN A 549 -13.73 -44.78 10.38
N PHE A 550 -13.09 -43.62 10.31
CA PHE A 550 -13.68 -42.52 10.99
C PHE A 550 -15.11 -42.41 10.47
N VAL A 551 -15.31 -42.52 9.16
CA VAL A 551 -16.66 -42.43 8.57
C VAL A 551 -17.62 -43.50 9.04
N ALA A 552 -17.09 -44.69 9.25
CA ALA A 552 -17.92 -45.69 9.84
C ALA A 552 -18.21 -45.21 11.30
N PHE A 553 -17.15 -44.98 12.03
CA PHE A 553 -17.23 -44.63 13.41
C PHE A 553 -18.23 -43.46 13.66
N VAL A 554 -18.12 -42.33 12.96
CA VAL A 554 -19.09 -41.24 13.21
C VAL A 554 -20.51 -41.58 12.76
N ASP A 555 -20.62 -42.43 11.74
CA ASP A 555 -21.91 -42.78 11.26
C ASP A 555 -22.65 -43.55 12.34
N LYS A 556 -22.04 -44.63 12.82
CA LYS A 556 -22.64 -45.40 13.89
C LYS A 556 -22.98 -44.52 15.05
N CYS A 557 -22.04 -43.64 15.44
CA CYS A 557 -22.26 -42.85 16.61
C CYS A 557 -23.18 -41.65 16.47
N CYS A 558 -23.36 -41.12 15.26
CA CYS A 558 -24.34 -40.05 15.07
C CYS A 558 -25.78 -40.65 14.87
N ALA A 559 -25.87 -41.94 14.63
CA ALA A 559 -27.16 -42.59 14.63
C ALA A 559 -27.61 -43.22 15.96
N ALA A 560 -26.71 -43.40 16.93
CA ALA A 560 -27.11 -43.83 18.27
C ALA A 560 -28.05 -42.78 18.94
N ASP A 561 -28.89 -43.17 19.88
CA ASP A 561 -29.72 -42.22 20.65
C ASP A 561 -28.84 -41.46 21.65
N ASP A 562 -28.07 -42.14 22.51
CA ASP A 562 -27.12 -41.36 23.28
C ASP A 562 -25.95 -41.38 22.32
N LYS A 563 -25.37 -40.19 22.08
CA LYS A 563 -24.34 -39.95 21.06
C LYS A 563 -22.99 -39.77 21.74
N GLU A 564 -22.87 -38.88 22.71
CA GLU A 564 -21.50 -38.77 23.22
C GLU A 564 -21.16 -40.07 23.89
N GLY A 565 -22.16 -40.70 24.53
CA GLY A 565 -21.93 -41.96 25.11
C GLY A 565 -21.30 -42.94 24.14
N CYS A 566 -21.65 -42.86 22.86
CA CYS A 566 -21.11 -43.77 21.84
C CYS A 566 -19.65 -43.42 21.63
N PHE A 567 -19.40 -42.12 21.58
CA PHE A 567 -18.12 -41.57 21.23
C PHE A 567 -17.15 -41.76 22.34
N LEU A 568 -17.66 -41.73 23.54
CA LEU A 568 -16.79 -42.02 24.65
C LEU A 568 -16.54 -43.52 24.76
N LEU A 569 -17.52 -44.34 24.33
CA LEU A 569 -17.27 -45.80 24.33
C LEU A 569 -16.35 -46.33 23.21
N GLU A 570 -16.64 -45.96 21.95
CA GLU A 570 -15.99 -46.63 20.85
C GLU A 570 -14.81 -45.85 20.32
N GLY A 571 -14.76 -44.59 20.73
CA GLY A 571 -13.56 -43.76 20.63
C GLY A 571 -12.22 -44.42 20.88
N PRO A 572 -12.01 -45.05 22.05
CA PRO A 572 -10.70 -45.70 22.34
C PRO A 572 -10.30 -46.76 21.32
N LYS A 573 -11.30 -47.54 20.92
CA LYS A 573 -11.09 -48.71 20.01
C LYS A 573 -10.63 -48.26 18.62
N LEU A 574 -10.94 -47.01 18.25
CA LEU A 574 -10.38 -46.43 17.01
C LEU A 574 -8.91 -46.01 17.18
N VAL A 575 -8.59 -45.64 18.39
CA VAL A 575 -7.23 -45.31 18.74
C VAL A 575 -6.36 -46.59 18.79
N ALA A 576 -6.98 -47.73 19.06
CA ALA A 576 -6.24 -48.97 19.06
C ALA A 576 -6.17 -49.49 17.65
N SER A 577 -7.32 -49.41 16.98
CA SER A 577 -7.52 -49.97 15.66
C SER A 577 -6.53 -49.37 14.72
N THR A 578 -6.32 -48.07 14.91
CA THR A 578 -5.48 -47.25 14.05
C THR A 578 -3.95 -47.42 14.16
N GLN A 579 -3.43 -47.42 15.40
CA GLN A 579 -1.97 -47.55 15.62
C GLN A 579 -1.35 -48.90 15.17
N ALA A 580 -2.16 -49.94 15.26
CA ALA A 580 -1.78 -51.25 14.73
C ALA A 580 -1.88 -51.25 13.22
N ALA A 581 -2.89 -50.55 12.67
CA ALA A 581 -2.99 -50.36 11.22
C ALA A 581 -1.71 -49.70 10.79
N LEU A 582 -1.25 -48.81 11.64
CA LEU A 582 -0.10 -48.00 11.29
C LEU A 582 1.25 -48.63 11.41
N ALA A 583 1.54 -49.34 12.50
CA ALA A 583 2.94 -49.71 12.83
C ALA A 583 3.84 -48.45 12.70
N HIS B 3 -53.82 -17.20 53.16
CA HIS B 3 -52.76 -16.23 53.63
C HIS B 3 -53.27 -14.79 53.47
N LYS B 4 -52.72 -13.84 54.22
CA LYS B 4 -53.25 -12.45 54.23
C LYS B 4 -53.02 -11.59 52.95
N SER B 5 -51.84 -11.75 52.31
CA SER B 5 -51.54 -11.15 50.97
C SER B 5 -50.59 -12.09 50.22
N GLU B 6 -51.15 -12.92 49.34
CA GLU B 6 -50.50 -14.18 48.92
C GLU B 6 -49.23 -13.99 48.07
N ILE B 7 -49.15 -12.86 47.36
CA ILE B 7 -47.96 -12.49 46.59
C ILE B 7 -46.72 -12.49 47.50
N ALA B 8 -46.89 -12.00 48.72
CA ALA B 8 -45.82 -12.11 49.71
C ALA B 8 -45.69 -13.53 50.22
N HIS B 9 -46.79 -14.15 50.57
CA HIS B 9 -46.78 -15.54 50.96
C HIS B 9 -45.86 -16.35 50.03
N ARG B 10 -46.07 -16.21 48.72
CA ARG B 10 -45.39 -17.11 47.72
C ARG B 10 -43.91 -16.75 47.59
N PHE B 11 -43.63 -15.47 47.40
CA PHE B 11 -42.28 -14.95 47.55
C PHE B 11 -41.61 -15.49 48.81
N ASN B 12 -42.36 -15.91 49.82
CA ASN B 12 -41.64 -16.28 51.03
C ASN B 12 -41.28 -17.72 50.94
N ASP B 13 -42.13 -18.48 50.29
CA ASP B 13 -41.96 -19.91 50.33
C ASP B 13 -40.98 -20.33 49.29
N LEU B 14 -41.14 -19.76 48.08
CA LEU B 14 -40.42 -20.21 46.86
C LEU B 14 -39.00 -19.59 46.81
N GLY B 15 -38.89 -18.35 47.26
CA GLY B 15 -37.60 -17.74 47.24
C GLY B 15 -37.46 -16.91 45.98
N GLU B 16 -36.96 -15.70 46.19
CA GLU B 16 -36.75 -14.68 45.18
C GLU B 16 -36.20 -15.21 43.85
N GLU B 17 -35.21 -16.07 43.95
CA GLU B 17 -34.59 -16.50 42.76
C GLU B 17 -35.63 -17.23 41.90
N ASN B 18 -36.19 -18.30 42.46
CA ASN B 18 -37.26 -18.94 41.73
C ASN B 18 -38.48 -18.10 41.56
N PHE B 19 -38.73 -17.22 42.52
CA PHE B 19 -39.88 -16.40 42.41
C PHE B 19 -39.66 -15.61 41.19
N GLN B 20 -38.48 -15.02 41.09
CA GLN B 20 -38.23 -14.22 39.91
C GLN B 20 -38.34 -15.12 38.71
N GLY B 21 -37.69 -16.26 38.78
CA GLY B 21 -37.86 -17.27 37.70
C GLY B 21 -39.27 -17.26 37.15
N LEU B 22 -40.22 -17.52 38.05
CA LEU B 22 -41.53 -17.98 37.68
C LEU B 22 -42.43 -16.89 37.06
N VAL B 23 -42.31 -15.69 37.60
CA VAL B 23 -42.99 -14.53 37.07
C VAL B 23 -42.56 -14.30 35.66
N LEU B 24 -41.36 -14.77 35.31
CA LEU B 24 -40.79 -14.45 34.02
C LEU B 24 -41.31 -15.50 33.07
N ILE B 25 -41.28 -16.75 33.53
CA ILE B 25 -42.01 -17.70 32.72
C ILE B 25 -43.45 -17.18 32.49
N ALA B 26 -44.26 -17.02 33.55
CA ALA B 26 -45.63 -16.42 33.40
C ALA B 26 -45.71 -15.36 32.28
N PHE B 27 -45.00 -14.26 32.50
CA PHE B 27 -45.06 -13.13 31.58
C PHE B 27 -44.76 -13.61 30.17
N SER B 28 -43.69 -14.37 29.97
CA SER B 28 -43.28 -14.69 28.58
C SER B 28 -44.30 -15.56 27.85
N GLN B 29 -45.14 -16.23 28.62
CA GLN B 29 -46.18 -17.14 28.15
C GLN B 29 -47.49 -16.41 27.78
N TYR B 30 -47.94 -15.42 28.58
CA TYR B 30 -48.97 -14.50 28.09
C TYR B 30 -48.47 -13.73 26.83
N LEU B 31 -47.27 -13.18 26.91
CA LEU B 31 -46.76 -12.29 25.88
C LEU B 31 -45.57 -12.79 25.14
N GLN B 32 -45.80 -13.69 24.20
CA GLN B 32 -44.77 -14.39 23.47
C GLN B 32 -43.89 -13.54 22.58
N GLN B 33 -44.55 -12.58 21.94
CA GLN B 33 -43.91 -11.62 21.05
C GLN B 33 -43.12 -10.54 21.78
N CYS B 34 -43.54 -10.11 22.96
CA CYS B 34 -42.80 -9.05 23.61
C CYS B 34 -41.34 -9.42 23.82
N PRO B 35 -40.47 -8.43 23.79
CA PRO B 35 -39.05 -8.56 24.00
C PRO B 35 -38.61 -8.74 25.39
N PHE B 36 -37.50 -9.45 25.46
CA PHE B 36 -36.93 -9.83 26.71
C PHE B 36 -36.82 -8.64 27.64
N ASP B 37 -36.41 -7.50 27.12
CA ASP B 37 -36.19 -6.30 27.94
C ASP B 37 -37.44 -5.82 28.68
N GLU B 38 -38.52 -5.73 27.91
CA GLU B 38 -39.79 -5.32 28.44
C GLU B 38 -40.20 -6.23 29.58
N HIS B 39 -40.15 -7.55 29.34
CA HIS B 39 -40.49 -8.52 30.38
C HIS B 39 -39.66 -8.33 31.64
N VAL B 40 -38.41 -7.93 31.44
CA VAL B 40 -37.47 -7.82 32.52
C VAL B 40 -37.96 -6.75 33.49
N LYS B 41 -38.46 -5.64 32.95
CA LYS B 41 -38.95 -4.56 33.82
C LYS B 41 -40.18 -5.05 34.55
N LEU B 42 -40.97 -5.86 33.85
CA LEU B 42 -42.17 -6.36 34.43
C LEU B 42 -41.87 -7.21 35.65
N VAL B 43 -40.87 -8.09 35.60
CA VAL B 43 -40.56 -8.91 36.77
C VAL B 43 -39.95 -8.05 37.89
N LYS B 44 -39.03 -7.18 37.54
CA LYS B 44 -38.39 -6.32 38.54
C LYS B 44 -39.41 -5.49 39.31
N GLU B 45 -40.46 -5.04 38.59
CA GLU B 45 -41.56 -4.16 39.11
C GLU B 45 -42.44 -4.83 40.09
N LEU B 46 -42.57 -6.15 39.96
CA LEU B 46 -43.49 -6.95 40.80
C LEU B 46 -42.79 -7.65 41.97
N THR B 47 -41.46 -7.75 41.87
CA THR B 47 -40.60 -8.19 42.93
C THR B 47 -40.52 -7.03 43.92
N GLU B 48 -40.35 -5.83 43.38
CA GLU B 48 -40.31 -4.65 44.21
C GLU B 48 -41.65 -4.56 44.92
N PHE B 49 -42.75 -4.48 44.15
CA PHE B 49 -44.15 -4.44 44.71
C PHE B 49 -44.32 -5.45 45.81
N ALA B 50 -43.53 -6.53 45.69
CA ALA B 50 -43.56 -7.67 46.58
C ALA B 50 -42.83 -7.52 47.88
N LYS B 51 -41.52 -7.21 47.84
CA LYS B 51 -40.66 -7.09 49.07
C LYS B 51 -41.23 -6.03 50.03
N THR B 52 -42.16 -5.24 49.50
CA THR B 52 -42.91 -4.28 50.22
C THR B 52 -44.10 -4.99 50.85
N CYS B 53 -44.82 -5.78 50.05
CA CYS B 53 -46.00 -6.46 50.56
C CYS B 53 -45.50 -7.41 51.58
N VAL B 54 -44.17 -7.59 51.61
CA VAL B 54 -43.51 -8.47 52.59
C VAL B 54 -42.94 -7.57 53.69
N ALA B 55 -42.77 -6.30 53.33
CA ALA B 55 -42.41 -5.21 54.28
C ALA B 55 -43.61 -4.51 54.99
N ASP B 56 -44.65 -4.14 54.23
CA ASP B 56 -45.85 -3.56 54.88
C ASP B 56 -47.00 -4.50 54.60
N GLU B 57 -47.14 -5.54 55.42
CA GLU B 57 -47.93 -6.73 55.06
C GLU B 57 -49.29 -6.43 54.45
N SER B 58 -49.74 -5.22 54.75
CA SER B 58 -51.00 -4.69 54.29
C SER B 58 -50.81 -3.27 53.69
N HIS B 59 -49.67 -3.06 53.04
CA HIS B 59 -49.49 -1.84 52.26
C HIS B 59 -50.51 -1.94 51.13
N ALA B 60 -50.95 -0.77 50.66
CA ALA B 60 -52.05 -0.66 49.71
C ALA B 60 -51.75 -1.41 48.44
N GLY B 61 -52.63 -2.33 48.08
CA GLY B 61 -52.45 -3.10 46.87
C GLY B 61 -52.11 -4.55 47.14
N CYS B 62 -51.68 -4.85 48.37
CA CYS B 62 -51.12 -6.16 48.67
C CYS B 62 -52.14 -7.22 49.03
N ASP B 63 -53.36 -6.85 49.35
CA ASP B 63 -54.38 -7.86 49.61
C ASP B 63 -54.84 -8.53 48.31
N LYS B 64 -54.76 -7.78 47.21
CA LYS B 64 -55.23 -8.19 45.88
C LYS B 64 -54.67 -9.58 45.41
N SER B 65 -55.46 -10.30 44.62
CA SER B 65 -55.02 -11.60 44.14
C SER B 65 -53.91 -11.45 43.07
N LEU B 66 -53.25 -12.57 42.78
CA LEU B 66 -52.14 -12.63 41.86
C LEU B 66 -52.55 -12.28 40.43
N HIS B 67 -53.70 -12.82 39.99
CA HIS B 67 -54.27 -12.43 38.69
C HIS B 67 -54.66 -10.94 38.63
N THR B 68 -54.96 -10.32 39.77
CA THR B 68 -55.17 -8.87 39.77
C THR B 68 -53.86 -8.23 39.30
N LEU B 69 -52.75 -8.71 39.89
CA LEU B 69 -51.41 -8.15 39.71
C LEU B 69 -50.79 -8.30 38.31
N PHE B 70 -50.74 -9.53 37.80
CA PHE B 70 -50.16 -9.71 36.48
C PHE B 70 -50.84 -8.87 35.37
N GLY B 71 -52.18 -8.91 35.34
CA GLY B 71 -52.96 -8.08 34.41
C GLY B 71 -52.97 -6.57 34.61
N ASP B 72 -52.69 -6.10 35.84
CA ASP B 72 -52.61 -4.66 36.14
C ASP B 72 -51.41 -4.09 35.44
N GLU B 73 -50.64 -5.02 34.88
CA GLU B 73 -49.28 -4.81 34.53
C GLU B 73 -49.07 -5.21 33.10
N LEU B 74 -49.51 -6.39 32.70
CA LEU B 74 -49.43 -6.71 31.28
C LEU B 74 -50.11 -5.52 30.65
N CYS B 75 -51.08 -4.99 31.37
CA CYS B 75 -51.88 -3.84 30.93
C CYS B 75 -51.23 -2.44 31.08
N LYS B 76 -49.96 -2.42 31.48
CA LYS B 76 -49.09 -1.25 31.33
C LYS B 76 -48.07 -1.62 30.21
N VAL B 77 -48.63 -2.19 29.15
CA VAL B 77 -47.93 -2.65 27.96
C VAL B 77 -48.95 -2.29 26.84
N ALA B 78 -49.15 -0.99 26.64
CA ALA B 78 -50.20 -0.52 25.73
C ALA B 78 -49.95 -0.90 24.26
N THR B 79 -48.75 -1.42 23.98
CA THR B 79 -48.44 -2.00 22.68
C THR B 79 -49.20 -3.32 22.41
N LEU B 80 -50.00 -3.75 23.38
CA LEU B 80 -50.72 -5.05 23.33
C LEU B 80 -51.81 -5.14 22.27
N ARG B 81 -52.23 -4.00 21.72
CA ARG B 81 -53.26 -3.95 20.67
C ARG B 81 -52.69 -4.05 19.25
N GLU B 82 -51.52 -3.46 19.02
CA GLU B 82 -50.84 -3.78 17.77
C GLU B 82 -50.12 -5.13 17.90
N THR B 83 -49.32 -5.32 18.95
CA THR B 83 -48.45 -6.52 19.06
C THR B 83 -49.20 -7.89 19.23
N TYR B 84 -50.42 -7.87 19.80
CA TYR B 84 -51.37 -9.03 19.80
C TYR B 84 -52.78 -8.49 19.62
N GLY B 85 -53.27 -8.64 18.38
CA GLY B 85 -54.39 -7.85 17.83
C GLY B 85 -55.58 -7.61 18.74
N ASP B 86 -56.21 -8.70 19.18
CA ASP B 86 -57.39 -8.51 19.99
C ASP B 86 -57.15 -8.91 21.46
N MET B 87 -55.87 -8.99 21.81
CA MET B 87 -55.41 -9.23 23.15
C MET B 87 -55.99 -8.09 23.93
N ALA B 88 -55.95 -6.92 23.28
CA ALA B 88 -56.43 -5.69 23.84
C ALA B 88 -57.78 -5.87 24.54
N ASP B 89 -58.63 -6.73 23.99
CA ASP B 89 -59.95 -7.01 24.56
C ASP B 89 -59.84 -7.26 26.06
N CYS B 90 -58.95 -8.19 26.43
CA CYS B 90 -58.80 -8.66 27.81
C CYS B 90 -58.50 -7.51 28.79
N CYS B 91 -57.71 -6.54 28.33
CA CYS B 91 -57.35 -5.40 29.13
C CYS B 91 -58.59 -4.60 29.53
N GLU B 92 -59.69 -4.84 28.82
CA GLU B 92 -60.95 -4.27 29.20
C GLU B 92 -61.37 -4.85 30.57
N LYS B 93 -61.74 -6.11 30.58
CA LYS B 93 -62.50 -6.66 31.70
C LYS B 93 -61.77 -6.52 33.04
N GLN B 94 -62.47 -6.90 34.10
CA GLN B 94 -61.84 -7.24 35.38
C GLN B 94 -61.99 -8.77 35.64
N GLU B 95 -61.58 -9.25 36.80
CA GLU B 95 -61.43 -10.70 37.01
C GLU B 95 -62.76 -11.43 37.20
N PRO B 96 -62.80 -12.74 36.89
CA PRO B 96 -61.73 -13.51 36.28
C PRO B 96 -61.71 -13.42 34.78
N GLU B 97 -62.33 -12.39 34.21
CA GLU B 97 -62.42 -12.36 32.75
C GLU B 97 -61.12 -11.88 32.09
N ARG B 98 -60.60 -10.78 32.60
CA ARG B 98 -59.34 -10.26 32.12
C ARG B 98 -58.26 -11.33 32.10
N ASN B 99 -58.23 -12.22 33.09
CA ASN B 99 -57.24 -13.27 32.97
C ASN B 99 -57.66 -14.32 31.95
N GLU B 100 -58.89 -14.79 32.11
CA GLU B 100 -59.38 -15.89 31.33
C GLU B 100 -59.20 -15.62 29.85
N CYS B 101 -59.20 -14.33 29.49
CA CYS B 101 -59.04 -13.87 28.10
C CYS B 101 -57.60 -14.01 27.59
N PHE B 102 -56.65 -13.68 28.44
CA PHE B 102 -55.28 -13.85 28.06
C PHE B 102 -55.06 -15.35 27.80
N LEU B 103 -55.52 -16.20 28.72
CA LEU B 103 -55.11 -17.59 28.69
C LEU B 103 -55.57 -18.16 27.38
N LYS B 104 -56.66 -17.58 26.91
CA LYS B 104 -57.29 -17.98 25.67
C LYS B 104 -56.43 -17.47 24.52
N HIS B 105 -55.61 -16.45 24.78
CA HIS B 105 -54.64 -15.94 23.77
C HIS B 105 -53.26 -16.60 23.61
N LYS B 106 -52.97 -17.64 24.38
CA LYS B 106 -51.71 -18.36 24.18
C LYS B 106 -51.66 -18.91 22.73
N ASP B 107 -50.48 -18.86 22.14
CA ASP B 107 -50.30 -19.32 20.79
C ASP B 107 -49.24 -20.46 20.85
N ASP B 108 -49.65 -21.60 20.34
CA ASP B 108 -48.97 -22.85 20.29
C ASP B 108 -48.13 -22.98 19.03
N SER B 109 -48.15 -21.93 18.20
CA SER B 109 -47.24 -21.74 17.02
C SER B 109 -46.88 -20.28 16.94
N PRO B 110 -45.94 -19.84 17.77
CA PRO B 110 -45.74 -18.40 17.86
C PRO B 110 -45.02 -17.96 16.60
N ASP B 111 -44.49 -18.91 15.82
CA ASP B 111 -43.72 -18.56 14.64
C ASP B 111 -42.55 -17.59 14.97
N LEU B 112 -41.57 -18.09 15.71
CA LEU B 112 -40.42 -17.28 16.09
C LEU B 112 -39.30 -17.83 15.30
N PRO B 113 -38.12 -17.26 15.44
CA PRO B 113 -36.96 -17.85 14.71
C PRO B 113 -36.48 -19.15 15.32
N LYS B 114 -36.11 -20.12 14.50
CA LYS B 114 -35.52 -21.34 15.09
C LYS B 114 -34.19 -21.03 15.83
N LEU B 115 -33.99 -21.72 16.95
CA LEU B 115 -32.83 -21.48 17.80
C LEU B 115 -31.59 -22.23 17.26
N LYS B 116 -30.67 -21.45 16.72
CA LYS B 116 -29.41 -21.98 16.26
C LYS B 116 -28.25 -21.53 17.20
N PRO B 117 -27.78 -22.42 18.10
CA PRO B 117 -26.81 -22.10 19.17
C PRO B 117 -25.39 -21.99 18.65
N GLU B 118 -24.75 -20.91 19.04
CA GLU B 118 -23.45 -20.57 18.54
C GLU B 118 -22.50 -20.43 19.74
N PRO B 119 -21.72 -21.46 19.99
CA PRO B 119 -20.79 -21.59 21.13
C PRO B 119 -20.12 -20.25 21.60
N ASP B 120 -19.41 -19.53 20.72
CA ASP B 120 -18.61 -18.41 21.14
C ASP B 120 -19.56 -17.29 21.48
N THR B 121 -20.55 -17.05 20.62
CA THR B 121 -21.53 -16.05 20.99
C THR B 121 -22.21 -16.32 22.34
N LEU B 122 -22.58 -17.58 22.62
CA LEU B 122 -23.22 -17.88 23.95
C LEU B 122 -22.25 -17.87 25.10
N CYS B 123 -21.04 -18.40 24.90
CA CYS B 123 -20.11 -18.28 26.02
C CYS B 123 -19.91 -16.83 26.36
N ALA B 124 -19.72 -16.02 25.31
CA ALA B 124 -19.67 -14.54 25.36
C ALA B 124 -20.71 -13.96 26.35
N GLU B 125 -21.98 -14.33 26.16
CA GLU B 125 -23.07 -13.89 26.98
C GLU B 125 -23.08 -14.49 28.39
N PHE B 126 -22.99 -15.81 28.46
CA PHE B 126 -22.71 -16.42 29.76
C PHE B 126 -21.69 -15.62 30.59
N LYS B 127 -20.68 -15.04 29.95
CA LYS B 127 -19.61 -14.44 30.71
C LYS B 127 -20.01 -12.97 31.05
N ALA B 128 -20.83 -12.35 30.19
CA ALA B 128 -21.20 -11.00 30.36
C ALA B 128 -22.16 -10.79 31.47
N ASP B 129 -23.11 -11.70 31.66
CA ASP B 129 -24.16 -11.48 32.66
C ASP B 129 -24.72 -12.83 32.93
N GLU B 130 -24.17 -13.55 33.92
CA GLU B 130 -24.74 -14.86 34.27
C GLU B 130 -26.27 -14.86 34.41
N LYS B 131 -26.79 -13.93 35.21
CA LYS B 131 -28.19 -13.87 35.56
C LYS B 131 -29.05 -13.57 34.32
N LYS B 132 -28.63 -12.61 33.50
CA LYS B 132 -29.37 -12.29 32.31
C LYS B 132 -29.40 -13.52 31.35
N PHE B 133 -28.29 -14.28 31.29
CA PHE B 133 -28.25 -15.46 30.41
C PHE B 133 -29.29 -16.55 30.86
N TRP B 134 -29.45 -16.71 32.18
CA TRP B 134 -30.38 -17.66 32.76
C TRP B 134 -31.81 -17.25 32.40
N GLY B 135 -32.22 -16.02 32.71
CA GLY B 135 -33.53 -15.54 32.29
C GLY B 135 -33.93 -15.57 30.83
N LYS B 136 -32.94 -15.35 30.00
CA LYS B 136 -33.06 -15.28 28.56
C LYS B 136 -33.34 -16.77 28.06
N TYR B 137 -32.71 -17.74 28.73
CA TYR B 137 -33.10 -19.10 28.53
C TYR B 137 -34.57 -19.37 28.88
N LEU B 138 -35.03 -18.75 29.95
CA LEU B 138 -36.33 -18.96 30.48
C LEU B 138 -37.38 -18.36 29.52
N TYR B 139 -37.16 -17.12 29.10
CA TYR B 139 -38.00 -16.45 28.15
C TYR B 139 -38.06 -17.04 26.78
N GLU B 140 -36.95 -17.60 26.29
CA GLU B 140 -36.91 -18.14 24.90
C GLU B 140 -37.68 -19.44 24.79
N VAL B 141 -37.45 -20.35 25.74
CA VAL B 141 -38.16 -21.65 25.81
C VAL B 141 -39.62 -21.39 26.12
N ALA B 142 -39.86 -20.44 27.07
CA ALA B 142 -41.19 -20.14 27.55
C ALA B 142 -42.09 -19.49 26.50
N ARG B 143 -41.57 -18.56 25.74
CA ARG B 143 -42.42 -17.86 24.79
C ARG B 143 -42.77 -18.81 23.60
N ARG B 144 -41.89 -19.76 23.30
CA ARG B 144 -42.13 -20.69 22.24
C ARG B 144 -43.03 -21.77 22.75
N HIS B 145 -42.97 -22.05 24.07
CA HIS B 145 -43.80 -23.10 24.67
C HIS B 145 -44.66 -22.66 25.87
N PRO B 146 -45.73 -21.92 25.57
CA PRO B 146 -46.61 -21.24 26.51
C PRO B 146 -47.36 -22.20 27.44
N TYR B 147 -47.19 -23.50 27.33
CA TYR B 147 -47.78 -24.37 28.34
C TYR B 147 -46.77 -25.13 29.08
N PHE B 148 -45.48 -24.86 28.87
CA PHE B 148 -44.38 -25.58 29.59
C PHE B 148 -44.55 -25.61 31.06
N TYR B 149 -44.11 -26.68 31.69
CA TYR B 149 -44.25 -26.91 33.13
C TYR B 149 -43.24 -26.03 33.80
N ALA B 150 -43.77 -24.97 34.40
CA ALA B 150 -42.99 -23.90 34.97
C ALA B 150 -41.90 -24.41 35.85
N PRO B 151 -42.27 -24.97 37.00
CA PRO B 151 -41.16 -25.27 37.88
C PRO B 151 -40.10 -26.19 37.23
N GLU B 152 -40.43 -27.03 36.24
CA GLU B 152 -39.41 -27.95 35.61
C GLU B 152 -38.60 -27.16 34.57
N LEU B 153 -39.17 -26.03 34.12
CA LEU B 153 -38.31 -25.15 33.33
C LEU B 153 -37.11 -24.54 34.12
N LEU B 154 -37.37 -24.10 35.33
CA LEU B 154 -36.30 -23.51 36.22
C LEU B 154 -35.19 -24.52 36.36
N TYR B 155 -35.59 -25.78 36.45
CA TYR B 155 -34.59 -26.86 36.52
C TYR B 155 -33.68 -26.93 35.25
N TYR B 156 -34.24 -26.54 34.11
CA TYR B 156 -33.65 -26.81 32.80
C TYR B 156 -32.73 -25.66 32.53
N ALA B 157 -33.23 -24.47 32.84
CA ALA B 157 -32.32 -23.33 32.97
C ALA B 157 -31.18 -23.59 33.97
N ASN B 158 -31.47 -24.12 35.17
CA ASN B 158 -30.33 -24.52 36.10
C ASN B 158 -29.34 -25.47 35.44
N LYS B 159 -29.80 -26.50 34.74
CA LYS B 159 -28.84 -27.39 34.15
C LYS B 159 -28.04 -26.72 33.05
N TYR B 160 -28.77 -25.93 32.23
CA TYR B 160 -28.24 -25.31 31.02
C TYR B 160 -27.09 -24.36 31.41
N ASN B 161 -27.27 -23.59 32.47
CA ASN B 161 -26.31 -22.65 32.97
C ASN B 161 -25.11 -23.38 33.45
N GLY B 162 -25.35 -24.65 33.77
CA GLY B 162 -24.27 -25.48 34.31
C GLY B 162 -23.38 -26.01 33.24
N VAL B 163 -23.86 -26.03 32.03
CA VAL B 163 -23.09 -26.62 30.89
C VAL B 163 -22.13 -25.55 30.47
N PHE B 164 -22.59 -24.34 30.56
CA PHE B 164 -21.78 -23.27 30.17
C PHE B 164 -20.65 -23.06 31.11
N GLN B 165 -20.96 -23.24 32.37
CA GLN B 165 -20.05 -23.18 33.51
C GLN B 165 -18.88 -24.08 33.26
N GLU B 166 -19.19 -25.36 33.06
CA GLU B 166 -18.13 -26.23 32.76
C GLU B 166 -17.52 -25.99 31.38
N CYS B 167 -18.34 -25.74 30.34
CA CYS B 167 -17.90 -25.78 28.93
C CYS B 167 -17.21 -24.54 28.36
N CYS B 168 -17.63 -23.39 28.86
CA CYS B 168 -17.11 -22.25 28.28
C CYS B 168 -15.66 -22.15 28.64
N GLN B 169 -15.29 -22.85 29.72
CA GLN B 169 -13.90 -22.96 30.22
C GLN B 169 -13.05 -23.60 29.17
N ALA B 170 -13.49 -24.71 28.59
CA ALA B 170 -12.62 -25.48 27.67
C ALA B 170 -12.15 -24.75 26.36
N GLU B 171 -11.06 -25.25 25.81
CA GLU B 171 -10.47 -24.68 24.60
C GLU B 171 -11.28 -25.14 23.40
N ASP B 172 -11.74 -26.37 23.46
CA ASP B 172 -12.69 -26.75 22.46
C ASP B 172 -14.06 -26.59 23.06
N LYS B 173 -14.51 -25.32 23.12
CA LYS B 173 -15.88 -24.98 23.60
C LYS B 173 -17.00 -25.80 22.93
N GLY B 174 -16.92 -25.93 21.60
CA GLY B 174 -18.01 -26.49 20.84
C GLY B 174 -18.17 -27.95 21.21
N ALA B 175 -17.03 -28.58 21.37
CA ALA B 175 -17.01 -29.96 21.66
C ALA B 175 -17.55 -30.18 23.06
N CYS B 176 -17.31 -29.31 24.01
CA CYS B 176 -17.89 -29.53 25.34
C CYS B 176 -19.42 -29.35 25.30
N LEU B 177 -19.85 -28.18 24.81
CA LEU B 177 -21.26 -27.80 24.89
C LEU B 177 -22.17 -28.34 23.83
N LEU B 178 -21.74 -28.36 22.59
CA LEU B 178 -22.71 -28.63 21.50
C LEU B 178 -23.44 -29.94 21.72
N PRO B 179 -22.75 -30.96 22.20
CA PRO B 179 -23.51 -32.17 22.27
C PRO B 179 -24.38 -32.12 23.53
N LYS B 180 -23.88 -31.50 24.56
CA LYS B 180 -24.59 -31.49 25.82
C LYS B 180 -25.93 -30.87 25.72
N ILE B 181 -26.03 -29.87 24.84
CA ILE B 181 -27.25 -29.11 24.79
C ILE B 181 -28.24 -29.58 23.78
N GLU B 182 -27.71 -30.35 22.85
CA GLU B 182 -28.55 -31.15 22.02
C GLU B 182 -29.39 -32.10 22.83
N THR B 183 -28.76 -32.99 23.60
CA THR B 183 -29.51 -33.95 24.42
C THR B 183 -30.48 -33.22 25.37
N MET B 184 -30.05 -32.06 25.86
CA MET B 184 -30.87 -31.33 26.78
C MET B 184 -31.98 -30.64 26.01
N ARG B 185 -31.80 -30.34 24.71
CA ARG B 185 -32.96 -29.82 23.93
C ARG B 185 -34.01 -30.87 23.81
N GLU B 186 -33.63 -32.10 23.43
CA GLU B 186 -34.66 -33.15 23.28
C GLU B 186 -35.54 -33.19 24.52
N LYS B 187 -34.91 -33.40 25.68
CA LYS B 187 -35.61 -33.59 26.95
C LYS B 187 -36.59 -32.48 27.12
N VAL B 188 -36.13 -31.24 26.85
CA VAL B 188 -36.99 -30.07 27.00
C VAL B 188 -38.26 -30.16 26.11
N LEU B 189 -38.13 -30.40 24.80
CA LEU B 189 -39.31 -30.64 23.90
C LEU B 189 -40.11 -31.85 24.39
N ALA B 190 -39.44 -32.87 24.91
CA ALA B 190 -40.26 -33.89 25.56
C ALA B 190 -41.11 -33.30 26.68
N SER B 191 -40.44 -32.74 27.69
CA SER B 191 -41.18 -32.20 28.82
C SER B 191 -42.29 -31.27 28.35
N SER B 192 -42.05 -30.49 27.31
CA SER B 192 -43.05 -29.60 26.80
C SER B 192 -44.26 -30.30 26.22
N ALA B 193 -43.96 -31.27 25.35
CA ALA B 193 -44.96 -32.07 24.73
C ALA B 193 -45.87 -32.66 25.80
N ARG B 194 -45.26 -33.07 26.94
CA ARG B 194 -45.91 -33.88 27.99
C ARG B 194 -46.90 -33.00 28.68
N GLN B 195 -46.40 -31.89 29.18
CA GLN B 195 -47.29 -30.95 29.83
C GLN B 195 -48.37 -30.50 28.85
N ARG B 196 -47.99 -30.37 27.57
CA ARG B 196 -48.97 -29.79 26.70
C ARG B 196 -50.15 -30.74 26.77
N LEU B 197 -49.84 -32.03 26.66
CA LEU B 197 -50.83 -33.08 26.62
C LEU B 197 -51.67 -33.13 27.93
N ARG B 198 -51.04 -33.18 29.11
CA ARG B 198 -51.83 -32.92 30.33
C ARG B 198 -52.92 -31.88 30.08
N CYS B 199 -52.55 -30.70 29.58
CA CYS B 199 -53.47 -29.59 29.60
C CYS B 199 -54.60 -29.85 28.62
N ALA B 200 -54.25 -30.42 27.45
CA ALA B 200 -55.22 -30.89 26.46
C ALA B 200 -56.21 -31.89 27.09
N SER B 201 -55.72 -32.93 27.73
CA SER B 201 -56.53 -33.75 28.66
C SER B 201 -57.41 -32.96 29.67
N ILE B 202 -56.83 -32.00 30.42
CA ILE B 202 -57.66 -31.20 31.33
C ILE B 202 -58.76 -30.48 30.63
N GLN B 203 -58.44 -29.87 29.48
CA GLN B 203 -59.32 -28.93 28.77
C GLN B 203 -60.37 -29.66 27.97
N LYS B 204 -59.90 -30.35 26.96
CA LYS B 204 -60.76 -31.04 26.03
C LYS B 204 -61.47 -32.27 26.55
N PHE B 205 -60.97 -32.95 27.60
CA PHE B 205 -61.50 -34.27 28.08
C PHE B 205 -61.89 -34.45 29.57
N GLY B 206 -61.64 -33.47 30.42
CA GLY B 206 -61.94 -33.64 31.81
C GLY B 206 -60.77 -34.02 32.70
N GLU B 207 -60.75 -33.39 33.85
CA GLU B 207 -59.90 -33.81 34.91
C GLU B 207 -59.81 -35.28 35.15
N ARG B 208 -60.95 -35.95 35.14
CA ARG B 208 -61.01 -37.38 35.40
C ARG B 208 -60.07 -38.20 34.48
N ALA B 209 -60.03 -37.86 33.20
CA ALA B 209 -59.15 -38.51 32.25
C ALA B 209 -57.66 -38.34 32.56
N LEU B 210 -57.28 -37.16 33.01
CA LEU B 210 -55.92 -37.01 33.40
C LEU B 210 -55.66 -37.88 34.63
N LYS B 211 -56.66 -38.13 35.46
CA LYS B 211 -56.38 -38.97 36.60
C LYS B 211 -56.11 -40.45 36.22
N ALA B 212 -56.85 -41.00 35.27
CA ALA B 212 -56.54 -42.37 34.85
C ALA B 212 -55.09 -42.52 34.42
N TRP B 213 -54.67 -41.65 33.52
CA TRP B 213 -53.27 -41.60 33.06
C TRP B 213 -52.29 -41.55 34.20
N SER B 214 -52.56 -40.70 35.19
CA SER B 214 -51.73 -40.71 36.38
C SER B 214 -51.94 -41.95 37.22
N VAL B 215 -53.15 -42.47 37.30
CA VAL B 215 -53.32 -43.63 38.09
C VAL B 215 -52.50 -44.78 37.46
N ALA B 216 -52.68 -45.03 36.17
CA ALA B 216 -51.81 -46.02 35.51
C ALA B 216 -50.34 -45.74 35.67
N ARG B 217 -49.96 -44.49 35.51
CA ARG B 217 -48.56 -44.13 35.58
C ARG B 217 -48.02 -44.31 36.99
N LEU B 218 -48.83 -44.01 38.01
CA LEU B 218 -48.26 -43.87 39.34
C LEU B 218 -48.16 -45.21 40.06
N SER B 219 -48.98 -46.11 39.60
CA SER B 219 -48.97 -47.48 40.01
C SER B 219 -47.81 -48.27 39.48
N GLN B 220 -47.19 -47.83 38.38
CA GLN B 220 -46.09 -48.61 37.81
C GLN B 220 -44.82 -48.18 38.53
N LYS B 221 -44.77 -46.88 38.79
CA LYS B 221 -43.68 -46.25 39.48
C LYS B 221 -43.59 -46.79 40.88
N PHE B 222 -44.75 -46.99 41.47
CA PHE B 222 -44.87 -47.43 42.85
C PHE B 222 -45.71 -48.68 43.01
N PRO B 223 -45.26 -49.78 42.40
CA PRO B 223 -46.13 -50.93 42.51
C PRO B 223 -46.40 -51.38 43.96
N LYS B 224 -45.54 -51.02 44.92
CA LYS B 224 -45.77 -51.56 46.27
C LYS B 224 -46.75 -50.69 47.12
N ALA B 225 -47.10 -49.52 46.60
CA ALA B 225 -47.93 -48.59 47.35
C ALA B 225 -49.41 -48.95 47.32
N ASP B 226 -50.16 -48.37 48.27
CA ASP B 226 -51.59 -48.63 48.43
C ASP B 226 -52.36 -48.01 47.35
N PHE B 227 -53.37 -48.72 46.88
CA PHE B 227 -54.41 -48.00 46.23
C PHE B 227 -54.73 -46.70 46.97
N THR B 228 -54.99 -46.75 48.25
CA THR B 228 -55.27 -45.50 48.97
C THR B 228 -54.25 -44.38 48.72
N ASP B 229 -52.96 -44.71 48.74
CA ASP B 229 -51.91 -43.70 48.73
C ASP B 229 -51.58 -43.26 47.30
N VAL B 230 -51.66 -44.21 46.37
CA VAL B 230 -51.57 -43.86 44.96
C VAL B 230 -52.56 -42.74 44.70
N THR B 231 -53.76 -42.91 45.28
CA THR B 231 -54.92 -42.08 44.96
C THR B 231 -54.74 -40.67 45.48
N LYS B 232 -53.95 -40.52 46.57
CA LYS B 232 -53.80 -39.21 47.14
C LYS B 232 -52.71 -38.42 46.41
N ILE B 233 -51.68 -39.13 45.97
CA ILE B 233 -50.62 -38.52 45.19
C ILE B 233 -51.26 -38.03 43.83
N VAL B 234 -52.03 -38.87 43.14
CA VAL B 234 -52.69 -38.43 41.90
C VAL B 234 -53.50 -37.16 42.16
N THR B 235 -54.25 -37.22 43.24
CA THR B 235 -55.01 -36.08 43.66
C THR B 235 -54.17 -34.87 43.81
N ASP B 236 -53.05 -34.88 44.53
CA ASP B 236 -52.29 -33.60 44.68
C ASP B 236 -51.55 -33.12 43.42
N LEU B 237 -51.17 -34.11 42.61
CA LEU B 237 -50.45 -33.91 41.38
C LEU B 237 -51.34 -33.14 40.38
N THR B 238 -52.56 -33.67 40.22
CA THR B 238 -53.59 -33.06 39.41
C THR B 238 -53.80 -31.59 39.77
N LYS B 239 -53.83 -31.28 41.04
CA LYS B 239 -54.00 -29.87 41.42
C LYS B 239 -52.86 -29.03 40.85
N VAL B 240 -51.64 -29.43 41.20
CA VAL B 240 -50.40 -28.85 40.65
C VAL B 240 -50.53 -28.74 39.13
N HIS B 241 -50.58 -29.89 38.42
CA HIS B 241 -50.60 -29.78 36.96
C HIS B 241 -51.70 -28.88 36.45
N LYS B 242 -52.78 -28.72 37.22
CA LYS B 242 -53.94 -27.93 36.75
C LYS B 242 -53.63 -26.49 36.95
N GLU B 243 -53.09 -26.17 38.10
CA GLU B 243 -52.75 -24.80 38.28
C GLU B 243 -51.67 -24.31 37.29
N CYS B 244 -50.64 -25.08 37.00
CA CYS B 244 -49.71 -24.68 35.91
C CYS B 244 -50.44 -24.47 34.58
N CYS B 245 -51.27 -25.43 34.12
CA CYS B 245 -52.06 -25.20 32.88
C CYS B 245 -52.87 -23.90 32.98
N HIS B 246 -53.52 -23.67 34.10
CA HIS B 246 -54.33 -22.46 34.24
C HIS B 246 -53.49 -21.16 34.51
N GLY B 247 -52.20 -21.15 34.16
CA GLY B 247 -51.32 -19.94 34.36
C GLY B 247 -50.98 -19.58 35.80
N ASP B 248 -51.21 -20.47 36.76
CA ASP B 248 -51.04 -20.21 38.17
C ASP B 248 -49.70 -20.69 38.58
N LEU B 249 -48.68 -19.96 38.17
CA LEU B 249 -47.31 -20.47 38.20
C LEU B 249 -46.73 -20.59 39.62
N LEU B 250 -46.83 -19.52 40.40
CA LEU B 250 -46.43 -19.59 41.80
C LEU B 250 -47.07 -20.74 42.65
N GLU B 251 -48.39 -20.90 42.53
CA GLU B 251 -49.16 -21.93 43.25
C GLU B 251 -48.61 -23.26 42.88
N CYS B 252 -48.62 -23.49 41.57
CA CYS B 252 -48.06 -24.68 40.96
C CYS B 252 -46.70 -25.08 41.56
N ALA B 253 -45.69 -24.21 41.50
CA ALA B 253 -44.38 -24.64 42.03
C ALA B 253 -44.46 -24.87 43.55
N ASP B 254 -45.11 -23.95 44.26
CA ASP B 254 -45.26 -24.12 45.68
C ASP B 254 -45.78 -25.52 46.00
N ASP B 255 -47.02 -25.80 45.59
CA ASP B 255 -47.64 -27.11 45.76
C ASP B 255 -46.87 -28.29 45.12
N ARG B 256 -45.89 -28.03 44.26
CA ARG B 256 -45.16 -29.11 43.69
C ARG B 256 -44.08 -29.56 44.64
N ALA B 257 -43.43 -28.62 45.30
CA ALA B 257 -42.55 -28.91 46.51
C ALA B 257 -43.28 -29.65 47.66
N ASP B 258 -44.47 -29.12 47.97
CA ASP B 258 -45.27 -29.65 49.05
C ASP B 258 -45.66 -31.07 48.78
N LEU B 259 -45.99 -31.40 47.54
CA LEU B 259 -46.16 -32.81 47.25
C LEU B 259 -44.84 -33.48 47.27
N ALA B 260 -43.80 -32.73 46.96
CA ALA B 260 -42.44 -33.27 46.90
C ALA B 260 -41.85 -33.61 48.29
N LYS B 261 -42.00 -32.67 49.23
CA LYS B 261 -41.77 -32.96 50.66
C LYS B 261 -42.58 -34.14 51.06
N TYR B 262 -43.81 -34.18 50.57
CA TYR B 262 -44.78 -35.08 51.12
C TYR B 262 -44.48 -36.49 50.75
N ILE B 263 -44.20 -36.65 49.46
CA ILE B 263 -43.86 -37.96 48.94
C ILE B 263 -42.53 -38.42 49.57
N CYS B 264 -41.70 -37.46 50.01
CA CYS B 264 -40.45 -37.89 50.57
C CYS B 264 -40.82 -38.55 51.90
N ASP B 265 -41.58 -37.82 52.70
CA ASP B 265 -41.84 -38.22 54.08
C ASP B 265 -42.42 -39.68 54.12
N HIS B 266 -43.08 -40.11 53.06
CA HIS B 266 -43.73 -41.43 53.02
C HIS B 266 -42.98 -42.43 52.17
N GLN B 267 -41.66 -42.27 52.10
CA GLN B 267 -40.85 -42.93 51.06
C GLN B 267 -40.65 -44.44 50.99
N ASP B 268 -40.76 -45.17 52.10
CA ASP B 268 -40.47 -46.63 52.12
C ASP B 268 -41.77 -47.39 52.08
N THR B 269 -42.84 -46.63 52.30
CA THR B 269 -44.18 -47.08 52.06
C THR B 269 -44.57 -46.81 50.58
N LEU B 270 -43.79 -45.98 49.89
CA LEU B 270 -44.00 -45.76 48.45
C LEU B 270 -43.02 -46.59 47.63
N SER B 271 -41.74 -46.28 47.72
CA SER B 271 -40.75 -46.76 46.74
C SER B 271 -39.40 -47.03 47.34
N SER B 272 -38.68 -47.97 46.72
CA SER B 272 -37.27 -48.21 46.99
C SER B 272 -36.40 -47.01 46.65
N LYS B 273 -36.63 -46.45 45.44
CA LYS B 273 -35.70 -45.56 44.77
C LYS B 273 -35.78 -44.16 45.31
N LEU B 274 -36.93 -43.87 45.90
CA LEU B 274 -37.27 -42.55 46.38
C LEU B 274 -36.23 -41.81 47.20
N LYS B 275 -35.40 -42.54 47.95
CA LYS B 275 -34.38 -41.93 48.86
C LYS B 275 -33.26 -41.30 48.05
N GLU B 276 -33.09 -41.84 46.85
CA GLU B 276 -32.12 -41.33 45.87
C GLU B 276 -32.34 -39.89 45.48
N CYS B 277 -33.59 -39.47 45.51
CA CYS B 277 -33.94 -38.14 45.06
C CYS B 277 -34.05 -37.19 46.24
N CYS B 278 -34.22 -37.78 47.45
CA CYS B 278 -34.91 -37.11 48.56
C CYS B 278 -33.98 -36.29 49.42
N ASP B 279 -32.71 -36.28 49.04
CA ASP B 279 -31.70 -35.43 49.63
C ASP B 279 -31.45 -34.18 48.81
N LYS B 280 -31.79 -34.25 47.51
CA LYS B 280 -31.42 -33.24 46.49
C LYS B 280 -32.08 -31.90 46.79
N PRO B 281 -31.56 -30.81 46.18
CA PRO B 281 -32.35 -29.57 46.37
C PRO B 281 -33.71 -29.73 45.66
N VAL B 282 -34.59 -28.75 45.87
CA VAL B 282 -36.00 -29.01 45.69
C VAL B 282 -36.43 -29.21 44.22
N LEU B 283 -36.03 -28.36 43.30
CA LEU B 283 -36.30 -28.68 41.89
C LEU B 283 -35.62 -30.03 41.39
N GLU B 284 -34.38 -30.26 41.72
CA GLU B 284 -33.85 -31.57 41.40
C GLU B 284 -34.69 -32.67 42.05
N LYS B 285 -35.20 -32.32 43.23
CA LYS B 285 -35.86 -33.32 44.04
C LYS B 285 -37.08 -33.77 43.22
N SER B 286 -37.98 -32.81 42.99
CA SER B 286 -39.18 -32.92 42.17
C SER B 286 -38.91 -33.53 40.80
N HIS B 287 -37.83 -33.09 40.16
CA HIS B 287 -37.46 -33.68 38.85
C HIS B 287 -37.13 -35.13 38.90
N CYS B 288 -36.27 -35.54 39.84
CA CYS B 288 -35.80 -36.91 39.90
C CYS B 288 -37.01 -37.74 40.32
N ILE B 289 -37.84 -37.17 41.18
CA ILE B 289 -39.05 -37.94 41.51
C ILE B 289 -40.01 -38.13 40.31
N ALA B 290 -40.00 -37.21 39.37
CA ALA B 290 -41.07 -37.19 38.32
C ALA B 290 -40.70 -38.12 37.20
N GLU B 291 -39.44 -38.58 37.21
CA GLU B 291 -38.90 -39.49 36.20
C GLU B 291 -38.19 -40.67 36.82
N ILE B 292 -38.41 -40.81 38.13
CA ILE B 292 -37.92 -41.89 38.92
C ILE B 292 -38.08 -43.20 38.19
N ASP B 293 -37.15 -44.13 38.42
CA ASP B 293 -37.26 -45.49 37.88
C ASP B 293 -38.46 -46.20 38.52
N LYS B 294 -39.06 -47.10 37.75
CA LYS B 294 -40.05 -48.04 38.27
C LYS B 294 -39.46 -48.87 39.38
N ASP B 295 -40.03 -48.73 40.57
CA ASP B 295 -39.69 -49.65 41.68
C ASP B 295 -40.02 -51.10 41.29
N ALA B 296 -39.59 -52.04 42.13
CA ALA B 296 -39.80 -53.48 41.87
C ALA B 296 -41.22 -54.06 42.21
N VAL B 297 -41.79 -54.78 41.24
CA VAL B 297 -43.10 -55.47 41.41
C VAL B 297 -43.10 -56.50 42.56
N PRO B 298 -43.78 -56.19 43.68
CA PRO B 298 -43.73 -57.05 44.90
C PRO B 298 -44.16 -58.50 44.61
N GLU B 299 -43.61 -59.43 45.38
CA GLU B 299 -43.55 -60.84 44.97
C GLU B 299 -44.85 -61.63 45.03
N ASN B 300 -45.51 -61.62 46.19
CA ASN B 300 -46.76 -62.41 46.33
C ASN B 300 -48.07 -61.61 46.12
N LEU B 301 -48.30 -61.24 44.85
CA LEU B 301 -49.52 -60.63 44.33
C LEU B 301 -50.45 -61.72 43.91
N PRO B 302 -51.71 -61.62 44.32
CA PRO B 302 -52.75 -62.57 43.90
C PRO B 302 -52.99 -62.39 42.43
N PRO B 303 -53.53 -63.38 41.72
CA PRO B 303 -53.78 -63.12 40.30
C PRO B 303 -54.93 -62.15 40.07
N LEU B 304 -54.89 -61.51 38.91
CA LEU B 304 -55.93 -60.51 38.56
C LEU B 304 -57.24 -61.18 38.20
N THR B 305 -57.15 -62.47 37.91
CA THR B 305 -58.33 -63.21 37.48
C THR B 305 -59.29 -63.41 38.64
N ALA B 306 -58.76 -63.60 39.83
CA ALA B 306 -59.56 -63.87 41.02
C ALA B 306 -60.53 -62.68 41.28
N ASP B 307 -60.02 -61.47 41.60
CA ASP B 307 -60.88 -60.31 41.94
C ASP B 307 -61.72 -59.75 40.85
N PHE B 308 -61.26 -59.87 39.59
CA PHE B 308 -61.98 -59.26 38.47
C PHE B 308 -62.82 -60.26 37.60
N ALA B 309 -62.44 -61.54 37.63
CA ALA B 309 -63.05 -62.46 36.68
C ALA B 309 -63.82 -63.63 37.34
N GLU B 310 -63.35 -64.11 38.48
CA GLU B 310 -64.02 -65.23 39.16
C GLU B 310 -64.96 -64.75 40.25
N ASP B 311 -64.54 -63.77 41.05
CA ASP B 311 -65.40 -63.20 42.15
C ASP B 311 -66.87 -63.16 41.65
N LYS B 312 -67.81 -63.46 42.55
CA LYS B 312 -69.17 -63.71 42.10
C LYS B 312 -70.00 -62.52 42.45
N GLU B 313 -69.28 -61.46 42.78
CA GLU B 313 -69.86 -60.20 43.19
C GLU B 313 -69.32 -59.09 42.28
N VAL B 314 -68.69 -59.48 41.18
CA VAL B 314 -68.08 -58.53 40.31
C VAL B 314 -69.12 -57.46 39.87
N CYS B 315 -70.23 -57.86 39.30
CA CYS B 315 -71.24 -56.88 38.92
C CYS B 315 -71.81 -56.00 40.07
N LYS B 316 -71.93 -56.56 41.24
CA LYS B 316 -72.47 -55.86 42.35
C LYS B 316 -71.48 -54.69 42.57
N ASN B 317 -70.20 -55.06 42.62
CA ASN B 317 -69.11 -54.15 43.03
C ASN B 317 -68.88 -53.10 42.00
N TYR B 318 -69.25 -53.44 40.79
CA TYR B 318 -69.11 -52.55 39.65
C TYR B 318 -70.24 -51.61 39.80
N GLN B 319 -71.48 -52.14 39.88
CA GLN B 319 -72.68 -51.27 39.97
C GLN B 319 -72.62 -50.29 41.13
N GLU B 320 -72.29 -50.82 42.29
CA GLU B 320 -72.08 -50.00 43.45
C GLU B 320 -71.14 -48.79 43.32
N ALA B 321 -69.94 -48.98 42.73
CA ALA B 321 -68.97 -47.87 42.71
C ALA B 321 -68.10 -47.87 41.48
N LYS B 322 -68.72 -47.73 40.31
CA LYS B 322 -68.05 -47.93 39.02
C LYS B 322 -66.71 -47.25 39.01
N ASP B 323 -66.69 -45.95 39.21
CA ASP B 323 -65.43 -45.20 39.25
C ASP B 323 -64.35 -45.84 40.10
N VAL B 324 -64.65 -46.07 41.38
CA VAL B 324 -63.76 -46.79 42.30
C VAL B 324 -63.32 -48.12 41.70
N PHE B 325 -64.27 -49.03 41.59
CA PHE B 325 -63.93 -50.35 41.11
C PHE B 325 -62.90 -50.32 39.96
N LEU B 326 -63.26 -49.61 38.88
CA LEU B 326 -62.47 -49.54 37.64
C LEU B 326 -61.12 -48.97 37.86
N GLY B 327 -60.98 -48.20 38.94
CA GLY B 327 -59.74 -47.48 39.17
C GLY B 327 -58.88 -48.51 39.86
N SER B 328 -59.55 -49.29 40.67
CA SER B 328 -58.90 -50.42 41.37
C SER B 328 -58.32 -51.33 40.32
N PHE B 329 -59.15 -51.67 39.32
CA PHE B 329 -58.77 -52.55 38.24
C PHE B 329 -57.50 -52.01 37.59
N LEU B 330 -57.50 -50.70 37.34
CA LEU B 330 -56.41 -50.05 36.59
C LEU B 330 -55.12 -50.13 37.35
N TYR B 331 -55.19 -49.79 38.62
CA TYR B 331 -54.02 -49.82 39.51
C TYR B 331 -53.48 -51.26 39.69
N GLU B 332 -54.37 -52.21 39.86
CA GLU B 332 -53.91 -53.57 40.03
C GLU B 332 -53.30 -54.10 38.74
N TYR B 333 -53.95 -53.76 37.62
CA TYR B 333 -53.44 -54.20 36.31
C TYR B 333 -52.12 -53.48 36.00
N SER B 334 -52.07 -52.17 36.29
CA SER B 334 -50.84 -51.39 36.06
C SER B 334 -49.66 -51.92 36.91
N ARG B 335 -49.79 -51.87 38.25
CA ARG B 335 -48.65 -52.22 39.10
C ARG B 335 -48.01 -53.60 38.81
N ARG B 336 -48.75 -54.46 38.11
CA ARG B 336 -48.30 -55.82 37.79
C ARG B 336 -47.73 -55.84 36.44
N HIS B 337 -47.71 -54.71 35.74
CA HIS B 337 -47.23 -54.74 34.33
C HIS B 337 -46.38 -53.53 33.89
N PRO B 338 -45.16 -53.35 34.46
CA PRO B 338 -44.40 -52.15 34.11
C PRO B 338 -43.85 -52.13 32.70
N GLU B 339 -44.23 -53.12 31.91
CA GLU B 339 -43.73 -53.23 30.57
C GLU B 339 -44.82 -52.76 29.62
N TYR B 340 -45.99 -52.43 30.17
CA TYR B 340 -47.02 -51.88 29.31
C TYR B 340 -46.94 -50.36 29.25
N ALA B 341 -47.38 -49.81 28.11
CA ALA B 341 -47.42 -48.40 27.81
C ALA B 341 -48.67 -47.98 28.53
N VAL B 342 -48.56 -46.90 29.36
CA VAL B 342 -49.70 -46.38 30.11
C VAL B 342 -50.93 -46.26 29.20
N SER B 343 -50.73 -45.84 27.95
CA SER B 343 -51.85 -45.79 26.97
C SER B 343 -52.49 -47.18 26.72
N VAL B 344 -51.71 -48.25 26.72
CA VAL B 344 -52.32 -49.59 26.56
C VAL B 344 -53.11 -49.99 27.82
N LEU B 345 -52.67 -49.54 28.98
CA LEU B 345 -53.30 -49.92 30.19
C LEU B 345 -54.71 -49.31 30.24
N LEU B 346 -54.84 -48.15 29.62
CA LEU B 346 -56.07 -47.38 29.73
C LEU B 346 -57.05 -48.01 28.77
N ARG B 347 -56.49 -48.52 27.68
CA ARG B 347 -57.34 -49.24 26.75
C ARG B 347 -57.98 -50.52 27.38
N LEU B 348 -57.22 -51.21 28.23
CA LEU B 348 -57.69 -52.43 28.86
C LEU B 348 -58.78 -52.08 29.81
N ALA B 349 -58.46 -51.17 30.73
CA ALA B 349 -59.48 -50.66 31.59
C ALA B 349 -60.76 -50.29 30.87
N LYS B 350 -60.68 -49.75 29.67
CA LYS B 350 -61.88 -49.33 29.02
C LYS B 350 -62.58 -50.52 28.38
N GLU B 351 -61.79 -51.43 27.90
CA GLU B 351 -62.40 -52.60 27.36
C GLU B 351 -62.89 -53.41 28.52
N TYR B 352 -62.28 -53.24 29.70
CA TYR B 352 -62.79 -54.08 30.78
C TYR B 352 -64.17 -53.58 31.19
N GLU B 353 -64.32 -52.27 31.31
CA GLU B 353 -65.56 -51.64 31.65
C GLU B 353 -66.63 -52.10 30.69
N ALA B 354 -66.33 -52.05 29.38
CA ALA B 354 -67.32 -52.31 28.35
C ALA B 354 -67.82 -53.72 28.31
N THR B 355 -66.98 -54.63 28.76
CA THR B 355 -67.37 -56.05 28.82
C THR B 355 -68.39 -56.25 29.91
N LEU B 356 -68.13 -55.59 31.02
CA LEU B 356 -68.99 -55.58 32.18
C LEU B 356 -70.35 -54.98 31.87
N GLU B 357 -70.38 -54.01 30.98
CA GLU B 357 -71.52 -53.12 30.93
C GLU B 357 -72.48 -53.91 30.12
N ASP B 358 -71.90 -54.90 29.43
CA ASP B 358 -72.60 -55.87 28.64
C ASP B 358 -72.95 -57.06 29.48
N CYS B 359 -71.98 -57.66 30.17
CA CYS B 359 -72.17 -58.96 30.76
C CYS B 359 -73.15 -58.85 31.95
N CYS B 360 -72.85 -57.96 32.88
CA CYS B 360 -73.64 -57.72 34.05
C CYS B 360 -75.12 -57.46 33.80
N ALA B 361 -75.52 -57.29 32.54
CA ALA B 361 -76.94 -57.13 32.14
C ALA B 361 -77.55 -58.41 31.68
N LYS B 362 -76.75 -59.38 31.27
CA LYS B 362 -77.24 -60.68 30.78
C LYS B 362 -77.50 -61.48 32.04
N GLU B 363 -78.46 -62.38 32.04
CA GLU B 363 -78.55 -63.35 33.13
C GLU B 363 -77.25 -64.12 33.15
N ASP B 364 -76.83 -64.59 34.32
CA ASP B 364 -75.53 -65.30 34.41
C ASP B 364 -74.41 -64.53 33.71
N PRO B 365 -74.06 -63.35 34.25
CA PRO B 365 -72.89 -62.63 33.78
C PRO B 365 -71.55 -63.41 33.83
N HIS B 366 -71.23 -64.14 34.91
CA HIS B 366 -69.89 -64.75 35.13
C HIS B 366 -69.51 -65.64 33.94
N ALA B 367 -70.52 -66.25 33.35
CA ALA B 367 -70.28 -67.06 32.16
C ALA B 367 -69.98 -66.24 30.88
N CYS B 368 -70.12 -64.91 30.94
CA CYS B 368 -69.93 -64.05 29.78
C CYS B 368 -68.64 -63.26 29.93
N TYR B 369 -68.19 -63.04 31.18
CA TYR B 369 -67.03 -62.20 31.50
C TYR B 369 -65.86 -62.92 32.15
N ALA B 370 -65.86 -64.23 32.04
CA ALA B 370 -64.85 -65.01 32.74
C ALA B 370 -63.60 -65.24 31.89
N THR B 371 -63.75 -65.04 30.57
CA THR B 371 -62.65 -65.09 29.56
C THR B 371 -62.14 -63.68 29.22
N VAL B 372 -62.74 -62.71 29.90
CA VAL B 372 -62.35 -61.31 29.64
C VAL B 372 -60.81 -61.11 29.53
N PHE B 373 -60.06 -61.59 30.50
CA PHE B 373 -58.59 -61.48 30.45
C PHE B 373 -57.99 -62.16 29.26
N ASP B 374 -58.72 -63.10 28.67
CA ASP B 374 -58.26 -63.75 27.45
C ASP B 374 -58.40 -62.94 26.16
N LYS B 375 -59.35 -62.02 26.13
CA LYS B 375 -59.45 -61.08 25.03
C LYS B 375 -58.41 -59.95 25.21
N LEU B 376 -58.38 -59.43 26.43
CA LEU B 376 -57.54 -58.28 26.75
C LEU B 376 -56.05 -58.48 26.44
N LYS B 377 -55.53 -59.70 26.60
CA LYS B 377 -54.14 -59.99 26.21
C LYS B 377 -53.98 -59.72 24.72
N HIS B 378 -54.95 -60.21 23.95
CA HIS B 378 -55.02 -59.98 22.49
C HIS B 378 -55.10 -58.49 22.07
N LEU B 379 -55.32 -57.58 23.00
CA LEU B 379 -55.38 -56.17 22.62
C LEU B 379 -54.06 -55.51 22.91
N VAL B 380 -53.15 -56.27 23.52
CA VAL B 380 -51.78 -55.83 23.77
C VAL B 380 -50.85 -56.31 22.63
N ASP B 381 -51.17 -57.42 21.98
CA ASP B 381 -50.31 -57.89 20.89
C ASP B 381 -50.25 -56.87 19.74
N GLU B 382 -51.41 -56.32 19.32
CA GLU B 382 -51.50 -55.41 18.16
C GLU B 382 -50.42 -54.27 18.16
N PRO B 383 -50.38 -53.46 19.24
CA PRO B 383 -49.38 -52.43 19.29
C PRO B 383 -48.01 -52.97 19.43
N GLN B 384 -47.87 -54.18 19.96
CA GLN B 384 -46.52 -54.69 20.01
C GLN B 384 -46.05 -54.92 18.58
N ASN B 385 -46.93 -55.48 17.75
CA ASN B 385 -46.48 -55.84 16.41
C ASN B 385 -46.26 -54.61 15.55
N LEU B 386 -47.12 -53.60 15.67
CA LEU B 386 -46.77 -52.36 14.97
C LEU B 386 -45.47 -51.74 15.48
N ILE B 387 -45.16 -51.93 16.76
CA ILE B 387 -43.87 -51.38 17.18
C ILE B 387 -42.73 -52.06 16.50
N LYS B 388 -42.74 -53.41 16.52
CA LYS B 388 -41.74 -54.22 15.89
C LYS B 388 -41.55 -53.88 14.41
N LYS B 389 -42.62 -54.02 13.65
CA LYS B 389 -42.63 -53.72 12.25
C LYS B 389 -42.11 -52.28 11.88
N ASN B 390 -42.49 -51.26 12.64
CA ASN B 390 -41.87 -49.98 12.40
C ASN B 390 -40.39 -49.93 12.86
N CYS B 391 -39.95 -50.65 13.91
CA CYS B 391 -38.46 -50.59 14.26
C CYS B 391 -37.56 -51.31 13.27
N GLU B 392 -38.03 -52.41 12.71
CA GLU B 392 -37.34 -53.05 11.63
C GLU B 392 -37.29 -52.08 10.50
N LEU B 393 -38.37 -51.32 10.23
CA LEU B 393 -38.24 -50.41 9.07
C LEU B 393 -37.10 -49.38 9.27
N PHE B 394 -37.21 -48.65 10.35
CA PHE B 394 -36.12 -47.86 10.91
C PHE B 394 -34.76 -48.49 10.75
N GLU B 395 -34.60 -49.71 11.25
CA GLU B 395 -33.33 -50.43 11.21
C GLU B 395 -32.68 -50.46 9.86
N LYS B 396 -33.47 -50.71 8.81
CA LYS B 396 -32.83 -50.92 7.53
C LYS B 396 -32.73 -49.64 6.72
N HIS B 397 -33.60 -48.70 6.96
CA HIS B 397 -33.48 -47.50 6.19
C HIS B 397 -32.72 -46.42 6.85
N GLY B 398 -32.70 -46.45 8.20
CA GLY B 398 -32.13 -45.35 9.01
C GLY B 398 -33.12 -44.23 9.26
N GLU B 399 -32.73 -43.31 10.14
CA GLU B 399 -33.70 -42.39 10.67
C GLU B 399 -34.35 -41.63 9.57
N TYR B 400 -33.54 -41.12 8.62
CA TYR B 400 -33.97 -40.16 7.56
C TYR B 400 -34.90 -40.93 6.65
N GLY B 401 -34.42 -41.99 6.04
CA GLY B 401 -35.32 -42.88 5.23
C GLY B 401 -36.63 -43.22 5.93
N PHE B 402 -36.53 -43.56 7.21
CA PHE B 402 -37.69 -43.85 8.03
C PHE B 402 -38.66 -42.68 8.00
N GLN B 403 -38.14 -41.46 8.24
CA GLN B 403 -39.01 -40.29 8.29
C GLN B 403 -39.76 -40.05 6.96
N ASN B 404 -39.09 -40.45 5.88
CA ASN B 404 -39.51 -40.12 4.54
C ASN B 404 -40.72 -40.98 4.25
N ALA B 405 -40.53 -42.26 4.57
CA ALA B 405 -41.57 -43.24 4.63
C ALA B 405 -42.74 -42.82 5.58
N LEU B 406 -42.46 -42.10 6.66
CA LEU B 406 -43.64 -41.69 7.36
C LEU B 406 -44.29 -40.54 6.67
N ILE B 407 -43.50 -39.85 5.88
CA ILE B 407 -44.06 -38.76 5.09
C ILE B 407 -45.06 -39.29 4.05
N VAL B 408 -44.63 -40.23 3.21
CA VAL B 408 -45.53 -40.98 2.33
C VAL B 408 -46.80 -41.39 3.09
N ARG B 409 -46.68 -42.06 4.22
CA ARG B 409 -47.88 -42.50 5.01
C ARG B 409 -48.74 -41.34 5.53
N TYR B 410 -48.18 -40.44 6.32
CA TYR B 410 -49.07 -39.41 6.87
C TYR B 410 -49.51 -38.40 5.83
N THR B 411 -48.96 -38.45 4.63
CA THR B 411 -49.41 -37.46 3.68
C THR B 411 -50.57 -38.09 2.94
N ARG B 412 -50.44 -39.40 2.70
CA ARG B 412 -51.56 -40.22 2.27
C ARG B 412 -52.65 -40.22 3.35
N LYS B 413 -52.27 -40.18 4.65
CA LYS B 413 -53.34 -40.16 5.68
C LYS B 413 -54.25 -38.86 5.69
N ALA B 414 -53.58 -37.71 5.66
CA ALA B 414 -54.22 -36.40 5.71
C ALA B 414 -53.52 -35.35 4.87
N PRO B 415 -53.69 -35.39 3.53
CA PRO B 415 -53.04 -34.39 2.65
C PRO B 415 -53.63 -32.94 2.82
N GLN B 416 -54.80 -32.83 3.41
CA GLN B 416 -55.37 -31.47 3.61
C GLN B 416 -54.51 -30.80 4.67
N VAL B 417 -53.70 -31.60 5.37
CA VAL B 417 -52.81 -31.05 6.42
C VAL B 417 -51.68 -30.16 5.85
N SER B 418 -51.40 -29.05 6.54
CA SER B 418 -50.34 -28.13 6.11
C SER B 418 -48.99 -28.85 6.06
N THR B 419 -48.20 -28.52 5.04
CA THR B 419 -46.89 -29.15 4.77
C THR B 419 -45.84 -29.01 5.89
N PRO B 420 -45.71 -27.80 6.47
CA PRO B 420 -44.83 -27.65 7.64
C PRO B 420 -45.19 -28.55 8.82
N THR B 421 -46.49 -28.76 9.06
CA THR B 421 -46.96 -29.71 10.10
C THR B 421 -46.62 -31.14 9.67
N LEU B 422 -47.03 -31.54 8.45
CA LEU B 422 -46.82 -32.91 7.97
C LEU B 422 -45.36 -33.30 8.16
N VAL B 423 -44.48 -32.36 7.82
CA VAL B 423 -43.08 -32.59 7.98
C VAL B 423 -42.61 -32.54 9.45
N GLU B 424 -43.21 -31.72 10.30
CA GLU B 424 -42.68 -31.78 11.63
C GLU B 424 -43.10 -33.13 12.20
N ILE B 425 -44.40 -33.46 12.03
CA ILE B 425 -44.97 -34.58 12.72
C ILE B 425 -44.21 -35.85 12.33
N SER B 426 -44.06 -36.03 11.03
CA SER B 426 -43.39 -37.15 10.47
C SER B 426 -41.95 -37.11 10.87
N ARG B 427 -41.38 -35.96 11.10
CA ARG B 427 -39.98 -35.92 11.43
C ARG B 427 -39.83 -36.50 12.83
N SER B 428 -40.79 -36.15 13.71
CA SER B 428 -40.76 -36.52 15.16
C SER B 428 -41.16 -38.01 15.28
N LEU B 429 -42.20 -38.36 14.55
CA LEU B 429 -42.56 -39.72 14.47
C LEU B 429 -41.34 -40.61 14.06
N GLY B 430 -40.53 -40.23 13.09
CA GLY B 430 -39.32 -41.05 12.76
C GLY B 430 -38.24 -41.01 13.84
N LYS B 431 -38.21 -39.97 14.65
CA LYS B 431 -37.20 -39.86 15.67
C LYS B 431 -37.49 -40.94 16.79
N VAL B 432 -38.69 -41.50 16.75
CA VAL B 432 -39.14 -42.32 17.83
C VAL B 432 -38.36 -43.60 17.77
N GLY B 433 -38.16 -44.07 16.56
CA GLY B 433 -37.48 -45.34 16.36
C GLY B 433 -36.03 -45.18 16.81
N THR B 434 -35.45 -43.98 16.64
CA THR B 434 -34.16 -43.72 17.29
C THR B 434 -34.25 -43.78 18.81
N LYS B 435 -35.27 -43.16 19.40
CA LYS B 435 -35.29 -43.08 20.86
C LYS B 435 -35.62 -44.44 21.52
N CYS B 436 -36.16 -45.39 20.74
CA CYS B 436 -36.82 -46.49 21.39
C CYS B 436 -36.36 -47.86 20.94
N CYS B 437 -35.87 -47.94 19.71
CA CYS B 437 -35.80 -49.22 19.08
C CYS B 437 -34.62 -49.99 19.61
N ALA B 438 -33.68 -49.30 20.26
CA ALA B 438 -32.53 -50.00 20.87
C ALA B 438 -32.74 -50.26 22.33
N LYS B 439 -33.88 -49.82 22.85
CA LYS B 439 -34.20 -49.98 24.24
C LYS B 439 -34.47 -51.46 24.60
N PRO B 440 -34.02 -51.90 25.79
CA PRO B 440 -34.30 -53.30 26.07
C PRO B 440 -35.78 -53.61 25.80
N GLU B 441 -36.01 -54.72 25.11
CA GLU B 441 -37.32 -55.25 24.72
C GLU B 441 -38.45 -54.99 25.72
N SER B 442 -38.14 -55.03 27.01
CA SER B 442 -39.21 -54.81 28.01
C SER B 442 -39.78 -53.37 28.06
N GLU B 443 -38.90 -52.35 27.92
CA GLU B 443 -39.33 -50.94 27.91
C GLU B 443 -39.56 -50.33 26.53
N ARG B 444 -39.50 -51.12 25.48
CA ARG B 444 -39.69 -50.63 24.15
C ARG B 444 -41.07 -49.97 23.97
N MET B 445 -42.11 -50.71 24.33
CA MET B 445 -43.46 -50.25 24.10
C MET B 445 -43.85 -49.04 24.96
N PRO B 446 -43.62 -49.08 26.28
CA PRO B 446 -43.90 -47.78 26.96
C PRO B 446 -43.31 -46.59 26.18
N CYS B 447 -41.99 -46.66 25.92
CA CYS B 447 -41.22 -45.64 25.20
C CYS B 447 -42.00 -45.33 23.92
N THR B 448 -42.19 -46.34 23.09
CA THR B 448 -42.74 -46.03 21.81
C THR B 448 -44.12 -45.41 21.91
N GLU B 449 -44.94 -45.87 22.87
CA GLU B 449 -46.30 -45.43 22.91
C GLU B 449 -46.41 -44.12 23.63
N ASP B 450 -45.62 -43.95 24.67
CA ASP B 450 -45.49 -42.67 25.30
C ASP B 450 -45.22 -41.62 24.25
N TYR B 451 -44.26 -41.85 23.34
CA TYR B 451 -43.86 -40.72 22.43
C TYR B 451 -44.95 -40.40 21.44
N LEU B 452 -45.60 -41.47 20.98
CA LEU B 452 -46.72 -41.38 20.03
C LEU B 452 -47.83 -40.54 20.63
N SER B 453 -48.14 -40.70 21.91
CA SER B 453 -49.19 -39.88 22.48
C SER B 453 -48.81 -38.44 22.30
N LEU B 454 -47.55 -38.15 22.53
CA LEU B 454 -47.18 -36.77 22.71
C LEU B 454 -47.22 -36.11 21.38
N ILE B 455 -46.94 -36.82 20.31
CA ILE B 455 -46.68 -36.17 19.02
C ILE B 455 -47.94 -35.98 18.26
N LEU B 456 -48.78 -37.00 18.29
CA LEU B 456 -50.15 -36.96 17.79
C LEU B 456 -50.89 -35.91 18.54
N ASN B 457 -50.71 -35.85 19.86
CA ASN B 457 -51.26 -34.69 20.57
C ASN B 457 -50.81 -33.40 19.90
N ARG B 458 -49.55 -33.40 19.44
CA ARG B 458 -48.95 -32.17 18.87
C ARG B 458 -49.68 -31.92 17.53
N LEU B 459 -49.84 -32.95 16.71
CA LEU B 459 -50.73 -32.75 15.56
C LEU B 459 -52.07 -32.15 16.01
N CYS B 460 -52.73 -32.74 17.02
CA CYS B 460 -54.11 -32.27 17.40
C CYS B 460 -54.14 -30.83 17.96
N VAL B 461 -53.08 -30.41 18.65
CA VAL B 461 -52.98 -29.00 18.94
C VAL B 461 -52.90 -28.13 17.65
N LEU B 462 -51.89 -28.30 16.83
CA LEU B 462 -51.79 -27.49 15.60
C LEU B 462 -53.03 -27.60 14.78
N HIS B 463 -53.57 -28.80 14.68
CA HIS B 463 -54.66 -29.00 13.77
C HIS B 463 -55.89 -28.30 14.21
N GLU B 464 -56.12 -28.24 15.52
CA GLU B 464 -57.37 -27.69 16.03
C GLU B 464 -57.49 -26.21 15.78
N LYS B 465 -56.37 -25.50 15.64
CA LYS B 465 -56.44 -24.05 15.44
C LYS B 465 -56.83 -23.64 14.00
N THR B 466 -56.65 -24.55 13.04
CA THR B 466 -57.25 -24.34 11.72
C THR B 466 -57.51 -25.69 11.08
N PRO B 467 -58.74 -26.24 11.30
CA PRO B 467 -59.06 -27.63 10.87
C PRO B 467 -59.34 -27.79 9.40
N VAL B 468 -58.55 -28.66 8.76
CA VAL B 468 -58.72 -29.01 7.33
C VAL B 468 -59.11 -30.46 7.02
N SER B 469 -58.46 -31.43 7.62
CA SER B 469 -58.86 -32.79 7.30
C SER B 469 -59.97 -33.11 8.29
N GLU B 470 -60.98 -33.83 7.86
CA GLU B 470 -62.08 -34.07 8.77
C GLU B 470 -61.77 -35.31 9.60
N LYS B 471 -61.10 -36.24 8.95
CA LYS B 471 -60.90 -37.58 9.44
C LYS B 471 -59.73 -37.54 10.38
N VAL B 472 -59.22 -36.33 10.57
CA VAL B 472 -58.11 -36.03 11.47
C VAL B 472 -58.75 -35.44 12.67
N THR B 473 -59.79 -34.67 12.40
CA THR B 473 -60.50 -34.05 13.50
C THR B 473 -61.29 -35.07 14.30
N LYS B 474 -61.89 -36.06 13.63
CA LYS B 474 -62.46 -37.22 14.34
C LYS B 474 -61.45 -37.85 15.33
N CYS B 475 -60.32 -38.36 14.78
CA CYS B 475 -59.32 -39.02 15.60
C CYS B 475 -58.88 -38.15 16.76
N CYS B 476 -58.91 -36.85 16.57
CA CYS B 476 -58.43 -35.95 17.63
C CYS B 476 -59.43 -35.69 18.70
N THR B 477 -60.70 -35.97 18.39
CA THR B 477 -61.79 -35.57 19.25
C THR B 477 -62.41 -36.78 19.93
N GLU B 478 -62.40 -37.95 19.27
CA GLU B 478 -62.91 -39.17 19.96
C GLU B 478 -61.96 -39.43 21.18
N SER B 479 -62.24 -40.40 22.09
CA SER B 479 -61.30 -40.57 23.25
C SER B 479 -59.81 -40.57 22.97
N LEU B 480 -59.11 -39.77 23.79
CA LEU B 480 -57.65 -39.87 23.98
C LEU B 480 -57.18 -41.27 23.88
N VAL B 481 -57.80 -42.15 24.66
CA VAL B 481 -57.30 -43.48 24.82
C VAL B 481 -57.11 -44.14 23.44
N ASN B 482 -57.94 -43.74 22.50
CA ASN B 482 -57.99 -44.34 21.19
C ASN B 482 -57.20 -43.71 20.08
N ARG B 483 -56.58 -42.58 20.36
CA ARG B 483 -55.93 -41.80 19.33
C ARG B 483 -54.87 -42.62 18.60
N ARG B 484 -53.98 -43.22 19.37
CA ARG B 484 -52.90 -43.88 18.69
C ARG B 484 -53.39 -44.78 17.54
N PRO B 485 -54.24 -45.77 17.84
CA PRO B 485 -54.85 -46.72 16.88
C PRO B 485 -55.73 -46.09 15.82
N CYS B 486 -56.54 -45.13 16.24
CA CYS B 486 -57.33 -44.34 15.27
C CYS B 486 -56.45 -43.90 14.12
N PHE B 487 -55.48 -43.00 14.38
CA PHE B 487 -54.63 -42.44 13.32
C PHE B 487 -53.96 -43.52 12.54
N SER B 488 -53.53 -44.53 13.29
CA SER B 488 -52.85 -45.72 12.75
C SER B 488 -53.74 -46.40 11.80
N ASP B 489 -55.04 -46.38 12.06
CA ASP B 489 -56.06 -46.93 11.17
C ASP B 489 -56.33 -46.19 9.85
N LEU B 490 -56.19 -44.88 9.88
CA LEU B 490 -56.45 -44.06 8.69
C LEU B 490 -55.70 -44.46 7.42
N THR B 491 -56.48 -44.70 6.38
CA THR B 491 -55.89 -45.04 5.09
C THR B 491 -55.57 -43.78 4.32
N LEU B 492 -55.28 -43.91 3.04
CA LEU B 492 -55.12 -42.74 2.14
C LEU B 492 -56.47 -42.17 1.79
N ASP B 493 -56.63 -40.87 2.01
CA ASP B 493 -57.89 -40.14 1.82
C ASP B 493 -58.23 -39.87 0.36
N GLU B 494 -59.37 -40.43 -0.04
CA GLU B 494 -59.85 -40.46 -1.42
C GLU B 494 -60.83 -39.34 -1.69
N THR B 495 -61.37 -38.78 -0.61
CA THR B 495 -62.10 -37.49 -0.60
C THR B 495 -61.29 -36.39 -1.23
N TYR B 496 -59.99 -36.48 -1.02
CA TYR B 496 -59.09 -35.39 -1.27
C TYR B 496 -58.87 -35.14 -2.74
N VAL B 497 -59.25 -33.92 -3.14
CA VAL B 497 -59.08 -33.53 -4.52
C VAL B 497 -57.57 -33.48 -4.56
N PRO B 498 -56.97 -34.00 -5.70
CA PRO B 498 -55.52 -33.82 -5.89
C PRO B 498 -55.38 -32.39 -6.40
N LYS B 499 -55.70 -31.41 -5.52
CA LYS B 499 -55.99 -30.02 -5.91
C LYS B 499 -54.71 -29.23 -6.13
N PRO B 500 -54.03 -29.41 -7.29
CA PRO B 500 -53.06 -28.35 -7.56
C PRO B 500 -53.75 -27.19 -8.30
N PHE B 501 -53.96 -26.06 -7.60
CA PHE B 501 -54.35 -24.81 -8.26
C PHE B 501 -53.17 -24.40 -9.20
N ASP B 502 -53.39 -23.38 -10.05
CA ASP B 502 -52.34 -22.96 -10.98
C ASP B 502 -51.01 -22.39 -10.36
N GLY B 503 -51.11 -21.35 -9.53
CA GLY B 503 -49.90 -20.56 -9.17
C GLY B 503 -48.60 -21.29 -8.85
N GLU B 504 -48.67 -22.14 -7.81
CA GLU B 504 -47.50 -22.63 -7.06
C GLU B 504 -47.02 -24.06 -7.38
N SER B 505 -45.69 -24.22 -7.42
CA SER B 505 -45.01 -25.53 -7.27
C SER B 505 -43.59 -25.26 -6.80
N PHE B 506 -43.22 -25.75 -5.62
CA PHE B 506 -41.99 -25.31 -4.93
C PHE B 506 -40.64 -25.84 -5.48
N THR B 507 -39.59 -25.02 -5.31
CA THR B 507 -38.27 -25.20 -5.95
C THR B 507 -37.08 -25.29 -4.96
N PHE B 508 -36.02 -26.01 -5.35
CA PHE B 508 -34.76 -26.07 -4.61
C PHE B 508 -33.89 -24.84 -4.92
N HIS B 509 -33.03 -24.46 -3.96
CA HIS B 509 -32.17 -23.27 -4.08
C HIS B 509 -30.84 -23.48 -3.36
N ALA B 510 -29.86 -22.65 -3.69
CA ALA B 510 -28.45 -22.90 -3.33
C ALA B 510 -28.10 -22.87 -1.83
N ASP B 511 -29.09 -22.53 -1.00
CA ASP B 511 -28.89 -22.49 0.45
C ASP B 511 -28.79 -23.89 0.83
N ILE B 512 -29.44 -24.71 -0.01
CA ILE B 512 -29.49 -26.15 0.28
C ILE B 512 -28.07 -26.70 0.45
N CYS B 513 -27.07 -25.97 -0.03
CA CYS B 513 -25.66 -26.40 0.09
C CYS B 513 -24.84 -26.00 1.34
N THR B 514 -25.22 -24.88 1.98
CA THR B 514 -24.53 -24.21 3.09
C THR B 514 -25.09 -24.86 4.34
N LEU B 515 -26.34 -25.30 4.25
CA LEU B 515 -27.21 -25.53 5.40
C LEU B 515 -26.84 -26.74 6.23
N PRO B 516 -27.05 -26.69 7.57
CA PRO B 516 -26.71 -27.87 8.38
C PRO B 516 -27.55 -29.09 7.95
N ASP B 517 -27.03 -30.27 8.17
CA ASP B 517 -27.69 -31.47 7.69
C ASP B 517 -29.22 -31.45 7.93
N THR B 518 -29.63 -31.08 9.12
CA THR B 518 -31.06 -31.10 9.45
C THR B 518 -31.92 -30.21 8.57
N GLU B 519 -31.48 -28.98 8.34
CA GLU B 519 -32.20 -28.12 7.41
C GLU B 519 -32.23 -28.62 5.97
N LYS B 520 -31.12 -29.18 5.49
CA LYS B 520 -31.24 -29.82 4.19
C LYS B 520 -32.42 -30.87 4.15
N GLN B 521 -32.56 -31.73 5.17
CA GLN B 521 -33.59 -32.78 5.15
C GLN B 521 -35.03 -32.26 5.05
N ILE B 522 -35.30 -31.31 5.91
CA ILE B 522 -36.51 -30.52 5.93
C ILE B 522 -36.91 -29.98 4.58
N LYS B 523 -35.90 -29.61 3.78
CA LYS B 523 -36.07 -29.12 2.40
C LYS B 523 -36.48 -30.17 1.46
N LYS B 524 -35.76 -31.32 1.37
CA LYS B 524 -36.23 -32.38 0.46
C LYS B 524 -37.46 -32.96 1.07
N GLN B 525 -37.51 -33.14 2.37
CA GLN B 525 -38.75 -33.64 2.91
C GLN B 525 -39.96 -32.75 2.54
N THR B 526 -39.69 -31.44 2.56
CA THR B 526 -40.79 -30.58 2.11
C THR B 526 -41.21 -30.87 0.68
N ALA B 527 -40.26 -31.26 -0.13
CA ALA B 527 -40.60 -31.37 -1.51
C ALA B 527 -41.38 -32.69 -1.71
N LEU B 528 -40.90 -33.78 -1.09
CA LEU B 528 -41.67 -35.03 -0.99
C LEU B 528 -43.13 -34.83 -0.69
N VAL B 529 -43.45 -34.05 0.36
CA VAL B 529 -44.83 -33.81 0.75
C VAL B 529 -45.58 -33.12 -0.39
N GLU B 530 -45.06 -31.98 -0.81
CA GLU B 530 -45.70 -31.23 -1.90
C GLU B 530 -45.83 -32.14 -3.04
N LEU B 531 -44.85 -33.01 -3.17
CA LEU B 531 -44.83 -33.88 -4.30
C LEU B 531 -46.10 -34.59 -4.26
N LEU B 532 -46.42 -35.18 -3.11
CA LEU B 532 -47.61 -35.99 -3.02
C LEU B 532 -48.95 -35.22 -3.18
N LYS B 533 -48.98 -33.94 -2.82
CA LYS B 533 -50.25 -33.28 -2.91
C LYS B 533 -50.62 -33.03 -4.40
N HIS B 534 -49.64 -32.68 -5.23
CA HIS B 534 -49.81 -32.63 -6.69
C HIS B 534 -50.16 -34.04 -7.26
N LYS B 535 -49.51 -35.10 -6.76
CA LYS B 535 -49.75 -36.46 -7.30
C LYS B 535 -50.06 -37.51 -6.26
N PRO B 536 -51.21 -37.33 -5.58
CA PRO B 536 -51.73 -38.15 -4.47
C PRO B 536 -51.56 -39.67 -4.61
N LYS B 537 -52.06 -40.24 -5.68
CA LYS B 537 -51.86 -41.64 -5.86
C LYS B 537 -50.58 -41.69 -6.65
N ALA B 538 -49.67 -42.57 -6.23
CA ALA B 538 -48.33 -42.58 -6.78
C ALA B 538 -47.62 -43.86 -6.44
N THR B 539 -46.83 -44.38 -7.37
CA THR B 539 -46.18 -45.65 -7.13
C THR B 539 -45.18 -45.45 -6.02
N ASP B 540 -44.72 -46.54 -5.43
CA ASP B 540 -43.70 -46.40 -4.43
C ASP B 540 -42.34 -46.14 -5.07
N GLU B 541 -42.09 -46.85 -6.19
CA GLU B 541 -40.88 -46.68 -7.05
C GLU B 541 -40.89 -45.35 -7.78
N GLN B 542 -42.08 -44.97 -8.23
CA GLN B 542 -42.30 -43.68 -8.81
C GLN B 542 -41.69 -42.62 -7.86
N LEU B 543 -41.96 -42.72 -6.57
CA LEU B 543 -41.40 -41.76 -5.59
C LEU B 543 -39.97 -42.06 -5.24
N LYS B 544 -39.59 -43.34 -5.18
CA LYS B 544 -38.20 -43.72 -5.01
C LYS B 544 -37.36 -43.25 -6.16
N THR B 545 -37.97 -43.09 -7.33
CA THR B 545 -37.19 -42.70 -8.50
C THR B 545 -36.91 -41.20 -8.50
N VAL B 546 -38.00 -40.44 -8.51
CA VAL B 546 -37.99 -39.01 -8.34
C VAL B 546 -37.03 -38.63 -7.19
N MET B 547 -37.05 -39.44 -6.12
CA MET B 547 -36.24 -39.12 -4.98
C MET B 547 -34.75 -39.12 -5.32
N GLU B 548 -34.33 -39.99 -6.22
CA GLU B 548 -32.93 -40.02 -6.70
C GLU B 548 -32.62 -38.70 -7.42
N ASN B 549 -33.49 -38.36 -8.34
CA ASN B 549 -33.34 -37.15 -9.11
C ASN B 549 -33.15 -35.90 -8.30
N PHE B 550 -33.98 -35.69 -7.27
CA PHE B 550 -33.81 -34.51 -6.37
C PHE B 550 -32.38 -34.46 -5.91
N VAL B 551 -31.90 -35.59 -5.38
CA VAL B 551 -30.53 -35.70 -4.91
C VAL B 551 -29.53 -35.52 -6.06
N ALA B 552 -29.75 -36.16 -7.21
CA ALA B 552 -28.84 -35.93 -8.37
C ALA B 552 -28.65 -34.41 -8.46
N PHE B 553 -29.78 -33.75 -8.74
CA PHE B 553 -29.88 -32.31 -8.92
C PHE B 553 -29.24 -31.43 -7.84
N VAL B 554 -29.28 -31.85 -6.57
CA VAL B 554 -28.67 -31.04 -5.53
C VAL B 554 -27.14 -31.28 -5.49
N ASP B 555 -26.74 -32.55 -5.60
CA ASP B 555 -25.37 -32.98 -5.41
C ASP B 555 -24.59 -32.43 -6.58
N LYS B 556 -25.27 -32.44 -7.71
CA LYS B 556 -24.75 -31.86 -8.90
C LYS B 556 -24.52 -30.38 -8.66
N CYS B 557 -25.60 -29.64 -8.43
CA CYS B 557 -25.52 -28.19 -8.41
C CYS B 557 -24.81 -27.63 -7.20
N CYS B 558 -24.71 -28.40 -6.12
CA CYS B 558 -23.81 -27.98 -5.05
C CYS B 558 -22.29 -28.18 -5.32
N ALA B 559 -21.97 -29.01 -6.31
CA ALA B 559 -20.59 -29.13 -6.78
C ALA B 559 -20.22 -28.01 -7.77
N ALA B 560 -21.21 -27.32 -8.33
CA ALA B 560 -20.96 -26.30 -9.37
C ALA B 560 -20.28 -25.11 -8.77
N ASP B 561 -19.50 -24.45 -9.60
CA ASP B 561 -18.82 -23.28 -9.18
C ASP B 561 -19.85 -22.15 -9.03
N ASP B 562 -20.71 -21.99 -10.04
CA ASP B 562 -21.81 -21.08 -9.88
C ASP B 562 -23.01 -21.86 -9.37
N LYS B 563 -23.33 -21.63 -8.10
CA LYS B 563 -24.37 -22.41 -7.44
C LYS B 563 -25.82 -21.93 -7.58
N GLU B 564 -26.16 -20.68 -7.24
CA GLU B 564 -27.52 -20.18 -7.59
C GLU B 564 -27.69 -20.47 -9.10
N GLY B 565 -26.70 -20.05 -9.90
CA GLY B 565 -26.73 -20.22 -11.35
C GLY B 565 -27.29 -21.56 -11.76
N CYS B 566 -26.76 -22.64 -11.21
CA CYS B 566 -27.08 -24.03 -11.62
C CYS B 566 -28.47 -24.53 -11.20
N PHE B 567 -28.99 -24.03 -10.09
CA PHE B 567 -30.33 -24.37 -9.57
C PHE B 567 -31.44 -23.62 -10.29
N LEU B 568 -31.03 -22.69 -11.15
CA LEU B 568 -31.97 -21.86 -11.89
C LEU B 568 -31.79 -22.09 -13.41
N LEU B 569 -30.79 -22.89 -13.77
CA LEU B 569 -30.54 -23.22 -15.18
C LEU B 569 -31.04 -24.64 -15.44
N GLU B 570 -30.95 -25.46 -14.41
CA GLU B 570 -31.29 -26.86 -14.50
C GLU B 570 -32.46 -27.08 -13.59
N GLY B 571 -33.04 -25.97 -13.15
CA GLY B 571 -34.31 -25.91 -12.44
C GLY B 571 -35.58 -26.52 -13.04
N PRO B 572 -36.08 -25.97 -14.19
CA PRO B 572 -37.38 -26.28 -14.77
C PRO B 572 -37.39 -27.73 -15.16
N LYS B 573 -36.21 -28.16 -15.62
CA LYS B 573 -35.95 -29.53 -16.04
C LYS B 573 -36.37 -30.55 -14.98
N LEU B 574 -36.30 -30.16 -13.70
CA LEU B 574 -36.71 -31.03 -12.58
C LEU B 574 -38.21 -31.28 -12.51
N VAL B 575 -39.02 -30.22 -12.50
CA VAL B 575 -40.48 -30.40 -12.51
C VAL B 575 -40.92 -30.71 -13.92
N ALA B 576 -40.06 -30.42 -14.89
CA ALA B 576 -40.28 -30.94 -16.21
C ALA B 576 -40.07 -32.45 -16.13
N SER B 577 -38.98 -32.86 -15.46
CA SER B 577 -38.71 -34.28 -15.27
C SER B 577 -39.77 -35.00 -14.41
N THR B 578 -40.53 -34.24 -13.63
CA THR B 578 -41.45 -34.81 -12.65
C THR B 578 -42.83 -35.10 -13.22
N GLN B 579 -43.50 -34.04 -13.65
CA GLN B 579 -44.94 -34.08 -13.90
C GLN B 579 -45.27 -34.73 -15.23
N ALA B 580 -44.19 -35.13 -15.90
CA ALA B 580 -44.20 -36.15 -16.96
C ALA B 580 -44.00 -37.52 -16.31
N ALA B 581 -42.88 -37.65 -15.57
CA ALA B 581 -42.54 -38.86 -14.79
C ALA B 581 -43.67 -39.40 -13.89
N LEU B 582 -44.63 -38.53 -13.55
CA LEU B 582 -45.70 -38.82 -12.57
C LEU B 582 -47.11 -39.02 -13.12
N ALA B 583 -47.60 -38.04 -13.88
CA ALA B 583 -48.94 -38.12 -14.46
C ALA B 583 -49.14 -39.41 -15.33
N HIS C 3 21.10 17.88 -63.38
CA HIS C 3 21.02 17.26 -62.03
C HIS C 3 20.07 16.04 -61.97
N LYS C 4 20.51 14.88 -62.45
CA LYS C 4 19.73 13.64 -62.22
C LYS C 4 19.65 13.13 -60.72
N SER C 5 20.65 13.44 -59.89
CA SER C 5 20.47 13.14 -58.46
C SER C 5 20.85 14.34 -57.65
N GLU C 6 19.81 14.92 -57.03
CA GLU C 6 19.92 16.20 -56.42
C GLU C 6 20.73 16.01 -55.10
N ILE C 7 20.56 14.85 -54.48
CA ILE C 7 21.28 14.48 -53.25
C ILE C 7 22.81 14.42 -53.46
N ALA C 8 23.22 14.12 -54.69
CA ALA C 8 24.61 14.09 -55.12
C ALA C 8 25.18 15.46 -55.50
N HIS C 9 24.30 16.41 -55.79
CA HIS C 9 24.71 17.75 -56.25
C HIS C 9 25.10 18.49 -54.99
N ARG C 10 24.46 18.09 -53.90
CA ARG C 10 24.61 18.75 -52.61
C ARG C 10 25.83 18.09 -51.98
N PHE C 11 25.86 16.77 -52.08
CA PHE C 11 27.02 16.08 -51.62
C PHE C 11 28.28 16.73 -52.14
N ASN C 12 28.40 16.88 -53.46
CA ASN C 12 29.66 17.42 -53.98
C ASN C 12 29.75 18.89 -53.70
N ASP C 13 28.63 19.56 -53.61
CA ASP C 13 28.74 21.00 -53.50
C ASP C 13 29.29 21.36 -52.13
N LEU C 14 28.65 20.77 -51.12
CA LEU C 14 28.95 20.99 -49.71
C LEU C 14 30.05 20.11 -49.13
N GLY C 15 30.11 18.84 -49.50
CA GLY C 15 31.16 17.98 -48.97
C GLY C 15 30.88 17.34 -47.62
N GLU C 16 31.33 16.10 -47.49
CA GLU C 16 30.87 15.17 -46.46
C GLU C 16 30.65 15.69 -45.05
N GLU C 17 31.55 16.54 -44.54
CA GLU C 17 31.50 16.95 -43.14
C GLU C 17 30.21 17.74 -43.00
N ASN C 18 30.22 18.92 -43.59
CA ASN C 18 29.06 19.80 -43.60
C ASN C 18 27.79 19.11 -44.16
N PHE C 19 27.97 18.20 -45.11
CA PHE C 19 26.84 17.40 -45.60
C PHE C 19 26.17 16.60 -44.51
N GLN C 20 26.97 15.88 -43.72
CA GLN C 20 26.43 14.98 -42.71
C GLN C 20 25.88 15.79 -41.66
N GLY C 21 26.45 16.99 -41.50
CA GLY C 21 25.99 17.96 -40.51
C GLY C 21 24.53 18.35 -40.74
N LEU C 22 24.21 18.85 -41.92
CA LEU C 22 22.88 19.43 -42.09
C LEU C 22 21.83 18.33 -42.07
N VAL C 23 22.11 17.25 -42.79
CA VAL C 23 21.25 16.06 -42.65
C VAL C 23 20.93 15.87 -41.19
N LEU C 24 21.93 16.00 -40.32
CA LEU C 24 21.75 15.70 -38.88
C LEU C 24 20.87 16.74 -38.20
N ILE C 25 21.05 18.00 -38.61
CA ILE C 25 20.17 19.06 -38.18
C ILE C 25 18.81 18.78 -38.79
N ALA C 26 18.74 18.28 -40.03
CA ALA C 26 17.39 18.10 -40.62
C ALA C 26 16.58 17.12 -39.77
N PHE C 27 17.21 16.02 -39.38
CA PHE C 27 16.50 14.98 -38.64
C PHE C 27 16.25 15.53 -37.27
N SER C 28 17.24 16.14 -36.63
CA SER C 28 17.06 16.55 -35.25
C SER C 28 15.90 17.50 -35.11
N GLN C 29 15.69 18.26 -36.16
CA GLN C 29 14.71 19.32 -36.20
C GLN C 29 13.28 18.82 -36.49
N TYR C 30 13.14 17.63 -37.11
CA TYR C 30 11.81 17.05 -37.43
C TYR C 30 11.31 16.11 -36.32
N LEU C 31 12.24 15.36 -35.75
CA LEU C 31 12.05 14.51 -34.60
C LEU C 31 12.89 15.01 -33.45
N GLN C 32 12.33 15.94 -32.72
CA GLN C 32 12.97 16.51 -31.56
C GLN C 32 13.15 15.59 -30.33
N GLN C 33 12.27 14.61 -30.18
CA GLN C 33 12.28 13.68 -29.03
C GLN C 33 13.19 12.50 -29.32
N CYS C 34 13.21 11.98 -30.52
CA CYS C 34 14.08 10.85 -30.82
C CYS C 34 15.55 10.90 -30.34
N PRO C 35 16.06 9.78 -29.78
CA PRO C 35 17.41 9.71 -29.19
C PRO C 35 18.52 9.91 -30.22
N PHE C 36 19.53 10.66 -29.80
CA PHE C 36 20.67 10.97 -30.64
C PHE C 36 21.09 9.79 -31.49
N ASP C 37 21.09 8.61 -30.88
CA ASP C 37 21.63 7.42 -31.52
C ASP C 37 20.87 7.17 -32.78
N GLU C 38 19.55 7.27 -32.67
CA GLU C 38 18.74 6.87 -33.79
C GLU C 38 18.95 7.80 -34.98
N HIS C 39 19.19 9.08 -34.69
CA HIS C 39 19.45 10.04 -35.74
C HIS C 39 20.75 9.77 -36.46
N VAL C 40 21.81 9.59 -35.70
CA VAL C 40 23.09 9.08 -36.21
C VAL C 40 22.86 7.94 -37.24
N LYS C 41 22.18 6.89 -36.80
CA LYS C 41 21.96 5.80 -37.73
C LYS C 41 21.38 6.34 -39.06
N LEU C 42 20.30 7.12 -38.97
CA LEU C 42 19.59 7.58 -40.18
C LEU C 42 20.46 8.50 -41.06
N VAL C 43 21.40 9.20 -40.40
CA VAL C 43 22.35 10.07 -41.10
C VAL C 43 23.27 9.24 -41.97
N LYS C 44 23.94 8.30 -41.32
CA LYS C 44 24.89 7.48 -42.01
C LYS C 44 24.14 6.72 -43.08
N GLU C 45 22.94 6.26 -42.75
CA GLU C 45 22.06 5.55 -43.71
C GLU C 45 21.95 6.27 -45.07
N LEU C 46 21.74 7.58 -45.06
CA LEU C 46 21.52 8.37 -46.29
C LEU C 46 22.78 9.03 -46.83
N THR C 47 23.74 9.27 -45.95
CA THR C 47 25.09 9.46 -46.40
C THR C 47 25.57 8.31 -47.29
N GLU C 48 25.54 7.09 -46.74
CA GLU C 48 25.78 5.87 -47.50
C GLU C 48 25.10 6.05 -48.82
N PHE C 49 23.78 6.27 -48.77
CA PHE C 49 22.96 6.11 -49.97
C PHE C 49 23.46 7.05 -51.00
N ALA C 50 23.84 8.22 -50.50
CA ALA C 50 24.33 9.25 -51.36
C ALA C 50 25.65 8.84 -51.94
N LYS C 51 26.51 8.29 -51.10
CA LYS C 51 27.86 7.91 -51.48
C LYS C 51 27.82 7.25 -52.84
N THR C 52 26.65 6.68 -53.13
CA THR C 52 26.56 5.68 -54.18
C THR C 52 25.86 6.21 -55.41
N CYS C 53 25.14 7.31 -55.25
CA CYS C 53 24.78 8.05 -56.44
C CYS C 53 25.88 9.06 -56.58
N VAL C 54 26.88 9.02 -55.67
CA VAL C 54 28.02 9.92 -55.79
C VAL C 54 28.97 9.27 -56.78
N ALA C 55 29.06 7.94 -56.68
CA ALA C 55 29.86 7.13 -57.57
C ALA C 55 29.12 6.87 -58.88
N ASP C 56 27.83 6.53 -58.76
CA ASP C 56 27.06 6.12 -59.92
C ASP C 56 25.67 6.71 -59.91
N GLU C 57 25.52 7.84 -60.61
CA GLU C 57 24.31 8.68 -60.54
C GLU C 57 23.01 7.98 -60.93
N SER C 58 23.15 6.97 -61.77
CA SER C 58 21.99 6.30 -62.28
C SER C 58 21.78 4.98 -61.55
N HIS C 59 22.02 5.00 -60.24
CA HIS C 59 21.67 3.85 -59.43
C HIS C 59 20.16 3.93 -59.21
N ALA C 60 19.63 2.80 -58.73
CA ALA C 60 18.21 2.65 -58.50
C ALA C 60 17.76 3.76 -57.59
N GLY C 61 16.93 4.63 -58.13
CA GLY C 61 16.22 5.59 -57.32
C GLY C 61 17.19 6.61 -56.78
N CYS C 62 18.12 7.03 -57.63
CA CYS C 62 19.10 8.08 -57.28
C CYS C 62 18.71 9.43 -57.81
N ASP C 63 17.67 9.44 -58.63
CA ASP C 63 17.04 10.69 -59.04
C ASP C 63 15.91 11.20 -58.14
N LYS C 64 15.59 10.53 -57.02
CA LYS C 64 14.36 10.87 -56.24
C LYS C 64 14.53 12.17 -55.42
N SER C 65 13.43 12.93 -55.26
CA SER C 65 13.50 14.20 -54.52
C SER C 65 14.15 14.01 -53.18
N LEU C 66 14.76 15.07 -52.68
CA LEU C 66 15.28 15.09 -51.33
C LEU C 66 14.20 14.72 -50.31
N HIS C 67 13.07 15.41 -50.37
CA HIS C 67 11.90 15.12 -49.52
C HIS C 67 11.41 13.69 -49.57
N THR C 68 11.66 12.98 -50.67
CA THR C 68 11.31 11.55 -50.75
C THR C 68 12.30 10.86 -49.84
N LEU C 69 13.58 11.14 -50.07
CA LEU C 69 14.69 10.41 -49.44
C LEU C 69 14.75 10.67 -47.96
N PHE C 70 14.26 11.84 -47.57
CA PHE C 70 14.11 12.14 -46.16
C PHE C 70 12.94 11.45 -45.44
N GLY C 71 11.74 11.57 -45.99
CA GLY C 71 10.59 10.89 -45.42
C GLY C 71 10.79 9.38 -45.40
N ASP C 72 11.27 8.83 -46.52
CA ASP C 72 11.45 7.37 -46.68
C ASP C 72 12.30 6.78 -45.58
N GLU C 73 12.90 7.66 -44.78
CA GLU C 73 13.74 7.29 -43.65
C GLU C 73 13.09 7.59 -42.32
N LEU C 74 12.47 8.78 -42.26
CA LEU C 74 11.65 9.11 -41.12
C LEU C 74 10.68 7.98 -40.88
N CYS C 75 10.06 7.53 -41.97
CA CYS C 75 8.94 6.60 -41.88
C CYS C 75 9.33 5.15 -41.55
N LYS C 76 10.63 4.91 -41.46
CA LYS C 76 11.12 3.62 -41.04
C LYS C 76 11.61 3.78 -39.60
N VAL C 77 10.93 4.65 -38.87
CA VAL C 77 10.99 4.76 -37.43
C VAL C 77 9.74 4.07 -36.88
N ALA C 78 9.93 3.21 -35.88
CA ALA C 78 8.78 2.50 -35.33
C ALA C 78 7.97 3.33 -34.30
N THR C 79 8.62 3.92 -33.31
CA THR C 79 7.89 4.66 -32.26
C THR C 79 7.30 6.04 -32.71
N LEU C 80 7.20 6.27 -34.01
CA LEU C 80 6.69 7.54 -34.57
C LEU C 80 5.21 7.89 -34.33
N ARG C 81 4.36 6.90 -34.05
CA ARG C 81 3.02 7.17 -33.52
C ARG C 81 3.18 7.49 -32.03
N GLU C 82 4.12 6.79 -31.40
CA GLU C 82 4.26 6.74 -29.96
C GLU C 82 4.77 8.04 -29.37
N THR C 83 5.78 8.64 -30.01
CA THR C 83 6.35 9.89 -29.53
C THR C 83 5.74 11.13 -30.20
N TYR C 84 4.92 10.92 -31.24
CA TYR C 84 4.45 12.05 -32.05
C TYR C 84 3.00 12.02 -32.46
N GLY C 85 2.40 10.83 -32.40
CA GLY C 85 0.98 10.63 -32.69
C GLY C 85 0.54 10.98 -34.10
N ASP C 86 -0.04 12.18 -34.26
CA ASP C 86 -0.51 12.70 -35.54
C ASP C 86 0.59 12.85 -36.58
N MET C 87 1.85 12.67 -36.17
CA MET C 87 2.92 12.58 -37.14
C MET C 87 2.89 11.25 -37.92
N ALA C 88 2.42 10.18 -37.28
CA ALA C 88 2.09 8.93 -37.96
C ALA C 88 1.19 9.26 -39.12
N ASP C 89 0.47 10.39 -39.01
CA ASP C 89 -0.35 10.98 -40.09
C ASP C 89 0.47 11.24 -41.36
N CYS C 90 1.71 11.72 -41.14
CA CYS C 90 2.58 12.20 -42.22
C CYS C 90 3.21 11.06 -43.07
N CYS C 91 3.64 9.98 -42.42
CA CYS C 91 4.16 8.79 -43.11
C CYS C 91 3.02 8.09 -43.84
N GLU C 92 1.89 8.14 -43.15
CA GLU C 92 0.60 7.82 -43.69
C GLU C 92 0.30 8.47 -45.06
N LYS C 93 0.92 9.62 -45.34
CA LYS C 93 0.56 10.45 -46.52
C LYS C 93 1.51 10.20 -47.72
N GLN C 94 1.48 11.16 -48.68
CA GLN C 94 2.24 11.20 -49.95
C GLN C 94 3.03 12.52 -50.10
N GLU C 95 4.07 12.49 -50.94
CA GLU C 95 4.80 13.72 -51.17
C GLU C 95 3.98 14.64 -52.07
N PRO C 96 3.89 15.94 -51.75
CA PRO C 96 4.62 16.68 -50.76
C PRO C 96 3.82 16.85 -49.48
N GLU C 97 2.63 16.27 -49.48
CA GLU C 97 1.78 16.37 -48.31
C GLU C 97 2.52 15.71 -47.13
N ARG C 98 3.05 14.52 -47.37
CA ARG C 98 3.89 13.85 -46.39
C ARG C 98 4.84 14.81 -45.68
N ASN C 99 5.55 15.63 -46.45
CA ASN C 99 6.40 16.59 -45.82
C ASN C 99 5.66 17.75 -45.15
N GLU C 100 4.63 18.31 -45.79
CA GLU C 100 3.89 19.44 -45.20
C GLU C 100 3.47 19.12 -43.78
N CYS C 101 2.84 17.96 -43.66
CA CYS C 101 2.49 17.36 -42.37
C CYS C 101 3.65 17.31 -41.32
N PHE C 102 4.90 17.22 -41.77
CA PHE C 102 6.03 17.16 -40.83
C PHE C 102 6.34 18.53 -40.29
N LEU C 103 6.49 19.51 -41.18
CA LEU C 103 6.87 20.86 -40.72
C LEU C 103 5.80 21.36 -39.78
N LYS C 104 4.60 20.77 -39.92
CA LYS C 104 3.52 21.02 -39.00
C LYS C 104 3.99 20.74 -37.58
N HIS C 105 4.53 19.53 -37.36
CA HIS C 105 4.95 19.08 -36.01
C HIS C 105 6.43 19.40 -35.71
N LYS C 106 6.70 20.68 -35.61
CA LYS C 106 7.94 21.21 -35.10
C LYS C 106 7.43 22.00 -33.92
N ASP C 107 8.15 21.96 -32.83
CA ASP C 107 7.63 22.45 -31.59
C ASP C 107 8.68 23.39 -30.97
N ASP C 108 8.22 24.61 -30.84
CA ASP C 108 8.94 25.77 -30.40
C ASP C 108 9.21 25.75 -28.91
N SER C 109 8.64 24.75 -28.27
CA SER C 109 8.71 24.60 -26.83
C SER C 109 8.82 23.20 -26.39
N PRO C 110 9.92 22.54 -26.73
CA PRO C 110 9.88 21.09 -26.70
C PRO C 110 10.02 20.51 -25.31
N ASP C 111 10.26 21.33 -24.29
CA ASP C 111 10.28 20.78 -22.93
C ASP C 111 11.32 19.61 -22.81
N LEU C 112 12.56 19.94 -23.08
CA LEU C 112 13.64 19.01 -22.91
C LEU C 112 14.36 19.53 -21.70
N PRO C 113 15.37 18.84 -21.25
CA PRO C 113 16.03 19.39 -20.05
C PRO C 113 16.95 20.52 -20.45
N LYS C 114 16.97 21.64 -19.74
CA LYS C 114 18.03 22.65 -19.78
C LYS C 114 19.43 22.07 -19.57
N LEU C 115 20.39 22.57 -20.35
CA LEU C 115 21.78 22.08 -20.35
C LEU C 115 22.59 22.72 -19.22
N LYS C 116 23.12 21.85 -18.36
CA LYS C 116 24.04 22.31 -17.32
C LYS C 116 25.45 21.69 -17.49
N PRO C 117 26.32 22.42 -18.19
CA PRO C 117 27.58 21.95 -18.71
C PRO C 117 28.59 21.63 -17.62
N GLU C 118 28.97 20.38 -17.54
CA GLU C 118 30.01 19.95 -16.61
C GLU C 118 31.33 19.84 -17.39
N PRO C 119 32.26 20.74 -17.05
CA PRO C 119 33.60 20.77 -17.67
C PRO C 119 34.21 19.39 -17.88
N ASP C 120 34.35 18.63 -16.80
CA ASP C 120 34.93 17.29 -16.83
C ASP C 120 34.20 16.25 -17.67
N THR C 121 32.93 16.05 -17.42
CA THR C 121 32.10 15.26 -18.30
C THR C 121 32.37 15.72 -19.76
N LEU C 122 32.42 17.03 -19.98
CA LEU C 122 32.49 17.49 -21.36
C LEU C 122 33.86 17.32 -21.99
N CYS C 123 34.90 17.82 -21.35
CA CYS C 123 36.20 17.53 -21.83
C CYS C 123 36.38 16.01 -22.08
N ALA C 124 35.78 15.17 -21.25
CA ALA C 124 36.10 13.74 -21.37
C ALA C 124 35.33 13.11 -22.55
N GLU C 125 34.25 13.76 -22.99
CA GLU C 125 33.59 13.28 -24.21
C GLU C 125 34.29 13.78 -25.48
N PHE C 126 34.99 14.90 -25.35
CA PHE C 126 35.81 15.45 -26.44
C PHE C 126 37.02 14.59 -26.74
N LYS C 127 37.77 14.26 -25.68
CA LYS C 127 38.92 13.38 -25.75
C LYS C 127 38.49 12.06 -26.40
N ALA C 128 37.34 11.54 -25.94
CA ALA C 128 36.73 10.27 -26.35
C ALA C 128 36.22 10.13 -27.78
N ASP C 129 35.52 11.13 -28.32
CA ASP C 129 34.98 11.05 -29.67
C ASP C 129 34.74 12.44 -30.23
N GLU C 130 35.76 13.04 -30.88
CA GLU C 130 35.60 14.34 -31.50
C GLU C 130 34.42 14.43 -32.50
N LYS C 131 34.22 13.41 -33.35
CA LYS C 131 33.15 13.50 -34.36
C LYS C 131 31.78 13.43 -33.74
N LYS C 132 31.63 12.58 -32.73
CA LYS C 132 30.40 12.52 -31.97
C LYS C 132 30.16 13.78 -31.01
N PHE C 133 31.19 14.28 -30.37
CA PHE C 133 31.00 15.54 -29.59
C PHE C 133 30.33 16.61 -30.48
N TRP C 134 30.85 16.75 -31.68
CA TRP C 134 30.41 17.74 -32.62
C TRP C 134 28.95 17.54 -33.02
N GLY C 135 28.62 16.38 -33.55
CA GLY C 135 27.25 16.04 -33.91
C GLY C 135 26.29 16.17 -32.77
N LYS C 136 26.82 15.93 -31.58
CA LYS C 136 25.99 15.96 -30.38
C LYS C 136 25.65 17.45 -30.13
N TYR C 137 26.60 18.35 -30.31
CA TYR C 137 26.23 19.74 -30.13
C TYR C 137 25.18 20.16 -31.21
N LEU C 138 25.29 19.66 -32.42
CA LEU C 138 24.29 19.99 -33.45
C LEU C 138 22.91 19.45 -33.13
N TYR C 139 22.86 18.24 -32.58
CA TYR C 139 21.59 17.59 -32.16
C TYR C 139 20.93 18.27 -30.94
N GLU C 140 21.68 18.56 -29.86
CA GLU C 140 21.06 19.21 -28.66
C GLU C 140 20.41 20.59 -28.99
N VAL C 141 21.06 21.33 -29.90
CA VAL C 141 20.67 22.71 -30.18
C VAL C 141 19.52 22.75 -31.15
N ALA C 142 19.61 21.86 -32.14
CA ALA C 142 18.69 21.82 -33.25
C ALA C 142 17.31 21.43 -32.80
N ARG C 143 17.25 20.36 -32.02
CA ARG C 143 15.99 19.80 -31.48
C ARG C 143 15.28 20.76 -30.54
N ARG C 144 15.98 21.73 -29.95
CA ARG C 144 15.32 22.61 -29.04
C ARG C 144 15.08 23.89 -29.77
N HIS C 145 15.61 24.02 -31.01
CA HIS C 145 15.44 25.27 -31.80
C HIS C 145 15.24 24.92 -33.28
N PRO C 146 14.06 24.43 -33.63
CA PRO C 146 13.96 23.64 -34.86
C PRO C 146 13.79 24.51 -36.09
N TYR C 147 14.02 25.79 -35.96
CA TYR C 147 14.01 26.67 -37.13
C TYR C 147 15.36 27.30 -37.25
N PHE C 148 16.30 26.79 -36.49
CA PHE C 148 17.59 27.44 -36.37
C PHE C 148 18.25 27.47 -37.73
N TYR C 149 19.16 28.44 -37.92
CA TYR C 149 19.85 28.68 -39.19
C TYR C 149 20.88 27.63 -39.40
N ALA C 150 20.48 26.61 -40.17
CA ALA C 150 21.25 25.38 -40.31
C ALA C 150 22.62 25.71 -40.58
N PRO C 151 22.86 26.58 -41.54
CA PRO C 151 24.26 26.88 -41.83
C PRO C 151 25.03 27.49 -40.69
N GLU C 152 24.43 28.35 -39.88
CA GLU C 152 25.20 29.14 -38.87
C GLU C 152 25.30 28.15 -37.72
N LEU C 153 24.53 27.06 -37.81
CA LEU C 153 24.69 26.04 -36.76
C LEU C 153 26.06 25.31 -36.85
N LEU C 154 26.33 24.79 -38.06
CA LEU C 154 27.64 24.20 -38.40
C LEU C 154 28.88 25.04 -37.92
N TYR C 155 28.88 26.30 -38.29
CA TYR C 155 29.89 27.16 -37.86
C TYR C 155 29.86 27.24 -36.33
N TYR C 156 28.68 27.16 -35.66
CA TYR C 156 28.64 27.30 -34.18
C TYR C 156 29.23 26.06 -33.47
N ALA C 157 28.81 24.88 -33.91
CA ALA C 157 29.55 23.60 -33.63
C ALA C 157 31.05 23.62 -33.82
N ASN C 158 31.54 24.18 -34.93
CA ASN C 158 33.00 24.36 -35.15
C ASN C 158 33.59 25.24 -34.10
N LYS C 159 33.00 26.44 -33.88
CA LYS C 159 33.48 27.29 -32.78
C LYS C 159 33.68 26.55 -31.42
N TYR C 160 32.78 25.61 -31.16
CA TYR C 160 32.59 24.97 -29.88
C TYR C 160 33.60 23.88 -29.67
N ASN C 161 33.65 22.97 -30.63
CA ASN C 161 34.61 21.93 -30.69
C ASN C 161 36.01 22.58 -30.50
N GLY C 162 36.18 23.77 -31.03
CA GLY C 162 37.40 24.50 -30.89
C GLY C 162 37.68 25.09 -29.53
N VAL C 163 36.60 25.34 -28.77
CA VAL C 163 36.80 25.94 -27.44
C VAL C 163 37.32 24.81 -26.53
N PHE C 164 36.89 23.61 -26.86
CA PHE C 164 37.30 22.42 -26.21
C PHE C 164 38.69 22.00 -26.63
N GLN C 165 38.91 22.03 -27.94
CA GLN C 165 40.26 21.93 -28.50
C GLN C 165 41.26 22.72 -27.61
N GLU C 166 41.07 24.03 -27.54
CA GLU C 166 41.85 24.91 -26.68
C GLU C 166 41.83 24.59 -25.16
N CYS C 167 40.66 24.36 -24.54
CA CYS C 167 40.58 24.45 -23.08
C CYS C 167 40.72 23.17 -22.26
N CYS C 168 40.50 22.01 -22.89
CA CYS C 168 40.48 20.77 -22.18
C CYS C 168 41.90 20.39 -21.93
N GLN C 169 42.77 20.90 -22.79
CA GLN C 169 44.18 20.95 -22.51
C GLN C 169 44.51 21.65 -21.17
N ALA C 170 44.05 22.89 -20.97
CA ALA C 170 44.47 23.80 -19.83
C ALA C 170 44.39 23.29 -18.36
N GLU C 171 45.32 23.69 -17.49
CA GLU C 171 45.23 23.25 -16.08
C GLU C 171 43.82 23.36 -15.45
N ASP C 172 43.31 24.59 -15.29
CA ASP C 172 41.92 24.75 -14.85
C ASP C 172 41.09 24.86 -16.12
N LYS C 173 40.35 23.78 -16.41
CA LYS C 173 39.58 23.65 -17.64
C LYS C 173 38.33 24.54 -17.46
N GLY C 174 37.76 24.51 -16.25
CA GLY C 174 36.53 25.20 -15.96
C GLY C 174 36.67 26.70 -16.15
N ALA C 175 37.85 27.20 -15.82
CA ALA C 175 38.17 28.57 -16.09
C ALA C 175 38.40 28.83 -17.57
N CYS C 176 38.61 27.79 -18.35
CA CYS C 176 38.84 28.06 -19.74
C CYS C 176 37.55 27.97 -20.57
N LEU C 177 36.83 26.88 -20.42
CA LEU C 177 35.54 26.70 -21.09
C LEU C 177 34.56 27.74 -20.66
N LEU C 178 34.20 27.66 -19.38
CA LEU C 178 32.88 28.20 -18.97
C LEU C 178 32.47 29.57 -19.57
N PRO C 179 33.37 30.58 -19.54
CA PRO C 179 33.05 31.87 -20.10
C PRO C 179 32.90 31.82 -21.61
N LYS C 180 33.52 30.82 -22.25
CA LYS C 180 33.62 30.87 -23.66
C LYS C 180 32.38 30.21 -24.19
N ILE C 181 31.89 29.19 -23.51
CA ILE C 181 30.67 28.60 -23.91
C ILE C 181 29.50 29.38 -23.39
N GLU C 182 29.72 30.13 -22.34
CA GLU C 182 28.60 30.96 -21.92
C GLU C 182 28.43 32.04 -22.97
N THR C 183 29.51 32.79 -23.27
CA THR C 183 29.48 33.89 -24.27
C THR C 183 28.96 33.45 -25.66
N MET C 184 29.35 32.23 -26.08
CA MET C 184 28.93 31.65 -27.35
C MET C 184 27.45 31.32 -27.31
N ARG C 185 27.01 30.80 -26.16
CA ARG C 185 25.61 30.43 -25.98
C ARG C 185 24.63 31.59 -26.14
N GLU C 186 25.05 32.80 -25.76
CA GLU C 186 24.19 33.93 -25.86
C GLU C 186 24.07 34.26 -27.30
N LYS C 187 25.24 34.33 -27.96
CA LYS C 187 25.34 34.58 -29.40
C LYS C 187 24.28 33.71 -30.04
N VAL C 188 24.21 32.42 -29.66
CA VAL C 188 23.47 31.34 -30.38
C VAL C 188 21.90 31.37 -30.27
N LEU C 189 21.41 31.75 -29.09
CA LEU C 189 19.99 32.04 -28.93
C LEU C 189 19.71 33.35 -29.68
N ALA C 190 20.55 34.37 -29.53
CA ALA C 190 20.30 35.62 -30.29
C ALA C 190 20.00 35.19 -31.76
N SER C 191 20.99 34.48 -32.31
CA SER C 191 20.94 34.05 -33.66
C SER C 191 19.69 33.23 -33.91
N SER C 192 19.13 32.60 -32.89
CA SER C 192 18.12 31.62 -33.08
C SER C 192 16.79 32.24 -33.13
N ALA C 193 16.63 33.26 -32.27
CA ALA C 193 15.47 34.10 -32.20
C ALA C 193 15.37 34.80 -33.54
N ARG C 194 16.51 35.41 -33.94
CA ARG C 194 16.64 36.01 -35.25
C ARG C 194 16.13 35.15 -36.43
N GLN C 195 16.55 33.89 -36.51
CA GLN C 195 15.96 33.08 -37.64
C GLN C 195 14.45 32.83 -37.41
N ARG C 196 14.07 32.75 -36.13
CA ARG C 196 12.70 32.44 -35.80
C ARG C 196 11.83 33.56 -36.37
N LEU C 197 12.32 34.78 -36.23
CA LEU C 197 11.56 35.92 -36.60
C LEU C 197 11.47 35.91 -38.14
N ARG C 198 12.60 35.63 -38.81
CA ARG C 198 12.55 35.53 -40.26
C ARG C 198 11.44 34.58 -40.66
N CYS C 199 11.27 33.47 -39.97
CA CYS C 199 10.42 32.44 -40.49
C CYS C 199 8.96 32.79 -40.32
N ALA C 200 8.67 33.40 -39.16
CA ALA C 200 7.33 33.82 -38.73
C ALA C 200 6.86 34.85 -39.70
N SER C 201 7.73 35.81 -40.01
CA SER C 201 7.56 36.79 -41.10
C SER C 201 7.15 36.23 -42.47
N ILE C 202 7.90 35.25 -42.96
CA ILE C 202 7.57 34.70 -44.22
C ILE C 202 6.20 34.08 -44.11
N GLN C 203 5.90 33.49 -42.94
CA GLN C 203 4.77 32.55 -42.77
C GLN C 203 3.48 33.26 -42.45
N LYS C 204 3.56 34.39 -41.79
CA LYS C 204 2.36 35.03 -41.39
C LYS C 204 2.12 36.30 -42.17
N PHE C 205 3.15 36.76 -42.93
CA PHE C 205 3.02 38.10 -43.58
C PHE C 205 3.62 38.16 -45.00
N GLY C 206 4.08 37.00 -45.49
CA GLY C 206 4.61 36.83 -46.85
C GLY C 206 6.05 37.29 -47.01
N GLU C 207 6.67 36.77 -48.05
CA GLU C 207 7.98 37.17 -48.45
C GLU C 207 8.12 38.65 -48.55
N ARG C 208 7.06 39.40 -48.68
CA ARG C 208 7.28 40.86 -48.88
C ARG C 208 7.61 41.55 -47.56
N ALA C 209 7.00 41.08 -46.49
CA ALA C 209 7.37 41.62 -45.22
C ALA C 209 8.84 41.31 -44.94
N LEU C 210 9.29 40.14 -45.36
CA LEU C 210 10.65 39.78 -45.12
C LEU C 210 11.64 40.53 -46.04
N LYS C 211 11.34 40.65 -47.33
CA LYS C 211 12.25 41.38 -48.19
C LYS C 211 12.43 42.81 -47.67
N ALA C 212 11.38 43.41 -47.10
CA ALA C 212 11.51 44.80 -46.66
C ALA C 212 12.37 44.89 -45.47
N TRP C 213 12.26 43.99 -44.51
CA TRP C 213 13.28 43.95 -43.45
C TRP C 213 14.69 43.80 -43.99
N SER C 214 14.87 43.01 -45.03
CA SER C 214 16.24 42.83 -45.50
C SER C 214 16.69 44.07 -46.31
N VAL C 215 15.77 44.77 -46.97
CA VAL C 215 16.12 46.01 -47.57
C VAL C 215 16.72 47.00 -46.55
N ALA C 216 15.99 47.33 -45.48
CA ALA C 216 16.57 48.21 -44.47
C ALA C 216 17.91 47.73 -43.99
N ARG C 217 18.08 46.41 -43.90
CA ARG C 217 19.28 45.93 -43.26
C ARG C 217 20.44 46.10 -44.22
N LEU C 218 20.25 45.71 -45.47
CA LEU C 218 21.36 45.73 -46.38
C LEU C 218 21.71 47.15 -46.77
N SER C 219 20.76 48.04 -46.71
CA SER C 219 20.98 49.42 -47.10
C SER C 219 21.82 50.13 -46.07
N GLN C 220 21.80 49.66 -44.81
CA GLN C 220 22.49 50.43 -43.77
C GLN C 220 23.84 49.82 -43.71
N LYS C 221 23.89 48.56 -44.06
CA LYS C 221 25.14 47.81 -43.97
C LYS C 221 26.06 48.24 -45.08
N PHE C 222 25.42 48.67 -46.18
CA PHE C 222 26.07 48.84 -47.49
C PHE C 222 25.58 50.11 -48.17
N PRO C 223 25.68 51.27 -47.47
CA PRO C 223 25.12 52.50 -48.02
C PRO C 223 25.78 52.94 -49.32
N LYS C 224 26.97 52.42 -49.62
CA LYS C 224 27.69 52.74 -50.88
C LYS C 224 26.90 52.32 -52.15
N ALA C 225 26.10 51.25 -52.05
CA ALA C 225 25.74 50.45 -53.22
C ALA C 225 24.33 50.65 -53.75
N ASP C 226 24.09 50.18 -54.98
CA ASP C 226 22.90 50.53 -55.78
C ASP C 226 21.71 50.00 -55.11
N PHE C 227 20.62 50.73 -55.19
CA PHE C 227 19.31 50.04 -55.05
C PHE C 227 19.27 48.73 -55.82
N THR C 228 19.88 48.77 -56.97
CA THR C 228 19.81 47.66 -57.89
C THR C 228 20.52 46.42 -57.36
N ASP C 229 21.65 46.64 -56.68
CA ASP C 229 22.47 45.54 -56.20
C ASP C 229 21.96 45.08 -54.83
N VAL C 230 21.56 46.05 -54.02
CA VAL C 230 20.82 45.78 -52.82
C VAL C 230 19.60 44.87 -53.14
N THR C 231 18.69 45.34 -53.95
CA THR C 231 17.54 44.58 -54.29
C THR C 231 17.90 43.14 -54.68
N LYS C 232 19.02 43.00 -55.43
CA LYS C 232 19.43 41.73 -55.96
C LYS C 232 20.03 40.77 -54.94
N ILE C 233 20.82 41.28 -54.03
CA ILE C 233 21.20 40.50 -52.90
C ILE C 233 19.92 40.18 -52.15
N VAL C 234 19.06 41.20 -51.91
CA VAL C 234 17.90 41.02 -50.98
C VAL C 234 17.01 39.94 -51.54
N THR C 235 16.97 39.85 -52.85
CA THR C 235 16.22 38.77 -53.47
C THR C 235 16.84 37.47 -53.02
N ASP C 236 18.14 37.35 -53.25
CA ASP C 236 18.85 36.09 -53.06
C ASP C 236 18.86 35.65 -51.62
N LEU C 237 18.90 36.65 -50.72
CA LEU C 237 18.93 36.38 -49.28
C LEU C 237 17.61 35.87 -48.81
N THR C 238 16.54 36.21 -49.53
CA THR C 238 15.22 35.76 -49.17
C THR C 238 15.04 34.26 -49.46
N LYS C 239 15.38 33.84 -50.71
CA LYS C 239 15.29 32.45 -51.12
C LYS C 239 15.99 31.51 -50.19
N VAL C 240 17.29 31.80 -49.90
CA VAL C 240 18.11 31.07 -49.01
C VAL C 240 17.28 30.89 -47.75
N HIS C 241 16.96 32.00 -47.11
CA HIS C 241 16.20 32.01 -45.84
C HIS C 241 14.86 31.26 -45.92
N LYS C 242 14.17 31.37 -47.04
CA LYS C 242 12.99 30.52 -47.24
C LYS C 242 13.34 29.00 -47.30
N GLU C 243 14.36 28.66 -48.06
CA GLU C 243 14.72 27.29 -48.15
C GLU C 243 15.07 26.68 -46.75
N CYS C 244 15.74 27.43 -45.89
CA CYS C 244 16.00 26.97 -44.52
C CYS C 244 14.66 26.82 -43.73
N CYS C 245 13.82 27.84 -43.77
CA CYS C 245 12.57 27.83 -43.00
C CYS C 245 11.79 26.58 -43.38
N HIS C 246 11.69 26.33 -44.69
CA HIS C 246 10.98 25.20 -45.30
C HIS C 246 11.64 23.83 -45.08
N GLY C 247 12.80 23.87 -44.45
CA GLY C 247 13.47 22.66 -44.09
C GLY C 247 14.26 22.15 -45.26
N ASP C 248 14.64 23.02 -46.17
CA ASP C 248 15.45 22.58 -47.30
C ASP C 248 16.89 23.07 -47.03
N LEU C 249 17.54 22.34 -46.16
CA LEU C 249 18.78 22.78 -45.53
C LEU C 249 19.97 22.57 -46.44
N LEU C 250 19.91 21.53 -47.28
CA LEU C 250 20.99 21.35 -48.20
C LEU C 250 20.96 22.48 -49.20
N GLU C 251 19.89 22.57 -50.00
CA GLU C 251 19.69 23.78 -50.83
C GLU C 251 20.09 25.03 -50.04
N CYS C 252 19.53 25.23 -48.83
CA CYS C 252 19.75 26.49 -48.03
C CYS C 252 21.21 26.79 -47.85
N ALA C 253 21.97 25.80 -47.40
CA ALA C 253 23.43 25.96 -47.24
C ALA C 253 24.15 26.12 -48.57
N ASP C 254 23.80 25.30 -49.57
CA ASP C 254 24.37 25.51 -50.87
C ASP C 254 24.26 26.98 -51.32
N ASP C 255 23.03 27.50 -51.37
CA ASP C 255 22.80 28.83 -51.98
C ASP C 255 23.31 29.99 -51.15
N ARG C 256 23.70 29.65 -49.95
CA ARG C 256 24.12 30.64 -49.00
C ARG C 256 25.51 31.03 -49.32
N ALA C 257 26.45 30.10 -49.30
CA ALA C 257 27.77 30.40 -49.82
C ALA C 257 27.82 30.98 -51.23
N ASP C 258 27.04 30.39 -52.16
CA ASP C 258 26.94 30.92 -53.52
C ASP C 258 26.73 32.43 -53.42
N LEU C 259 25.82 32.86 -52.54
CA LEU C 259 25.50 34.28 -52.49
C LEU C 259 26.68 35.00 -51.90
N ALA C 260 27.32 34.35 -50.93
CA ALA C 260 28.43 34.97 -50.25
C ALA C 260 29.65 35.05 -51.20
N LYS C 261 29.84 34.05 -52.06
CA LYS C 261 30.86 34.15 -53.09
C LYS C 261 30.59 35.41 -53.88
N TYR C 262 29.43 35.37 -54.52
CA TYR C 262 28.88 36.52 -55.19
C TYR C 262 29.16 37.79 -54.47
N ILE C 263 28.71 37.88 -53.21
CA ILE C 263 28.90 39.14 -52.44
C ILE C 263 30.38 39.50 -52.33
N CYS C 264 31.28 38.56 -52.60
CA CYS C 264 32.72 38.82 -52.52
C CYS C 264 33.25 39.25 -53.88
N ASP C 265 32.78 38.60 -54.93
CA ASP C 265 33.19 39.06 -56.24
C ASP C 265 32.93 40.61 -56.43
N HIS C 266 31.79 41.07 -55.88
CA HIS C 266 31.38 42.42 -56.04
C HIS C 266 31.75 43.23 -54.80
N GLN C 267 32.74 42.75 -54.05
CA GLN C 267 32.99 43.38 -52.74
C GLN C 267 33.34 44.88 -52.81
N ASP C 268 33.93 45.27 -53.95
CA ASP C 268 34.31 46.64 -54.26
C ASP C 268 33.08 47.46 -54.55
N THR C 269 32.11 46.82 -55.18
CA THR C 269 30.84 47.47 -55.53
C THR C 269 29.97 47.67 -54.30
N LEU C 270 30.12 46.84 -53.24
CA LEU C 270 29.26 46.95 -52.02
C LEU C 270 29.85 47.63 -50.76
N SER C 271 30.98 47.13 -50.28
CA SER C 271 31.52 47.72 -49.08
C SER C 271 33.01 47.90 -49.09
N SER C 272 33.46 48.73 -48.16
CA SER C 272 34.86 48.72 -47.80
C SER C 272 35.16 47.63 -46.73
N LYS C 273 34.17 47.17 -45.96
CA LYS C 273 34.39 46.23 -44.87
C LYS C 273 34.50 44.70 -45.19
N LEU C 274 34.49 44.32 -46.47
CA LEU C 274 34.33 42.90 -46.88
C LEU C 274 35.57 42.11 -47.24
N LYS C 275 36.68 42.81 -47.45
CA LYS C 275 37.92 42.16 -47.85
C LYS C 275 38.32 41.29 -46.67
N GLU C 276 37.77 41.72 -45.54
CA GLU C 276 37.97 41.19 -44.21
C GLU C 276 37.45 39.77 -44.14
N CYS C 277 36.28 39.56 -44.74
CA CYS C 277 35.59 38.29 -44.57
C CYS C 277 35.88 37.32 -45.69
N CYS C 278 36.51 37.81 -46.78
CA CYS C 278 36.35 37.13 -48.09
C CYS C 278 37.49 36.28 -48.39
N ASP C 279 38.56 36.50 -47.66
CA ASP C 279 39.66 35.54 -47.60
C ASP C 279 39.41 34.40 -46.57
N LYS C 280 38.23 34.42 -45.92
CA LYS C 280 37.91 33.42 -44.88
C LYS C 280 37.27 32.21 -45.52
N PRO C 281 37.39 31.02 -44.88
CA PRO C 281 36.63 29.84 -45.39
C PRO C 281 35.09 29.91 -45.27
N VAL C 282 34.44 28.98 -45.99
CA VAL C 282 33.00 29.06 -46.40
C VAL C 282 31.91 29.46 -45.31
N LEU C 283 31.93 28.73 -44.20
CA LEU C 283 31.12 28.97 -43.01
C LEU C 283 31.61 30.19 -42.29
N GLU C 284 32.90 30.27 -42.10
CA GLU C 284 33.39 31.43 -41.41
C GLU C 284 33.09 32.63 -42.29
N LYS C 285 32.86 32.38 -43.59
CA LYS C 285 32.80 33.51 -44.56
C LYS C 285 31.43 34.16 -44.53
N SER C 286 30.46 33.26 -44.61
CA SER C 286 29.02 33.56 -44.50
C SER C 286 28.68 34.25 -43.13
N HIS C 287 29.37 33.79 -42.08
CA HIS C 287 29.15 34.36 -40.75
C HIS C 287 29.57 35.82 -40.66
N CYS C 288 30.83 36.10 -40.99
CA CYS C 288 31.42 37.47 -40.95
C CYS C 288 30.67 38.43 -41.90
N ILE C 289 30.24 37.92 -43.07
CA ILE C 289 29.41 38.69 -43.97
C ILE C 289 28.04 39.06 -43.35
N ALA C 290 27.48 38.18 -42.53
CA ALA C 290 26.13 38.42 -41.97
C ALA C 290 26.17 39.35 -40.79
N GLU C 291 27.32 39.37 -40.14
CA GLU C 291 27.47 40.21 -38.98
C GLU C 291 28.32 41.39 -39.30
N ILE C 292 28.59 41.61 -40.59
CA ILE C 292 29.61 42.55 -41.07
C ILE C 292 29.29 43.91 -40.54
N ASP C 293 30.33 44.73 -40.38
CA ASP C 293 30.25 46.09 -39.84
C ASP C 293 29.67 47.05 -40.90
N LYS C 294 28.76 47.92 -40.46
CA LYS C 294 28.21 48.92 -41.36
C LYS C 294 29.32 49.76 -41.98
N ASP C 295 29.56 49.61 -43.30
CA ASP C 295 30.48 50.52 -44.04
C ASP C 295 30.07 51.96 -43.84
N ALA C 296 30.96 52.93 -44.05
CA ALA C 296 30.59 54.34 -43.74
C ALA C 296 29.76 55.04 -44.81
N VAL C 297 28.88 55.93 -44.36
CA VAL C 297 27.87 56.57 -45.22
C VAL C 297 28.50 57.53 -46.24
N PRO C 298 28.18 57.37 -47.55
CA PRO C 298 28.67 58.26 -48.61
C PRO C 298 28.42 59.79 -48.39
N GLU C 299 29.45 60.61 -48.59
CA GLU C 299 29.44 62.03 -48.13
C GLU C 299 28.44 62.96 -48.87
N ASN C 300 28.26 62.74 -50.17
CA ASN C 300 27.37 63.62 -50.93
C ASN C 300 26.07 62.91 -51.37
N LEU C 301 25.10 62.87 -50.46
CA LEU C 301 23.76 62.35 -50.72
C LEU C 301 22.78 63.50 -50.72
N PRO C 302 21.93 63.57 -51.73
CA PRO C 302 21.07 64.76 -51.74
C PRO C 302 20.09 64.57 -50.63
N PRO C 303 19.26 65.57 -50.36
CA PRO C 303 18.42 65.24 -49.19
C PRO C 303 17.04 64.63 -49.55
N LEU C 304 16.65 63.66 -48.75
CA LEU C 304 15.49 62.83 -49.00
C LEU C 304 14.24 63.60 -49.37
N THR C 305 14.17 64.81 -48.82
CA THR C 305 13.11 65.82 -48.99
C THR C 305 12.84 66.08 -50.49
N ALA C 306 13.91 66.03 -51.29
CA ALA C 306 13.84 66.44 -52.67
C ALA C 306 13.08 65.46 -53.58
N ASP C 307 13.49 64.18 -53.59
CA ASP C 307 12.86 63.19 -54.47
C ASP C 307 11.57 62.66 -53.89
N PHE C 308 11.49 62.74 -52.57
CA PHE C 308 10.36 62.22 -51.84
C PHE C 308 9.31 63.22 -51.30
N ALA C 309 9.59 64.51 -51.34
CA ALA C 309 8.49 65.46 -51.02
C ALA C 309 8.43 66.64 -52.04
N GLU C 310 9.51 67.42 -52.17
CA GLU C 310 9.53 68.50 -53.16
C GLU C 310 9.04 68.00 -54.53
N ASP C 311 9.73 67.00 -55.07
CA ASP C 311 9.59 66.56 -56.46
C ASP C 311 8.14 66.50 -57.01
N LYS C 312 7.99 66.72 -58.31
CA LYS C 312 6.64 66.93 -58.85
C LYS C 312 5.93 65.62 -59.11
N GLU C 313 6.72 64.64 -59.53
CA GLU C 313 6.21 63.36 -59.87
C GLU C 313 5.95 62.47 -58.71
N VAL C 314 6.05 62.99 -57.49
CA VAL C 314 5.97 62.06 -56.38
C VAL C 314 4.74 61.20 -56.49
N CYS C 315 3.61 61.77 -56.82
CA CYS C 315 2.42 60.95 -56.80
C CYS C 315 2.32 60.00 -58.02
N LYS C 316 2.81 60.48 -59.17
CA LYS C 316 2.89 59.70 -60.37
C LYS C 316 3.79 58.45 -60.15
N ASN C 317 4.97 58.68 -59.56
CA ASN C 317 5.85 57.58 -59.25
C ASN C 317 5.25 56.63 -58.23
N TYR C 318 4.58 57.20 -57.25
CA TYR C 318 3.93 56.32 -56.26
C TYR C 318 2.86 55.54 -57.00
N GLN C 319 2.11 56.18 -57.91
CA GLN C 319 1.04 55.48 -58.58
C GLN C 319 1.47 54.54 -59.68
N GLU C 320 2.52 54.83 -60.42
CA GLU C 320 2.92 53.89 -61.43
C GLU C 320 3.60 52.72 -60.80
N ALA C 321 4.56 52.94 -59.89
CA ALA C 321 5.34 51.74 -59.41
C ALA C 321 5.52 51.66 -57.91
N LYS C 322 4.38 51.52 -57.28
CA LYS C 322 4.20 51.67 -55.84
C LYS C 322 5.23 50.96 -55.02
N ASP C 323 5.45 49.66 -55.23
CA ASP C 323 6.44 48.90 -54.48
C ASP C 323 7.85 49.39 -54.82
N VAL C 324 8.11 49.71 -56.09
CA VAL C 324 9.45 50.05 -56.50
C VAL C 324 9.73 51.32 -55.81
N PHE C 325 8.91 52.32 -56.11
CA PHE C 325 8.96 53.59 -55.36
C PHE C 325 9.19 53.44 -53.84
N LEU C 326 8.35 52.64 -53.11
CA LEU C 326 8.53 52.52 -51.61
C LEU C 326 9.79 51.76 -51.12
N GLY C 327 10.27 50.82 -51.93
CA GLY C 327 11.53 50.06 -51.67
C GLY C 327 12.61 51.10 -51.74
N SER C 328 12.53 51.85 -52.84
CA SER C 328 13.46 52.96 -53.11
C SER C 328 13.55 53.98 -51.98
N PHE C 329 12.40 54.36 -51.42
CA PHE C 329 12.34 55.19 -50.25
C PHE C 329 13.08 54.55 -49.04
N LEU C 330 12.68 53.31 -48.73
CA LEU C 330 13.24 52.59 -47.61
C LEU C 330 14.76 52.48 -47.72
N TYR C 331 15.25 52.13 -48.93
CA TYR C 331 16.67 51.97 -49.18
C TYR C 331 17.39 53.32 -48.99
N GLU C 332 16.95 54.37 -49.70
CA GLU C 332 17.48 55.70 -49.56
C GLU C 332 17.44 56.07 -48.09
N TYR C 333 16.35 55.72 -47.41
CA TYR C 333 16.17 56.22 -46.03
C TYR C 333 17.21 55.59 -45.13
N SER C 334 17.28 54.25 -45.28
CA SER C 334 18.07 53.41 -44.41
C SER C 334 19.58 53.70 -44.49
N ARG C 335 20.08 53.90 -45.72
CA ARG C 335 21.55 54.00 -45.93
C ARG C 335 22.10 55.29 -45.37
N ARG C 336 21.17 56.20 -45.12
CA ARG C 336 21.44 57.55 -44.65
C ARG C 336 21.34 57.59 -43.14
N HIS C 337 20.85 56.49 -42.53
CA HIS C 337 20.65 56.39 -41.07
C HIS C 337 21.04 55.06 -40.43
N PRO C 338 22.36 54.80 -40.24
CA PRO C 338 22.82 53.58 -39.62
C PRO C 338 22.54 53.51 -38.13
N GLU C 339 22.24 54.64 -37.52
CA GLU C 339 21.96 54.70 -36.07
C GLU C 339 20.46 54.39 -35.79
N TYR C 340 19.73 54.03 -36.82
CA TYR C 340 18.35 53.83 -36.65
C TYR C 340 18.10 52.33 -36.62
N ALA C 341 17.09 51.93 -35.82
CA ALA C 341 16.59 50.58 -35.74
C ALA C 341 15.93 50.14 -37.01
N VAL C 342 16.30 48.95 -37.48
CA VAL C 342 15.77 48.47 -38.72
C VAL C 342 14.24 48.57 -38.60
N SER C 343 13.72 48.25 -37.42
CA SER C 343 12.28 48.08 -37.32
C SER C 343 11.64 49.43 -37.40
N VAL C 344 12.35 50.46 -36.93
CA VAL C 344 11.96 51.90 -37.06
C VAL C 344 11.89 52.36 -38.53
N LEU C 345 12.97 52.27 -39.25
CA LEU C 345 12.87 52.51 -40.72
C LEU C 345 11.57 51.97 -41.42
N LEU C 346 11.07 50.85 -40.92
CA LEU C 346 9.96 50.20 -41.55
C LEU C 346 8.73 50.85 -41.07
N ARG C 347 8.84 51.48 -39.89
CA ARG C 347 7.65 52.09 -39.35
C ARG C 347 7.42 53.40 -40.10
N LEU C 348 8.55 53.98 -40.46
CA LEU C 348 8.68 55.11 -41.39
C LEU C 348 8.27 54.84 -42.79
N ALA C 349 8.75 53.73 -43.39
CA ALA C 349 8.25 53.47 -44.74
C ALA C 349 6.75 53.51 -44.69
N LYS C 350 6.19 53.10 -43.56
CA LYS C 350 4.77 52.81 -43.52
C LYS C 350 3.95 54.00 -43.25
N GLU C 351 4.51 54.99 -42.58
CA GLU C 351 3.75 56.23 -42.39
C GLU C 351 3.82 57.13 -43.65
N TYR C 352 5.03 57.24 -44.23
CA TYR C 352 5.22 57.81 -45.55
C TYR C 352 4.24 57.21 -46.57
N GLU C 353 4.06 55.91 -46.52
CA GLU C 353 3.14 55.30 -47.43
C GLU C 353 1.74 55.65 -47.07
N ALA C 354 1.43 55.73 -45.76
CA ALA C 354 0.06 56.14 -45.37
C ALA C 354 -0.15 57.56 -45.78
N THR C 355 0.90 58.35 -45.73
CA THR C 355 0.79 59.80 -45.99
C THR C 355 0.51 60.03 -47.43
N LEU C 356 1.14 59.21 -48.26
CA LEU C 356 1.04 59.35 -49.71
C LEU C 356 -0.33 58.95 -50.20
N GLU C 357 -0.81 57.84 -49.68
CA GLU C 357 -2.13 57.33 -49.89
C GLU C 357 -3.19 58.36 -49.55
N ASP C 358 -2.98 59.17 -48.49
CA ASP C 358 -3.89 60.27 -48.18
C ASP C 358 -3.75 61.45 -49.12
N CYS C 359 -2.52 61.95 -49.27
CA CYS C 359 -2.26 63.18 -49.99
C CYS C 359 -2.48 63.18 -51.55
N CYS C 360 -2.18 62.05 -52.20
CA CYS C 360 -2.21 61.97 -53.63
C CYS C 360 -3.59 62.02 -54.14
N ALA C 361 -4.52 61.76 -53.23
CA ALA C 361 -5.95 61.78 -53.51
C ALA C 361 -6.51 63.19 -53.28
N LYS C 362 -5.72 64.08 -52.65
CA LYS C 362 -6.14 65.47 -52.48
C LYS C 362 -5.87 66.33 -53.71
N GLU C 363 -6.45 67.53 -53.71
CA GLU C 363 -6.31 68.48 -54.81
C GLU C 363 -4.88 68.93 -55.11
N ASP C 364 -4.19 69.29 -54.06
CA ASP C 364 -2.83 69.78 -54.17
C ASP C 364 -1.97 68.79 -53.39
N PRO C 365 -1.61 67.65 -53.99
CA PRO C 365 -0.85 66.68 -53.21
C PRO C 365 0.30 67.32 -52.37
N HIS C 366 1.17 68.08 -53.06
CA HIS C 366 2.36 68.70 -52.46
C HIS C 366 2.03 69.36 -51.16
N ALA C 367 0.87 69.99 -51.10
CA ALA C 367 0.48 70.82 -49.97
C ALA C 367 -0.21 70.03 -48.86
N CYS C 368 -0.26 68.71 -49.02
CA CYS C 368 -0.78 67.87 -47.99
C CYS C 368 0.43 67.13 -47.42
N TYR C 369 1.45 66.87 -48.23
CA TYR C 369 2.51 65.99 -47.74
C TYR C 369 3.80 66.71 -47.46
N ALA C 370 3.89 67.97 -47.84
CA ALA C 370 5.19 68.63 -47.84
C ALA C 370 5.96 68.56 -46.49
N THR C 371 5.21 68.41 -45.39
CA THR C 371 5.80 68.27 -44.06
C THR C 371 6.04 66.83 -43.64
N VAL C 372 5.91 65.90 -44.58
CA VAL C 372 5.97 64.49 -44.18
C VAL C 372 7.23 64.21 -43.41
N PHE C 373 8.41 64.66 -43.87
CA PHE C 373 9.60 64.22 -43.10
C PHE C 373 9.58 64.79 -41.66
N ASP C 374 9.03 66.00 -41.46
CA ASP C 374 8.97 66.54 -40.08
C ASP C 374 8.22 65.52 -39.17
N LYS C 375 7.40 64.65 -39.78
CA LYS C 375 6.52 63.80 -38.99
C LYS C 375 7.35 62.59 -38.69
N LEU C 376 7.94 62.07 -39.75
CA LEU C 376 8.83 60.95 -39.56
C LEU C 376 9.77 61.24 -38.34
N LYS C 377 10.55 62.30 -38.38
CA LYS C 377 11.50 62.54 -37.25
C LYS C 377 10.82 62.55 -35.87
N HIS C 378 9.65 63.18 -35.74
CA HIS C 378 8.83 62.96 -34.53
C HIS C 378 8.46 61.47 -34.17
N LEU C 379 8.51 60.58 -35.14
CA LEU C 379 8.17 59.19 -34.86
C LEU C 379 9.35 58.48 -34.28
N VAL C 380 10.56 58.78 -34.75
CA VAL C 380 11.81 58.35 -34.09
C VAL C 380 12.03 58.74 -32.62
N ASP C 381 11.63 59.94 -32.23
CA ASP C 381 11.79 60.31 -30.83
C ASP C 381 10.61 59.80 -29.99
N GLU C 382 10.08 58.62 -30.28
CA GLU C 382 9.20 58.00 -29.31
C GLU C 382 9.87 56.76 -28.67
N PRO C 383 10.30 55.81 -29.50
CA PRO C 383 11.23 54.77 -29.18
C PRO C 383 12.43 55.24 -28.36
N GLN C 384 12.80 56.52 -28.45
CA GLN C 384 13.94 57.07 -27.69
C GLN C 384 13.58 57.33 -26.25
N ASN C 385 12.44 57.95 -26.04
CA ASN C 385 12.01 58.21 -24.67
C ASN C 385 11.90 56.88 -23.96
N LEU C 386 11.18 55.94 -24.59
CA LEU C 386 10.99 54.62 -23.99
C LEU C 386 12.33 54.04 -23.52
N ILE C 387 13.29 53.94 -24.44
CA ILE C 387 14.63 53.50 -24.09
C ILE C 387 15.17 54.21 -22.84
N LYS C 388 14.88 55.52 -22.72
CA LYS C 388 15.48 56.34 -21.68
C LYS C 388 14.96 56.05 -20.28
N LYS C 389 13.65 55.93 -20.09
CA LYS C 389 13.07 55.68 -18.79
C LYS C 389 13.64 54.39 -18.25
N ASN C 390 13.50 53.38 -19.08
CA ASN C 390 13.86 52.03 -18.77
C ASN C 390 15.38 51.85 -18.50
N CYS C 391 16.25 52.39 -19.36
CA CYS C 391 17.69 52.31 -19.08
C CYS C 391 18.07 52.84 -17.74
N GLU C 392 17.34 53.86 -17.29
CA GLU C 392 17.57 54.49 -15.99
C GLU C 392 17.10 53.56 -14.90
N LEU C 393 16.18 52.69 -15.25
CA LEU C 393 15.59 51.81 -14.28
C LEU C 393 16.65 50.75 -14.05
N PHE C 394 17.04 50.13 -15.17
CA PHE C 394 18.18 49.23 -15.20
C PHE C 394 19.41 49.69 -14.36
N GLU C 395 19.82 50.95 -14.57
CA GLU C 395 20.98 51.54 -13.91
C GLU C 395 20.82 51.58 -12.43
N LYS C 396 19.57 51.69 -11.97
CA LYS C 396 19.29 51.97 -10.57
C LYS C 396 19.10 50.71 -9.76
N HIS C 397 18.67 49.66 -10.44
CA HIS C 397 18.28 48.46 -9.76
C HIS C 397 18.94 47.22 -10.29
N GLY C 398 19.77 47.35 -11.31
CA GLY C 398 20.43 46.15 -11.85
C GLY C 398 19.49 45.15 -12.50
N GLU C 399 20.13 44.20 -13.18
CA GLU C 399 19.40 43.33 -14.03
C GLU C 399 18.30 42.66 -13.29
N TYR C 400 18.55 42.26 -12.05
CA TYR C 400 17.57 41.42 -11.33
C TYR C 400 16.37 42.31 -10.99
N GLY C 401 16.65 43.40 -10.29
CA GLY C 401 15.64 44.40 -9.93
C GLY C 401 14.84 44.79 -11.15
N PHE C 402 15.54 44.98 -12.26
CA PHE C 402 14.87 45.36 -13.47
C PHE C 402 13.89 44.27 -13.90
N GLN C 403 14.32 43.01 -13.93
CA GLN C 403 13.44 42.06 -14.60
C GLN C 403 12.23 41.92 -13.74
N ASN C 404 12.37 42.32 -12.49
CA ASN C 404 11.28 42.24 -11.53
C ASN C 404 10.22 43.25 -11.85
N ALA C 405 10.70 44.49 -11.97
CA ALA C 405 9.98 45.60 -12.61
C ALA C 405 9.23 45.16 -13.88
N LEU C 406 9.85 44.43 -14.80
CA LEU C 406 9.11 44.06 -16.01
C LEU C 406 8.17 42.90 -15.74
N ILE C 407 8.44 42.18 -14.63
CA ILE C 407 7.60 41.03 -14.31
C ILE C 407 6.27 41.56 -13.79
N VAL C 408 6.33 42.57 -12.91
CA VAL C 408 5.19 43.32 -12.47
C VAL C 408 4.38 43.76 -13.68
N ARG C 409 5.05 44.48 -14.58
CA ARG C 409 4.41 45.09 -15.75
C ARG C 409 3.81 44.14 -16.73
N TYR C 410 4.57 43.12 -17.10
CA TYR C 410 4.12 42.30 -18.19
C TYR C 410 3.03 41.33 -17.72
N THR C 411 3.03 41.05 -16.43
CA THR C 411 2.01 40.23 -15.87
C THR C 411 0.76 41.00 -16.00
N ARG C 412 0.88 42.28 -15.66
CA ARG C 412 -0.23 43.21 -15.74
C ARG C 412 -0.69 43.38 -17.18
N LYS C 413 0.14 43.11 -18.19
CA LYS C 413 -0.39 43.24 -19.59
C LYS C 413 -1.21 42.03 -20.02
N ALA C 414 -0.68 40.83 -19.73
CA ALA C 414 -1.26 39.62 -20.25
C ALA C 414 -1.39 38.47 -19.25
N PRO C 415 -2.09 38.66 -18.11
CA PRO C 415 -2.01 37.66 -17.02
C PRO C 415 -2.57 36.29 -17.37
N GLN C 416 -3.03 36.17 -18.61
CA GLN C 416 -3.58 34.93 -19.12
C GLN C 416 -2.42 34.04 -19.57
N VAL C 417 -1.21 34.62 -19.60
CA VAL C 417 -0.03 33.94 -20.12
C VAL C 417 0.58 33.05 -19.03
N SER C 418 0.99 31.84 -19.43
CA SER C 418 1.69 30.98 -18.54
C SER C 418 2.78 31.70 -17.76
N THR C 419 2.91 31.36 -16.47
CA THR C 419 4.00 31.80 -15.58
C THR C 419 5.39 31.57 -16.18
N PRO C 420 5.59 30.39 -16.83
CA PRO C 420 6.84 30.17 -17.60
C PRO C 420 7.19 31.16 -18.67
N THR C 421 6.24 31.45 -19.58
CA THR C 421 6.41 32.41 -20.68
C THR C 421 6.59 33.82 -20.11
N LEU C 422 5.79 34.19 -19.12
CA LEU C 422 5.97 35.55 -18.54
C LEU C 422 7.34 35.66 -17.90
N VAL C 423 7.77 34.68 -17.11
CA VAL C 423 9.14 34.74 -16.57
C VAL C 423 10.21 34.64 -17.68
N GLU C 424 9.98 33.83 -18.68
CA GLU C 424 10.97 33.74 -19.74
C GLU C 424 11.07 35.08 -20.46
N ILE C 425 9.93 35.61 -20.86
CA ILE C 425 9.94 36.91 -21.51
C ILE C 425 10.53 37.99 -20.63
N SER C 426 10.12 38.07 -19.39
CA SER C 426 10.54 39.24 -18.60
C SER C 426 11.98 39.13 -18.23
N ARG C 427 12.54 37.92 -18.28
CA ARG C 427 13.99 37.73 -18.00
C ARG C 427 14.84 38.26 -19.20
N SER C 428 14.30 38.10 -20.40
CA SER C 428 15.05 38.52 -21.59
C SER C 428 14.92 39.99 -21.74
N LEU C 429 13.68 40.45 -21.57
CA LEU C 429 13.46 41.88 -21.58
C LEU C 429 14.50 42.53 -20.73
N GLY C 430 14.76 41.97 -19.57
CA GLY C 430 15.70 42.56 -18.61
C GLY C 430 17.14 42.58 -19.00
N LYS C 431 17.56 41.56 -19.72
CA LYS C 431 18.93 41.35 -20.13
C LYS C 431 19.31 42.51 -21.06
N VAL C 432 18.42 42.74 -22.02
CA VAL C 432 18.54 43.80 -23.01
C VAL C 432 19.09 45.09 -22.42
N GLY C 433 18.71 45.41 -21.19
CA GLY C 433 19.32 46.51 -20.44
C GLY C 433 20.84 46.37 -20.39
N THR C 434 21.33 45.19 -20.07
CA THR C 434 22.75 44.95 -19.88
C THR C 434 23.32 45.01 -21.27
N LYS C 435 22.58 44.54 -22.25
CA LYS C 435 23.23 44.49 -23.60
C LYS C 435 23.17 45.80 -24.33
N CYS C 436 22.33 46.71 -23.88
CA CYS C 436 22.11 47.87 -24.75
C CYS C 436 22.43 49.14 -24.02
N CYS C 437 22.13 49.22 -22.72
CA CYS C 437 22.27 50.54 -22.06
C CYS C 437 23.74 50.97 -21.91
N ALA C 438 24.67 50.09 -22.25
CA ALA C 438 26.08 50.37 -21.98
C ALA C 438 26.62 51.30 -23.04
N LYS C 439 25.96 51.31 -24.18
CA LYS C 439 26.57 51.76 -25.43
C LYS C 439 26.27 53.21 -25.83
N PRO C 440 27.08 53.78 -26.73
CA PRO C 440 26.79 55.16 -27.19
C PRO C 440 25.36 55.30 -27.76
N GLU C 441 24.90 56.54 -27.86
CA GLU C 441 23.55 56.87 -28.26
C GLU C 441 23.21 56.39 -29.64
N SER C 442 24.21 56.34 -30.51
CA SER C 442 23.96 55.87 -31.87
C SER C 442 23.53 54.40 -31.94
N GLU C 443 24.36 53.50 -31.40
CA GLU C 443 24.07 52.06 -31.48
C GLU C 443 23.06 51.62 -30.43
N ARG C 444 22.82 52.47 -29.43
CA ARG C 444 21.80 52.19 -28.43
C ARG C 444 20.47 51.72 -29.03
N MET C 445 19.84 52.53 -29.89
CA MET C 445 18.47 52.26 -30.31
C MET C 445 18.37 51.00 -31.16
N PRO C 446 19.10 50.92 -32.30
CA PRO C 446 19.03 49.61 -32.98
C PRO C 446 19.17 48.43 -32.02
N CYS C 447 19.97 48.60 -30.95
CA CYS C 447 20.23 47.54 -29.94
C CYS C 447 18.95 47.23 -29.22
N THR C 448 18.45 48.20 -28.44
CA THR C 448 17.18 47.97 -27.73
C THR C 448 15.96 47.57 -28.59
N GLU C 449 15.84 48.13 -29.78
CA GLU C 449 14.71 47.82 -30.66
C GLU C 449 14.84 46.52 -31.46
N ASP C 450 16.06 46.19 -31.89
CA ASP C 450 16.27 44.89 -32.51
C ASP C 450 15.92 43.74 -31.51
N TYR C 451 16.65 43.61 -30.40
CA TYR C 451 16.41 42.49 -29.48
C TYR C 451 14.92 42.35 -29.08
N LEU C 452 14.24 43.49 -28.92
CA LEU C 452 12.83 43.54 -28.60
C LEU C 452 11.95 42.97 -29.73
N SER C 453 12.46 42.89 -30.94
CA SER C 453 11.59 42.40 -31.95
C SER C 453 11.60 40.90 -31.78
N LEU C 454 12.74 40.45 -31.37
CA LEU C 454 12.99 39.03 -31.17
C LEU C 454 12.33 38.52 -29.92
N ILE C 455 12.41 39.28 -28.81
CA ILE C 455 11.80 38.84 -27.52
C ILE C 455 10.28 38.81 -27.60
N LEU C 456 9.71 39.84 -28.21
CA LEU C 456 8.27 39.84 -28.61
C LEU C 456 7.88 38.78 -29.60
N ASN C 457 8.60 38.63 -30.73
CA ASN C 457 8.36 37.43 -31.59
C ASN C 457 8.29 36.14 -30.78
N ARG C 458 9.16 36.00 -29.78
CA ARG C 458 9.26 34.73 -29.03
C ARG C 458 7.94 34.45 -28.27
N LEU C 459 7.46 35.48 -27.53
CA LEU C 459 6.11 35.53 -26.97
C LEU C 459 5.00 35.08 -27.93
N CYS C 460 4.80 35.78 -29.04
CA CYS C 460 3.85 35.42 -30.08
C CYS C 460 3.94 33.96 -30.64
N VAL C 461 5.08 33.30 -30.51
CA VAL C 461 5.15 31.94 -30.94
C VAL C 461 4.74 30.97 -29.81
N LEU C 462 5.16 31.24 -28.60
CA LEU C 462 4.59 30.58 -27.46
C LEU C 462 3.08 30.83 -27.52
N HIS C 463 2.71 32.11 -27.44
CA HIS C 463 1.31 32.50 -27.39
C HIS C 463 0.55 31.96 -28.49
N GLU C 464 1.13 31.96 -29.67
CA GLU C 464 0.32 31.49 -30.80
C GLU C 464 0.01 29.99 -30.80
N LYS C 465 0.66 29.21 -29.96
CA LYS C 465 0.39 27.78 -29.90
C LYS C 465 -0.85 27.52 -29.05
N THR C 466 -0.76 27.85 -27.76
CA THR C 466 -1.91 27.77 -26.85
C THR C 466 -2.32 29.19 -26.42
N PRO C 467 -3.18 29.87 -27.22
CA PRO C 467 -3.56 31.30 -27.00
C PRO C 467 -4.54 31.45 -25.88
N VAL C 468 -4.40 32.54 -25.12
CA VAL C 468 -5.16 32.82 -23.87
C VAL C 468 -5.43 34.31 -23.61
N SER C 469 -4.91 35.21 -24.43
CA SER C 469 -5.18 36.59 -24.16
C SER C 469 -5.43 37.20 -25.51
N GLU C 470 -6.68 37.65 -25.79
CA GLU C 470 -6.98 38.33 -27.08
C GLU C 470 -5.95 39.41 -27.24
N LYS C 471 -5.70 40.16 -26.15
CA LYS C 471 -4.95 41.43 -26.24
C LYS C 471 -3.59 41.13 -26.80
N VAL C 472 -3.07 39.96 -26.43
CA VAL C 472 -1.82 39.47 -26.96
C VAL C 472 -1.94 39.08 -28.43
N THR C 473 -3.06 38.52 -28.80
CA THR C 473 -3.23 38.14 -30.17
C THR C 473 -3.41 39.39 -31.01
N LYS C 474 -4.01 40.45 -30.44
CA LYS C 474 -4.14 41.69 -31.22
C LYS C 474 -2.76 42.16 -31.69
N CYS C 475 -1.83 42.31 -30.72
CA CYS C 475 -0.49 42.79 -31.00
C CYS C 475 0.32 41.81 -31.94
N CYS C 476 0.31 40.51 -31.68
CA CYS C 476 1.02 39.56 -32.55
C CYS C 476 0.56 39.52 -33.99
N THR C 477 -0.76 39.63 -34.20
CA THR C 477 -1.31 39.32 -35.51
C THR C 477 -1.47 40.49 -36.48
N GLU C 478 -1.52 41.72 -35.97
CA GLU C 478 -1.54 42.90 -36.84
C GLU C 478 -0.12 43.10 -37.31
N SER C 479 0.16 44.21 -37.99
CA SER C 479 1.49 44.27 -38.57
C SER C 479 2.68 44.12 -37.60
N LEU C 480 3.70 43.52 -38.18
CA LEU C 480 4.90 43.19 -37.53
C LEU C 480 5.52 44.48 -36.99
N VAL C 481 5.64 45.42 -37.91
CA VAL C 481 6.30 46.68 -37.71
C VAL C 481 5.68 47.49 -36.55
N ASN C 482 4.46 47.17 -36.16
CA ASN C 482 3.80 47.94 -35.10
C ASN C 482 3.89 47.30 -33.70
N ARG C 483 4.35 46.05 -33.66
CA ARG C 483 4.41 45.27 -32.41
C ARG C 483 4.90 45.98 -31.12
N ARG C 484 6.16 46.46 -31.08
CA ARG C 484 6.72 46.89 -29.79
C ARG C 484 5.88 48.04 -29.23
N PRO C 485 5.59 49.06 -30.06
CA PRO C 485 4.60 50.05 -29.66
C PRO C 485 3.30 49.42 -29.17
N CYS C 486 2.70 48.55 -29.95
CA CYS C 486 1.51 47.87 -29.48
C CYS C 486 1.72 47.24 -28.12
N PHE C 487 2.64 46.27 -28.01
CA PHE C 487 2.90 45.58 -26.73
C PHE C 487 3.17 46.54 -25.63
N SER C 488 3.87 47.60 -25.99
CA SER C 488 4.14 48.66 -25.09
C SER C 488 2.87 49.36 -24.69
N ASP C 489 1.87 49.36 -25.57
CA ASP C 489 0.58 50.08 -25.36
C ASP C 489 -0.43 49.49 -24.35
N LEU C 490 -0.43 48.18 -24.26
CA LEU C 490 -1.31 47.48 -23.34
C LEU C 490 -1.04 47.94 -21.93
N THR C 491 -2.10 48.33 -21.27
CA THR C 491 -2.01 48.70 -19.87
C THR C 491 -2.47 47.48 -19.04
N LEU C 492 -2.77 47.73 -17.78
CA LEU C 492 -3.23 46.68 -16.86
C LEU C 492 -4.62 46.19 -17.28
N ASP C 493 -4.68 44.90 -17.62
CA ASP C 493 -5.90 44.23 -18.08
C ASP C 493 -6.97 44.25 -17.01
N GLU C 494 -8.06 44.97 -17.27
CA GLU C 494 -9.14 45.16 -16.31
C GLU C 494 -10.19 44.06 -16.45
N THR C 495 -10.03 43.21 -17.48
CA THR C 495 -10.82 41.97 -17.75
C THR C 495 -10.56 40.77 -16.78
N TYR C 496 -9.28 40.42 -16.54
CA TYR C 496 -8.86 39.20 -15.85
C TYR C 496 -9.39 39.01 -14.44
N VAL C 497 -9.77 37.76 -14.18
CA VAL C 497 -10.31 37.36 -12.86
C VAL C 497 -9.27 36.55 -12.07
N PRO C 498 -8.69 37.16 -10.99
CA PRO C 498 -7.75 36.47 -10.07
C PRO C 498 -8.28 35.14 -9.56
N LYS C 499 -7.52 34.07 -9.72
CA LYS C 499 -8.00 32.78 -9.27
C LYS C 499 -7.63 32.62 -7.76
N PRO C 500 -7.94 31.44 -7.11
CA PRO C 500 -7.64 31.36 -5.68
C PRO C 500 -6.14 31.19 -5.38
N PHE C 501 -5.80 31.27 -4.10
CA PHE C 501 -4.42 31.22 -3.62
C PHE C 501 -3.99 29.80 -3.15
N ASP C 502 -4.77 28.79 -3.56
CA ASP C 502 -4.47 27.38 -3.26
C ASP C 502 -3.09 26.95 -3.81
N GLY C 503 -2.74 27.47 -5.00
CA GLY C 503 -1.57 27.05 -5.77
C GLY C 503 -0.35 26.55 -5.00
N GLU C 504 0.18 25.39 -5.43
CA GLU C 504 1.50 24.88 -5.06
C GLU C 504 2.58 25.68 -5.84
N SER C 505 2.11 26.57 -6.69
CA SER C 505 2.93 27.63 -7.25
C SER C 505 3.62 28.35 -6.09
N PHE C 506 2.86 28.62 -5.03
CA PHE C 506 3.38 29.28 -3.85
C PHE C 506 3.98 28.27 -2.86
N THR C 507 5.16 27.76 -3.22
CA THR C 507 5.88 26.86 -2.36
C THR C 507 7.37 26.81 -2.73
N PHE C 508 8.17 26.98 -1.68
CA PHE C 508 9.63 26.90 -1.79
C PHE C 508 10.17 25.59 -1.15
N HIS C 509 11.34 25.15 -1.61
CA HIS C 509 11.95 23.95 -1.09
C HIS C 509 13.47 24.12 -1.06
N ALA C 510 14.21 23.20 -0.44
CA ALA C 510 15.64 23.49 -0.24
C ALA C 510 16.51 23.25 -1.49
N ASP C 511 15.86 23.05 -2.63
CA ASP C 511 16.58 22.89 -3.92
C ASP C 511 17.11 24.22 -4.17
N ILE C 512 16.32 25.19 -3.69
CA ILE C 512 16.59 26.61 -3.87
C ILE C 512 17.92 27.07 -3.25
N CYS C 513 18.44 26.31 -2.29
CA CYS C 513 19.76 26.62 -1.73
C CYS C 513 20.95 26.12 -2.57
N THR C 514 20.68 25.11 -3.42
CA THR C 514 21.72 24.30 -4.08
C THR C 514 21.85 24.91 -5.45
N LEU C 515 20.73 25.45 -5.94
CA LEU C 515 20.63 25.89 -7.30
C LEU C 515 21.65 26.97 -7.75
N PRO C 516 22.14 26.93 -9.02
CA PRO C 516 22.90 28.12 -9.44
C PRO C 516 22.04 29.44 -9.37
N ASP C 517 22.72 30.56 -9.12
CA ASP C 517 22.08 31.87 -8.91
C ASP C 517 21.02 32.21 -9.99
N THR C 518 21.14 31.64 -11.18
CA THR C 518 20.08 31.87 -12.16
C THR C 518 18.79 31.15 -11.81
N GLU C 519 18.91 29.90 -11.32
CA GLU C 519 17.72 29.12 -10.93
C GLU C 519 17.08 29.61 -9.68
N LYS C 520 17.86 30.21 -8.80
CA LYS C 520 17.23 30.78 -7.62
C LYS C 520 16.17 31.76 -8.06
N GLN C 521 16.52 32.60 -9.01
CA GLN C 521 15.73 33.81 -9.31
C GLN C 521 14.43 33.46 -10.00
N ILE C 522 14.57 32.52 -10.89
CA ILE C 522 13.54 31.89 -11.60
C ILE C 522 12.44 31.37 -10.66
N LYS C 523 12.81 30.59 -9.63
CA LYS C 523 11.92 30.36 -8.46
C LYS C 523 11.27 31.64 -7.83
N LYS C 524 12.09 32.58 -7.33
CA LYS C 524 11.55 33.86 -6.80
C LYS C 524 10.72 34.59 -7.84
N GLN C 525 11.09 34.47 -9.11
CA GLN C 525 10.32 35.15 -10.15
C GLN C 525 8.96 34.53 -10.38
N THR C 526 8.92 33.23 -10.23
CA THR C 526 7.67 32.55 -10.46
C THR C 526 6.65 32.85 -9.37
N ALA C 527 7.07 32.77 -8.12
CA ALA C 527 6.15 33.18 -7.07
C ALA C 527 5.68 34.65 -7.26
N LEU C 528 6.56 35.52 -7.73
CA LEU C 528 6.25 36.94 -8.01
C LEU C 528 5.14 37.08 -9.03
N VAL C 529 5.11 36.13 -9.99
CA VAL C 529 4.15 36.11 -11.06
C VAL C 529 2.79 35.74 -10.52
N GLU C 530 2.65 34.54 -9.97
CA GLU C 530 1.43 34.16 -9.23
C GLU C 530 1.19 35.15 -8.10
N LEU C 531 2.21 35.88 -7.70
CA LEU C 531 1.85 36.87 -6.73
C LEU C 531 0.85 37.78 -7.40
N LEU C 532 1.14 38.17 -8.64
CA LEU C 532 0.25 39.11 -9.32
C LEU C 532 -0.99 38.40 -9.87
N LYS C 533 -0.82 37.13 -10.24
CA LYS C 533 -1.89 36.35 -10.92
C LYS C 533 -3.17 36.27 -10.05
N HIS C 534 -3.02 36.36 -8.73
CA HIS C 534 -4.20 36.38 -7.89
C HIS C 534 -4.41 37.64 -7.04
N LYS C 535 -3.50 38.60 -7.14
CA LYS C 535 -3.66 39.86 -6.45
C LYS C 535 -3.19 40.96 -7.36
N PRO C 536 -3.86 41.08 -8.52
CA PRO C 536 -3.45 41.85 -9.72
C PRO C 536 -3.25 43.33 -9.53
N LYS C 537 -4.03 43.93 -8.63
CA LYS C 537 -4.00 45.37 -8.45
C LYS C 537 -3.23 45.79 -7.19
N ALA C 538 -2.38 44.91 -6.67
CA ALA C 538 -1.65 45.18 -5.40
C ALA C 538 -0.62 46.27 -5.49
N THR C 539 -0.37 46.92 -4.36
CA THR C 539 0.44 48.13 -4.26
C THR C 539 1.84 47.82 -4.70
N ASP C 540 2.56 48.85 -5.15
CA ASP C 540 3.97 48.64 -5.47
C ASP C 540 4.80 48.37 -4.20
N GLU C 541 4.48 49.07 -3.12
CA GLU C 541 5.05 48.78 -1.81
C GLU C 541 4.55 47.46 -1.20
N GLN C 542 3.37 47.02 -1.59
CA GLN C 542 2.88 45.72 -1.15
C GLN C 542 3.73 44.63 -1.77
N LEU C 543 4.08 44.80 -3.03
CA LEU C 543 4.93 43.86 -3.77
C LEU C 543 6.38 43.88 -3.31
N LYS C 544 6.96 45.06 -3.09
CA LYS C 544 8.31 45.15 -2.52
C LYS C 544 8.40 44.46 -1.18
N THR C 545 7.35 44.63 -0.37
CA THR C 545 7.33 44.15 1.00
C THR C 545 7.38 42.64 1.02
N VAL C 546 6.46 42.03 0.28
CA VAL C 546 6.40 40.60 0.19
C VAL C 546 7.72 40.02 -0.34
N MET C 547 8.33 40.69 -1.34
CA MET C 547 9.65 40.26 -1.88
C MET C 547 10.69 40.17 -0.76
N GLU C 548 10.55 41.04 0.24
CA GLU C 548 11.49 41.07 1.36
C GLU C 548 11.26 39.93 2.30
N ASN C 549 10.03 39.45 2.32
CA ASN C 549 9.72 38.21 2.99
C ASN C 549 10.30 36.96 2.34
N PHE C 550 10.05 36.79 1.04
CA PHE C 550 10.59 35.63 0.36
C PHE C 550 12.09 35.46 0.54
N VAL C 551 12.82 36.55 0.62
CA VAL C 551 14.27 36.53 0.73
C VAL C 551 14.69 36.45 2.20
N ALA C 552 13.84 36.91 3.10
CA ALA C 552 14.01 36.60 4.51
C ALA C 552 13.99 35.11 4.62
N PHE C 553 12.84 34.55 4.31
CA PHE C 553 12.53 33.13 4.32
C PHE C 553 13.55 32.20 3.73
N VAL C 554 13.92 32.37 2.47
CA VAL C 554 14.94 31.57 1.84
C VAL C 554 16.30 31.64 2.60
N ASP C 555 16.72 32.82 2.99
CA ASP C 555 17.99 32.98 3.72
C ASP C 555 18.07 32.20 5.06
N LYS C 556 17.03 32.33 5.86
CA LYS C 556 17.01 31.68 7.15
C LYS C 556 16.96 30.16 6.99
N CYS C 557 16.13 29.72 6.09
CA CYS C 557 15.90 28.30 5.89
C CYS C 557 17.00 27.63 5.15
N CYS C 558 17.70 28.35 4.26
CA CYS C 558 18.97 27.82 3.70
C CYS C 558 20.11 27.88 4.70
N ALA C 559 19.85 28.48 5.84
CA ALA C 559 20.91 28.75 6.85
C ALA C 559 20.91 27.73 7.95
N ALA C 560 19.69 27.23 8.22
CA ALA C 560 19.33 26.03 9.02
C ALA C 560 20.26 24.83 8.73
N ASP C 561 20.66 24.15 9.77
CA ASP C 561 21.32 22.86 9.60
C ASP C 561 20.47 21.85 8.83
N ASP C 562 19.22 21.65 9.26
CA ASP C 562 18.26 20.85 8.50
C ASP C 562 17.30 21.77 7.75
N LYS C 563 17.57 21.84 6.44
CA LYS C 563 17.00 22.81 5.52
C LYS C 563 15.60 22.42 5.07
N GLU C 564 15.41 21.22 4.51
CA GLU C 564 14.05 20.95 4.02
C GLU C 564 13.10 21.09 5.22
N GLY C 565 13.53 20.56 6.38
CA GLY C 565 12.79 20.71 7.61
C GLY C 565 12.19 22.10 7.82
N CYS C 566 13.03 23.12 7.75
CA CYS C 566 12.65 24.55 7.89
C CYS C 566 11.63 24.98 6.84
N PHE C 567 12.00 24.94 5.56
CA PHE C 567 11.09 25.35 4.52
C PHE C 567 9.78 24.69 4.77
N LEU C 568 9.81 23.55 5.43
CA LEU C 568 8.63 22.72 5.57
C LEU C 568 7.82 23.25 6.73
N LEU C 569 8.50 24.00 7.60
CA LEU C 569 7.90 24.49 8.84
C LEU C 569 7.17 25.72 8.48
N GLU C 570 7.90 26.65 7.86
CA GLU C 570 7.44 28.03 7.71
C GLU C 570 6.56 28.26 6.47
N GLY C 571 6.46 27.22 5.63
CA GLY C 571 5.57 27.18 4.49
C GLY C 571 4.20 27.72 4.84
N PRO C 572 3.53 27.16 5.87
CA PRO C 572 2.22 27.70 6.21
C PRO C 572 2.31 29.18 6.39
N LYS C 573 3.33 29.60 7.13
CA LYS C 573 3.35 30.94 7.70
C LYS C 573 3.37 32.01 6.62
N LEU C 574 4.36 31.91 5.74
CA LEU C 574 4.58 32.93 4.71
C LEU C 574 3.36 33.00 3.84
N VAL C 575 2.72 31.84 3.63
CA VAL C 575 1.55 31.72 2.74
C VAL C 575 0.33 32.54 3.20
N ALA C 576 -0.04 32.44 4.48
CA ALA C 576 -1.15 33.27 4.99
C ALA C 576 -0.69 34.65 5.47
N SER C 577 0.57 34.71 5.94
CA SER C 577 1.27 35.97 6.17
C SER C 577 1.21 36.86 4.90
N THR C 578 1.33 36.23 3.73
CA THR C 578 1.16 36.94 2.46
C THR C 578 -0.25 37.49 2.38
N GLN C 579 -1.17 36.52 2.28
CA GLN C 579 -2.50 36.78 1.76
C GLN C 579 -3.37 37.57 2.71
N ALA C 580 -2.74 38.09 3.77
CA ALA C 580 -3.37 39.11 4.59
C ALA C 580 -2.75 40.48 4.35
N ALA C 581 -1.43 40.51 4.18
CA ALA C 581 -0.79 41.79 3.86
C ALA C 581 -1.10 42.27 2.43
N LEU C 582 -1.95 41.52 1.74
CA LEU C 582 -2.40 41.80 0.35
C LEU C 582 -3.91 42.11 0.21
N ALA C 583 -4.75 41.12 0.53
CA ALA C 583 -6.20 41.36 0.75
C ALA C 583 -6.49 42.64 1.61
N HIS D 3 35.13 -23.92 7.80
CA HIS D 3 34.32 -24.26 6.58
C HIS D 3 35.16 -24.91 5.47
N LYS D 4 34.51 -25.66 4.57
CA LYS D 4 35.15 -26.33 3.42
C LYS D 4 35.69 -25.40 2.30
N SER D 5 35.08 -24.22 2.17
CA SER D 5 35.38 -23.24 1.13
C SER D 5 34.74 -21.89 1.50
N GLU D 6 35.55 -20.95 1.98
CA GLU D 6 35.11 -19.66 2.54
C GLU D 6 34.23 -18.77 1.61
N ILE D 7 34.48 -18.76 0.30
CA ILE D 7 33.75 -17.86 -0.63
C ILE D 7 32.27 -18.20 -0.65
N ALA D 8 31.97 -19.25 0.08
CA ALA D 8 30.71 -20.00 -0.02
C ALA D 8 30.11 -19.98 1.35
N HIS D 9 30.97 -20.02 2.34
CA HIS D 9 30.44 -19.67 3.62
C HIS D 9 29.85 -18.27 3.62
N ARG D 10 30.50 -17.31 2.96
CA ARG D 10 30.00 -15.92 2.92
C ARG D 10 28.86 -15.69 1.92
N PHE D 11 28.81 -16.51 0.87
CA PHE D 11 27.84 -16.26 -0.18
C PHE D 11 26.46 -16.67 0.29
N ASN D 12 26.40 -17.78 1.00
CA ASN D 12 25.16 -18.16 1.63
C ASN D 12 24.77 -17.34 2.81
N ASP D 13 25.73 -16.67 3.42
CA ASP D 13 25.42 -16.00 4.63
C ASP D 13 24.75 -14.73 4.25
N LEU D 14 25.15 -14.20 3.08
CA LEU D 14 24.94 -12.79 2.66
C LEU D 14 23.87 -12.63 1.60
N GLY D 15 23.73 -13.66 0.76
CA GLY D 15 22.81 -13.64 -0.38
C GLY D 15 23.42 -12.90 -1.56
N GLU D 16 23.00 -13.28 -2.76
CA GLU D 16 23.66 -12.77 -3.98
C GLU D 16 23.75 -11.23 -3.96
N GLU D 17 22.65 -10.58 -3.59
CA GLU D 17 22.57 -9.12 -3.63
C GLU D 17 23.72 -8.40 -2.90
N ASN D 18 23.81 -8.55 -1.57
CA ASN D 18 24.93 -7.93 -0.84
C ASN D 18 26.31 -8.53 -1.27
N PHE D 19 26.34 -9.81 -1.56
CA PHE D 19 27.55 -10.39 -2.01
C PHE D 19 28.14 -9.58 -3.18
N GLN D 20 27.39 -9.36 -4.26
CA GLN D 20 27.86 -8.46 -5.33
C GLN D 20 28.21 -7.06 -4.86
N GLY D 21 27.31 -6.42 -4.13
CA GLY D 21 27.55 -5.06 -3.56
C GLY D 21 28.93 -5.06 -2.96
N LEU D 22 29.25 -6.10 -2.15
CA LEU D 22 30.48 -5.98 -1.39
C LEU D 22 31.70 -6.10 -2.28
N VAL D 23 31.73 -7.13 -3.15
CA VAL D 23 32.77 -7.45 -4.10
C VAL D 23 33.05 -6.27 -5.02
N LEU D 24 32.04 -5.76 -5.72
CA LEU D 24 32.09 -4.30 -6.20
C LEU D 24 32.77 -3.31 -5.21
N ILE D 25 32.35 -3.28 -3.95
CA ILE D 25 32.98 -2.34 -2.97
C ILE D 25 34.48 -2.64 -2.75
N ALA D 26 34.90 -3.92 -2.86
CA ALA D 26 36.31 -4.28 -2.60
C ALA D 26 37.14 -3.93 -3.80
N PHE D 27 36.73 -4.44 -4.97
CA PHE D 27 37.40 -4.14 -6.20
C PHE D 27 37.47 -2.62 -6.41
N SER D 28 36.43 -1.87 -6.01
CA SER D 28 36.40 -0.39 -6.27
C SER D 28 37.35 0.37 -5.38
N GLN D 29 37.54 -0.14 -4.17
CA GLN D 29 38.52 0.38 -3.23
C GLN D 29 39.97 -0.18 -3.53
N TYR D 30 40.09 -1.35 -4.14
CA TYR D 30 41.41 -1.79 -4.65
C TYR D 30 42.00 -0.94 -5.79
N LEU D 31 41.26 -0.91 -6.89
CA LEU D 31 41.55 -0.13 -8.09
C LEU D 31 40.67 1.11 -8.26
N GLN D 32 40.97 2.18 -7.58
CA GLN D 32 40.14 3.38 -7.61
C GLN D 32 40.09 4.09 -8.93
N GLN D 33 41.08 3.83 -9.77
CA GLN D 33 41.23 4.44 -11.11
C GLN D 33 40.60 3.66 -12.21
N CYS D 34 40.49 2.34 -12.06
CA CYS D 34 39.79 1.51 -13.10
C CYS D 34 38.32 1.86 -13.36
N PRO D 35 37.91 1.82 -14.64
CA PRO D 35 36.56 2.20 -14.95
C PRO D 35 35.63 1.21 -14.34
N PHE D 36 34.39 1.62 -14.24
CA PHE D 36 33.30 0.76 -13.82
C PHE D 36 33.09 -0.58 -14.63
N ASP D 37 33.44 -0.63 -15.89
CA ASP D 37 33.09 -1.87 -16.63
C ASP D 37 34.01 -3.10 -16.28
N GLU D 38 35.28 -2.81 -16.01
CA GLU D 38 36.18 -3.83 -15.46
C GLU D 38 35.55 -4.48 -14.25
N HIS D 39 35.17 -3.58 -13.33
CA HIS D 39 34.55 -3.92 -12.07
C HIS D 39 33.33 -4.83 -12.29
N VAL D 40 32.39 -4.40 -13.14
CA VAL D 40 31.16 -5.19 -13.37
C VAL D 40 31.59 -6.62 -13.61
N LYS D 41 32.55 -6.72 -14.54
CA LYS D 41 33.11 -7.98 -14.98
C LYS D 41 33.72 -8.79 -13.83
N LEU D 42 34.79 -8.27 -13.26
CA LEU D 42 35.48 -9.02 -12.23
C LEU D 42 34.50 -9.45 -11.11
N VAL D 43 33.44 -8.66 -10.91
CA VAL D 43 32.43 -8.99 -9.90
C VAL D 43 31.63 -10.22 -10.27
N LYS D 44 31.04 -10.23 -11.47
CA LYS D 44 30.22 -11.35 -11.95
C LYS D 44 31.10 -12.59 -12.02
N GLU D 45 32.37 -12.40 -12.43
CA GLU D 45 33.33 -13.46 -12.61
C GLU D 45 33.62 -14.15 -11.30
N LEU D 46 33.39 -13.39 -10.19
CA LEU D 46 33.52 -14.01 -8.84
C LEU D 46 32.20 -14.61 -8.33
N THR D 47 31.10 -14.09 -8.87
CA THR D 47 29.71 -14.53 -8.54
C THR D 47 29.38 -15.88 -9.24
N GLU D 48 29.91 -16.04 -10.47
CA GLU D 48 29.93 -17.33 -11.14
C GLU D 48 30.75 -18.26 -10.28
N PHE D 49 32.06 -18.02 -10.19
CA PHE D 49 32.94 -18.85 -9.36
C PHE D 49 32.29 -19.12 -8.03
N ALA D 50 31.60 -18.13 -7.50
CA ALA D 50 30.95 -18.28 -6.21
C ALA D 50 29.81 -19.34 -6.21
N LYS D 51 28.89 -19.21 -7.17
CA LYS D 51 27.64 -20.00 -7.18
C LYS D 51 27.97 -21.51 -7.37
N THR D 52 29.01 -21.71 -8.18
CA THR D 52 29.73 -22.95 -8.28
C THR D 52 30.06 -23.50 -6.89
N CYS D 53 30.73 -22.73 -6.04
CA CYS D 53 31.01 -23.23 -4.68
C CYS D 53 29.76 -23.45 -3.85
N VAL D 54 28.74 -22.61 -4.00
CA VAL D 54 27.48 -22.88 -3.31
C VAL D 54 26.91 -24.22 -3.81
N ALA D 55 27.17 -24.49 -5.08
CA ALA D 55 26.74 -25.71 -5.72
C ALA D 55 27.61 -26.90 -5.32
N ASP D 56 28.92 -26.89 -5.66
CA ASP D 56 29.79 -27.99 -5.27
C ASP D 56 31.08 -27.60 -4.50
N GLU D 57 30.99 -27.47 -3.16
CA GLU D 57 32.10 -26.97 -2.27
C GLU D 57 33.41 -27.69 -2.40
N SER D 58 33.33 -28.83 -3.04
CA SER D 58 34.51 -29.54 -3.37
C SER D 58 34.94 -29.28 -4.84
N HIS D 59 34.60 -28.13 -5.43
CA HIS D 59 35.12 -27.83 -6.77
C HIS D 59 36.56 -27.24 -6.77
N ALA D 60 37.18 -27.23 -7.95
CA ALA D 60 38.62 -26.94 -8.10
C ALA D 60 39.02 -25.47 -7.95
N GLY D 61 39.34 -25.10 -6.71
CA GLY D 61 39.58 -23.69 -6.41
C GLY D 61 38.74 -23.21 -5.23
N CYS D 62 37.62 -23.91 -4.99
CA CYS D 62 36.66 -23.56 -3.95
C CYS D 62 37.20 -23.29 -2.54
N ASP D 63 38.12 -24.08 -2.05
CA ASP D 63 38.50 -23.92 -0.68
C ASP D 63 39.68 -22.98 -0.54
N LYS D 64 40.03 -22.26 -1.60
CA LYS D 64 41.12 -21.26 -1.46
C LYS D 64 40.70 -20.11 -0.53
N SER D 65 41.55 -19.13 -0.36
CA SER D 65 41.22 -18.04 0.54
C SER D 65 40.71 -16.88 -0.27
N LEU D 66 40.00 -16.00 0.42
CA LEU D 66 39.40 -14.89 -0.28
C LEU D 66 40.42 -14.00 -0.94
N HIS D 67 41.53 -13.75 -0.23
CA HIS D 67 42.59 -12.85 -0.73
C HIS D 67 43.24 -13.45 -1.98
N THR D 68 43.49 -14.75 -1.93
CA THR D 68 43.87 -15.47 -3.14
C THR D 68 42.83 -15.23 -4.27
N LEU D 69 41.55 -15.42 -3.96
CA LEU D 69 40.51 -15.28 -4.98
C LEU D 69 40.33 -13.86 -5.47
N PHE D 70 40.37 -12.90 -4.56
CA PHE D 70 40.29 -11.53 -4.98
C PHE D 70 41.49 -11.14 -5.83
N GLY D 71 42.69 -11.37 -5.29
CA GLY D 71 43.93 -10.98 -5.92
C GLY D 71 44.27 -11.65 -7.24
N ASP D 72 43.59 -12.74 -7.60
CA ASP D 72 43.94 -13.39 -8.85
C ASP D 72 43.16 -12.70 -9.92
N GLU D 73 42.15 -11.98 -9.45
CA GLU D 73 41.29 -11.26 -10.34
C GLU D 73 41.99 -9.96 -10.65
N LEU D 74 42.26 -9.13 -9.64
CA LEU D 74 42.98 -7.87 -9.88
C LEU D 74 44.18 -8.07 -10.82
N CYS D 75 45.04 -9.02 -10.43
CA CYS D 75 46.34 -9.25 -11.05
C CYS D 75 46.24 -9.64 -12.51
N LYS D 76 45.20 -10.39 -12.83
CA LYS D 76 44.80 -10.52 -14.22
C LYS D 76 43.95 -9.28 -14.68
N VAL D 77 44.60 -8.11 -14.66
CA VAL D 77 44.10 -6.87 -15.24
C VAL D 77 45.37 -6.09 -15.62
N ALA D 78 45.65 -6.09 -16.93
CA ALA D 78 47.01 -5.88 -17.43
C ALA D 78 47.60 -4.49 -17.18
N THR D 79 46.80 -3.47 -17.50
CA THR D 79 47.27 -2.07 -17.49
C THR D 79 47.76 -1.54 -16.11
N LEU D 80 47.90 -2.46 -15.13
CA LEU D 80 48.40 -2.16 -13.76
C LEU D 80 49.74 -1.42 -13.71
N ARG D 81 50.69 -1.87 -14.56
CA ARG D 81 52.05 -1.32 -14.70
C ARG D 81 52.07 0.04 -15.43
N GLU D 82 50.96 0.36 -16.11
CA GLU D 82 50.71 1.72 -16.59
C GLU D 82 49.94 2.55 -15.55
N THR D 83 48.79 2.03 -15.07
CA THR D 83 47.82 2.83 -14.29
C THR D 83 48.15 3.10 -12.77
N TYR D 84 48.77 2.16 -12.05
CA TYR D 84 49.04 2.46 -10.63
C TYR D 84 50.52 2.63 -10.39
N GLY D 85 51.29 2.31 -11.44
CA GLY D 85 52.75 2.29 -11.38
C GLY D 85 53.22 0.95 -10.84
N ASP D 86 53.50 0.94 -9.54
CA ASP D 86 54.06 -0.21 -8.81
C ASP D 86 53.09 -1.40 -8.60
N MET D 87 51.82 -1.20 -8.85
CA MET D 87 50.84 -2.15 -8.37
C MET D 87 50.84 -3.54 -9.07
N ALA D 88 51.57 -3.71 -10.17
CA ALA D 88 51.61 -5.05 -10.79
C ALA D 88 52.71 -5.95 -10.22
N ASP D 89 53.70 -5.38 -9.53
CA ASP D 89 54.69 -6.22 -8.87
C ASP D 89 54.25 -6.70 -7.46
N CYS D 90 53.13 -6.18 -6.95
CA CYS D 90 52.38 -6.88 -5.89
C CYS D 90 52.13 -8.28 -6.38
N CYS D 91 51.55 -8.33 -7.60
CA CYS D 91 51.36 -9.53 -8.38
C CYS D 91 52.56 -10.43 -8.36
N GLU D 92 53.75 -9.84 -8.48
CA GLU D 92 55.01 -10.57 -8.32
C GLU D 92 55.02 -11.57 -7.15
N LYS D 93 54.21 -11.37 -6.11
CA LYS D 93 54.35 -12.27 -4.95
C LYS D 93 53.10 -13.07 -4.57
N GLN D 94 53.15 -13.64 -3.36
CA GLN D 94 52.28 -14.70 -2.97
C GLN D 94 51.63 -14.26 -1.68
N GLU D 95 50.39 -14.68 -1.46
CA GLU D 95 49.67 -14.42 -0.22
C GLU D 95 50.42 -14.96 0.99
N PRO D 96 50.41 -14.22 2.12
CA PRO D 96 49.57 -13.05 2.38
C PRO D 96 50.25 -11.72 2.07
N GLU D 97 51.16 -11.71 1.08
CA GLU D 97 52.01 -10.51 0.76
C GLU D 97 51.44 -9.60 -0.34
N ARG D 98 50.72 -10.21 -1.25
CA ARG D 98 50.17 -9.47 -2.38
C ARG D 98 49.06 -8.56 -1.85
N ASN D 99 48.34 -9.07 -0.84
CA ASN D 99 47.22 -8.36 -0.31
C ASN D 99 47.70 -7.18 0.48
N GLU D 100 48.77 -7.44 1.26
CA GLU D 100 49.46 -6.39 2.02
C GLU D 100 50.09 -5.40 1.06
N CYS D 101 50.41 -5.89 -0.13
CA CYS D 101 50.89 -5.00 -1.15
C CYS D 101 49.73 -4.12 -1.54
N PHE D 102 48.65 -4.77 -1.91
CA PHE D 102 47.54 -4.03 -2.49
C PHE D 102 47.01 -2.93 -1.60
N LEU D 103 46.82 -3.22 -0.32
CA LEU D 103 46.18 -2.26 0.59
C LEU D 103 46.99 -1.02 0.71
N LYS D 104 48.28 -1.15 0.42
CA LYS D 104 49.21 -0.03 0.58
C LYS D 104 48.96 1.05 -0.48
N HIS D 105 48.46 0.57 -1.61
CA HIS D 105 48.27 1.42 -2.75
C HIS D 105 47.07 2.31 -2.60
N LYS D 106 46.28 2.16 -1.53
CA LYS D 106 45.05 2.99 -1.32
C LYS D 106 45.16 4.54 -1.30
N ASP D 107 44.44 5.17 -2.21
CA ASP D 107 44.72 6.59 -2.36
C ASP D 107 43.58 7.41 -1.74
N ASP D 108 43.98 8.13 -0.68
CA ASP D 108 43.06 8.86 0.18
C ASP D 108 42.73 10.18 -0.43
N SER D 109 43.36 10.45 -1.57
CA SER D 109 43.27 11.76 -2.20
C SER D 109 43.36 11.58 -3.73
N PRO D 110 42.30 11.10 -4.36
CA PRO D 110 42.68 10.38 -5.55
C PRO D 110 42.31 11.19 -6.81
N ASP D 111 41.95 12.44 -6.64
CA ASP D 111 41.76 13.34 -7.75
C ASP D 111 40.87 12.76 -8.84
N LEU D 112 39.63 12.50 -8.50
CA LEU D 112 38.67 12.12 -9.51
C LEU D 112 37.81 13.34 -9.61
N PRO D 113 37.01 13.43 -10.67
CA PRO D 113 36.11 14.55 -11.03
C PRO D 113 35.08 14.68 -9.96
N LYS D 114 34.83 15.89 -9.45
CA LYS D 114 33.75 16.05 -8.50
C LYS D 114 32.39 15.61 -9.10
N LEU D 115 31.71 14.67 -8.43
CA LEU D 115 30.31 14.35 -8.73
C LEU D 115 29.44 15.60 -8.67
N LYS D 116 28.75 15.81 -9.79
CA LYS D 116 27.95 16.95 -9.98
C LYS D 116 26.58 16.49 -10.38
N PRO D 117 25.65 16.46 -9.42
CA PRO D 117 24.30 15.90 -9.55
C PRO D 117 23.39 16.72 -10.44
N GLU D 118 22.88 16.16 -11.52
CA GLU D 118 21.82 16.83 -12.27
C GLU D 118 20.60 15.91 -12.43
N PRO D 119 19.51 16.34 -11.87
CA PRO D 119 18.28 15.51 -11.69
C PRO D 119 17.80 14.71 -12.92
N ASP D 120 17.75 15.33 -14.11
CA ASP D 120 17.18 14.63 -15.26
C ASP D 120 18.10 13.57 -15.74
N THR D 121 19.38 13.91 -15.81
CA THR D 121 20.37 12.92 -16.23
C THR D 121 20.27 11.80 -15.21
N LEU D 122 20.21 12.18 -13.93
CA LEU D 122 20.16 11.14 -12.93
C LEU D 122 18.90 10.26 -13.07
N CYS D 123 17.70 10.87 -13.21
CA CYS D 123 16.46 10.06 -13.37
C CYS D 123 16.45 9.18 -14.63
N ALA D 124 16.96 9.73 -15.73
CA ALA D 124 17.11 8.93 -16.94
C ALA D 124 17.96 7.59 -16.72
N GLU D 125 19.05 7.66 -15.94
CA GLU D 125 19.87 6.48 -15.66
C GLU D 125 19.18 5.56 -14.64
N PHE D 126 18.55 6.17 -13.60
CA PHE D 126 17.64 5.35 -12.78
C PHE D 126 16.65 4.46 -13.56
N LYS D 127 15.77 5.08 -14.36
CA LYS D 127 14.76 4.46 -15.20
C LYS D 127 15.36 3.45 -16.23
N ALA D 128 16.52 3.81 -16.76
CA ALA D 128 17.21 3.03 -17.76
C ALA D 128 17.64 1.65 -17.19
N ASP D 129 18.11 1.64 -15.93
CA ASP D 129 18.71 0.45 -15.33
C ASP D 129 18.89 0.49 -13.82
N GLU D 130 17.83 0.16 -13.08
CA GLU D 130 17.85 0.37 -11.67
C GLU D 130 19.16 -0.19 -11.06
N LYS D 131 19.52 -1.42 -11.40
CA LYS D 131 20.67 -2.09 -10.83
C LYS D 131 22.02 -1.51 -11.21
N LYS D 132 22.14 -1.03 -12.44
CA LYS D 132 23.38 -0.46 -12.90
C LYS D 132 23.57 0.89 -12.15
N PHE D 133 22.46 1.57 -11.93
CA PHE D 133 22.47 2.81 -11.19
C PHE D 133 22.97 2.60 -9.74
N TRP D 134 22.52 1.53 -9.10
CA TRP D 134 22.85 1.26 -7.64
C TRP D 134 24.38 0.93 -7.58
N GLY D 135 24.77 0.03 -8.51
CA GLY D 135 26.14 -0.33 -8.76
C GLY D 135 27.06 0.86 -8.99
N LYS D 136 26.66 1.74 -9.90
CA LYS D 136 27.43 2.96 -10.12
C LYS D 136 27.56 3.75 -8.80
N TYR D 137 26.50 3.77 -7.98
CA TYR D 137 26.62 4.57 -6.75
C TYR D 137 27.71 4.02 -5.86
N LEU D 138 27.79 2.69 -5.76
CA LEU D 138 28.72 2.03 -4.83
C LEU D 138 30.12 2.36 -5.34
N TYR D 139 30.26 2.29 -6.66
CA TYR D 139 31.54 2.37 -7.31
C TYR D 139 32.09 3.78 -7.14
N GLU D 140 31.22 4.78 -7.30
CA GLU D 140 31.63 6.20 -7.25
C GLU D 140 32.06 6.63 -5.86
N VAL D 141 31.24 6.35 -4.84
CA VAL D 141 31.58 6.67 -3.41
C VAL D 141 32.80 5.87 -2.95
N ALA D 142 32.83 4.59 -3.34
CA ALA D 142 33.78 3.69 -2.81
C ALA D 142 35.16 4.03 -3.35
N ARG D 143 35.29 4.09 -4.68
CA ARG D 143 36.57 4.39 -5.36
C ARG D 143 37.10 5.67 -4.91
N ARG D 144 36.23 6.50 -4.31
CA ARG D 144 36.62 7.81 -3.82
C ARG D 144 36.87 7.76 -2.38
N HIS D 145 36.29 6.76 -1.70
CA HIS D 145 36.54 6.64 -0.23
C HIS D 145 37.02 5.25 0.04
N PRO D 146 38.30 5.10 -0.08
CA PRO D 146 38.83 3.75 -0.10
C PRO D 146 38.79 3.04 1.26
N TYR D 147 38.35 3.72 2.33
CA TYR D 147 38.09 3.02 3.59
C TYR D 147 36.69 2.99 4.11
N PHE D 148 35.75 3.41 3.27
CA PHE D 148 34.35 3.41 3.66
C PHE D 148 33.86 2.07 4.19
N TYR D 149 33.14 2.18 5.31
CA TYR D 149 32.43 1.07 5.97
C TYR D 149 31.41 0.53 4.99
N ALA D 150 31.71 -0.69 4.48
CA ALA D 150 31.07 -1.30 3.33
C ALA D 150 29.66 -1.73 3.59
N PRO D 151 29.47 -2.42 4.70
CA PRO D 151 28.05 -2.79 4.77
C PRO D 151 27.24 -1.51 4.85
N GLU D 152 27.72 -0.50 5.52
CA GLU D 152 26.98 0.76 5.72
C GLU D 152 26.84 1.54 4.37
N LEU D 153 27.82 1.37 3.49
CA LEU D 153 27.66 1.84 2.15
C LEU D 153 26.42 1.21 1.46
N LEU D 154 26.25 -0.08 1.68
CA LEU D 154 25.13 -0.79 1.12
C LEU D 154 23.81 -0.23 1.58
N TYR D 155 23.75 0.14 2.86
CA TYR D 155 22.55 0.83 3.36
C TYR D 155 22.29 2.06 2.49
N TYR D 156 23.29 2.90 2.33
CA TYR D 156 23.10 4.24 1.69
C TYR D 156 22.66 4.15 0.20
N ALA D 157 23.16 3.14 -0.50
CA ALA D 157 22.93 2.81 -1.86
C ALA D 157 21.48 2.52 -2.00
N ASN D 158 20.96 1.96 -0.93
CA ASN D 158 19.57 1.59 -0.92
C ASN D 158 18.75 2.83 -0.62
N LYS D 159 19.09 3.57 0.41
CA LYS D 159 18.40 4.87 0.59
C LYS D 159 18.48 5.77 -0.63
N TYR D 160 19.66 5.90 -1.26
CA TYR D 160 19.81 6.61 -2.56
C TYR D 160 18.86 6.26 -3.72
N ASN D 161 18.64 4.98 -3.95
CA ASN D 161 17.66 4.56 -4.95
C ASN D 161 16.25 4.96 -4.56
N GLY D 162 15.89 4.73 -3.31
CA GLY D 162 14.55 4.96 -2.78
C GLY D 162 14.22 6.40 -2.88
N VAL D 163 15.26 7.21 -2.89
CA VAL D 163 15.02 8.59 -3.24
C VAL D 163 14.67 8.77 -4.76
N PHE D 164 15.30 7.94 -5.60
CA PHE D 164 15.09 8.06 -6.97
C PHE D 164 13.89 7.36 -7.46
N GLN D 165 13.25 6.59 -6.60
CA GLN D 165 11.96 5.96 -6.96
C GLN D 165 10.82 6.90 -6.54
N GLU D 166 10.89 7.33 -5.29
CA GLU D 166 10.02 8.39 -4.77
C GLU D 166 10.00 9.58 -5.68
N CYS D 167 11.18 9.97 -6.17
CA CYS D 167 11.34 11.29 -6.75
C CYS D 167 11.10 11.49 -8.24
N CYS D 168 11.46 10.52 -9.08
CA CYS D 168 11.40 10.74 -10.52
C CYS D 168 9.94 10.69 -10.92
N GLN D 169 9.21 9.89 -10.13
CA GLN D 169 7.72 9.85 -10.03
C GLN D 169 7.02 11.22 -9.84
N ALA D 170 7.75 12.27 -9.41
CA ALA D 170 7.07 13.56 -9.06
C ALA D 170 7.14 14.65 -10.13
N GLU D 171 6.40 15.72 -9.88
CA GLU D 171 6.27 16.80 -10.83
C GLU D 171 7.54 17.66 -10.90
N ASP D 172 7.86 18.31 -9.80
CA ASP D 172 9.14 19.00 -9.78
C ASP D 172 10.15 18.04 -9.17
N LYS D 173 10.97 17.47 -10.04
CA LYS D 173 11.94 16.42 -9.67
C LYS D 173 12.96 17.06 -8.74
N GLY D 174 13.67 18.06 -9.26
CA GLY D 174 14.85 18.61 -8.58
C GLY D 174 14.52 19.13 -7.21
N ALA D 175 13.30 19.62 -7.02
CA ALA D 175 12.85 20.08 -5.70
C ALA D 175 12.64 18.91 -4.75
N CYS D 176 12.30 17.75 -5.29
CA CYS D 176 12.19 16.54 -4.50
C CYS D 176 13.56 15.97 -4.11
N LEU D 177 14.51 15.91 -5.06
CA LEU D 177 15.78 15.15 -4.91
C LEU D 177 16.81 15.99 -4.21
N LEU D 178 17.00 17.19 -4.72
CA LEU D 178 18.20 17.90 -4.49
C LEU D 178 18.50 17.96 -3.01
N PRO D 179 17.44 18.14 -2.18
CA PRO D 179 17.57 18.23 -0.74
C PRO D 179 17.96 16.88 -0.17
N LYS D 180 17.17 15.93 -0.60
CA LYS D 180 17.33 14.56 -0.20
C LYS D 180 18.68 14.06 -0.57
N ILE D 181 19.22 14.41 -1.70
CA ILE D 181 20.56 13.91 -1.94
C ILE D 181 21.66 14.75 -1.31
N GLU D 182 21.36 16.01 -0.98
CA GLU D 182 22.33 16.80 -0.25
C GLU D 182 22.57 16.28 1.16
N THR D 183 21.48 16.19 1.93
CA THR D 183 21.52 15.62 3.29
C THR D 183 22.20 14.25 3.24
N MET D 184 21.73 13.36 2.35
CA MET D 184 22.34 12.03 2.24
C MET D 184 23.81 12.21 1.99
N ARG D 185 24.19 13.05 1.01
CA ARG D 185 25.64 13.23 0.75
C ARG D 185 26.46 13.61 1.98
N GLU D 186 25.86 14.37 2.90
CA GLU D 186 26.61 14.83 4.08
C GLU D 186 26.74 13.69 5.09
N LYS D 187 25.76 12.80 5.06
CA LYS D 187 25.75 11.73 6.03
C LYS D 187 26.89 10.85 5.56
N VAL D 188 26.85 10.57 4.27
CA VAL D 188 27.84 9.67 3.72
C VAL D 188 29.30 10.12 3.85
N LEU D 189 29.50 11.45 3.92
CA LEU D 189 30.87 11.99 4.07
C LEU D 189 31.26 11.99 5.51
N ALA D 190 30.28 12.02 6.41
CA ALA D 190 30.57 11.70 7.80
C ALA D 190 30.85 10.15 7.96
N SER D 191 29.87 9.29 7.59
CA SER D 191 30.07 7.91 7.85
C SER D 191 31.48 7.53 7.40
N SER D 192 31.96 8.03 6.27
CA SER D 192 33.35 7.77 5.70
C SER D 192 34.46 8.28 6.57
N ALA D 193 34.26 9.52 7.00
CA ALA D 193 35.23 10.16 7.88
C ALA D 193 35.36 9.34 9.13
N ARG D 194 34.25 8.79 9.62
CA ARG D 194 34.24 8.10 10.91
C ARG D 194 35.02 6.88 10.78
N GLN D 195 34.70 6.11 9.75
CA GLN D 195 35.40 4.84 9.54
C GLN D 195 36.91 5.07 9.26
N ARG D 196 37.21 6.17 8.61
CA ARG D 196 38.59 6.51 8.28
C ARG D 196 39.31 6.72 9.61
N LEU D 197 38.57 7.26 10.58
CA LEU D 197 39.20 7.57 11.88
C LEU D 197 39.56 6.28 12.66
N ARG D 198 38.60 5.37 12.68
CA ARG D 198 38.76 4.03 13.23
C ARG D 198 39.95 3.40 12.58
N CYS D 199 40.03 3.51 11.26
CA CYS D 199 41.05 2.68 10.60
C CYS D 199 42.48 3.14 10.91
N ALA D 200 42.68 4.45 10.98
CA ALA D 200 43.99 4.97 11.24
C ALA D 200 44.37 4.79 12.73
N SER D 201 43.37 4.81 13.62
CA SER D 201 43.60 4.50 15.06
C SER D 201 44.23 3.13 15.25
N ILE D 202 43.60 2.11 14.66
CA ILE D 202 44.15 0.77 14.78
C ILE D 202 45.57 0.81 14.26
N GLN D 203 45.71 1.26 13.00
CA GLN D 203 46.96 1.33 12.25
C GLN D 203 48.08 2.19 12.87
N LYS D 204 47.78 3.14 13.74
CA LYS D 204 48.85 3.95 14.28
C LYS D 204 48.89 3.95 15.79
N PHE D 205 47.80 3.61 16.44
CA PHE D 205 47.88 3.47 17.87
C PHE D 205 47.53 2.07 18.38
N GLY D 206 47.11 1.18 17.51
CA GLY D 206 46.75 -0.12 17.98
C GLY D 206 45.33 -0.21 18.47
N GLU D 207 44.91 -1.44 18.74
CA GLU D 207 43.55 -1.76 19.16
C GLU D 207 43.18 -1.18 20.52
N ARG D 208 44.07 -1.19 21.52
CA ARG D 208 43.66 -0.79 22.88
C ARG D 208 43.04 0.60 22.88
N ALA D 209 43.65 1.50 22.13
CA ALA D 209 43.17 2.79 21.96
C ALA D 209 41.80 2.69 21.30
N LEU D 210 41.67 1.98 20.18
CA LEU D 210 40.31 1.91 19.62
C LEU D 210 39.30 1.38 20.65
N LYS D 211 39.77 0.51 21.54
CA LYS D 211 38.90 -0.11 22.54
C LYS D 211 38.31 0.87 23.50
N ALA D 212 39.15 1.78 23.99
CA ALA D 212 38.69 2.85 24.95
C ALA D 212 37.57 3.69 24.41
N TRP D 213 37.79 4.27 23.24
CA TRP D 213 36.82 5.07 22.57
C TRP D 213 35.50 4.34 22.40
N SER D 214 35.53 3.10 21.95
CA SER D 214 34.30 2.38 21.86
C SER D 214 33.69 2.10 23.20
N VAL D 215 34.53 1.85 24.22
CA VAL D 215 34.03 1.62 25.58
C VAL D 215 33.26 2.86 26.03
N ALA D 216 33.90 4.03 26.03
CA ALA D 216 33.21 5.25 26.34
C ALA D 216 32.01 5.50 25.42
N ARG D 217 32.10 5.15 24.14
CA ARG D 217 30.99 5.47 23.21
C ARG D 217 29.77 4.72 23.69
N LEU D 218 30.03 3.45 24.06
CA LEU D 218 28.99 2.49 24.23
C LEU D 218 28.30 2.65 25.59
N SER D 219 29.04 3.02 26.64
CA SER D 219 28.43 3.22 27.98
C SER D 219 27.50 4.41 27.93
N GLN D 220 27.78 5.38 27.08
CA GLN D 220 26.92 6.51 26.96
C GLN D 220 25.61 6.13 26.27
N LYS D 221 25.69 5.30 25.22
CA LYS D 221 24.46 4.81 24.51
C LYS D 221 23.71 3.82 25.36
N PHE D 222 24.39 2.82 25.91
CA PHE D 222 23.77 1.79 26.78
C PHE D 222 24.10 1.91 28.26
N PRO D 223 23.72 3.02 28.91
CA PRO D 223 24.09 3.14 30.32
C PRO D 223 23.46 2.12 31.27
N LYS D 224 22.37 1.48 30.91
CA LYS D 224 21.77 0.46 31.80
C LYS D 224 22.36 -0.97 31.51
N ALA D 225 23.35 -1.03 30.61
CA ALA D 225 24.19 -2.26 30.48
C ALA D 225 25.34 -2.34 31.54
N ASP D 226 25.77 -3.55 31.91
CA ASP D 226 26.89 -3.71 32.85
C ASP D 226 28.20 -3.85 32.09
N PHE D 227 29.29 -3.46 32.75
CA PHE D 227 30.67 -3.57 32.20
C PHE D 227 31.00 -4.82 31.36
N THR D 228 30.52 -5.96 31.77
CA THR D 228 30.92 -7.17 31.06
C THR D 228 30.33 -7.07 29.66
N ASP D 229 29.10 -6.58 29.64
CA ASP D 229 28.32 -6.52 28.43
C ASP D 229 28.92 -5.51 27.51
N VAL D 230 29.06 -4.29 28.03
CA VAL D 230 29.81 -3.30 27.30
C VAL D 230 31.02 -3.97 26.68
N THR D 231 31.81 -4.60 27.54
CA THR D 231 33.10 -5.06 27.11
C THR D 231 33.01 -6.12 26.00
N LYS D 232 31.92 -6.83 25.94
CA LYS D 232 31.83 -7.92 24.97
C LYS D 232 31.56 -7.39 23.59
N ILE D 233 30.56 -6.51 23.48
CA ILE D 233 30.19 -5.88 22.24
C ILE D 233 31.42 -5.16 21.70
N VAL D 234 32.15 -4.46 22.56
CA VAL D 234 33.27 -3.68 22.06
C VAL D 234 34.30 -4.59 21.50
N THR D 235 34.36 -5.84 21.97
CA THR D 235 35.29 -6.84 21.48
C THR D 235 34.86 -7.25 20.08
N ASP D 236 33.59 -7.47 19.90
CA ASP D 236 33.09 -7.86 18.58
C ASP D 236 33.03 -6.64 17.59
N LEU D 237 32.60 -5.48 18.11
CA LEU D 237 32.71 -4.28 17.35
C LEU D 237 34.13 -4.06 16.78
N THR D 238 35.18 -4.24 17.62
CA THR D 238 36.58 -3.99 17.21
C THR D 238 36.96 -4.98 16.13
N LYS D 239 36.53 -6.24 16.34
CA LYS D 239 36.74 -7.27 15.30
C LYS D 239 36.14 -6.79 14.00
N VAL D 240 34.85 -6.44 14.01
CA VAL D 240 34.14 -6.05 12.82
C VAL D 240 34.91 -4.87 12.16
N HIS D 241 35.32 -3.91 12.96
CA HIS D 241 35.87 -2.72 12.37
C HIS D 241 37.24 -3.02 11.74
N LYS D 242 37.96 -3.99 12.32
CA LYS D 242 39.27 -4.39 11.80
C LYS D 242 39.18 -5.00 10.45
N GLU D 243 38.15 -5.77 10.25
CA GLU D 243 38.12 -6.56 9.08
C GLU D 243 37.89 -5.56 7.99
N CYS D 244 36.90 -4.74 8.20
CA CYS D 244 36.63 -3.71 7.24
C CYS D 244 37.88 -2.88 6.89
N CYS D 245 38.78 -2.65 7.84
CA CYS D 245 39.83 -1.73 7.54
C CYS D 245 40.81 -2.44 6.74
N HIS D 246 40.92 -3.72 7.05
CA HIS D 246 41.96 -4.48 6.49
C HIS D 246 41.51 -4.95 5.15
N GLY D 247 40.27 -4.82 4.75
CA GLY D 247 39.97 -5.33 3.40
C GLY D 247 39.02 -6.51 3.31
N ASP D 248 38.62 -7.02 4.46
CA ASP D 248 37.88 -8.26 4.58
C ASP D 248 36.36 -8.05 4.62
N LEU D 249 35.79 -7.69 3.49
CA LEU D 249 34.44 -7.07 3.55
C LEU D 249 33.36 -8.13 3.71
N LEU D 250 33.63 -9.28 3.11
CA LEU D 250 32.76 -10.45 3.31
C LEU D 250 32.57 -10.82 4.76
N GLU D 251 33.69 -11.01 5.45
CA GLU D 251 33.74 -11.27 6.86
C GLU D 251 33.06 -10.15 7.58
N CYS D 252 33.38 -8.91 7.15
CA CYS D 252 33.25 -7.77 8.02
C CYS D 252 31.79 -7.67 8.16
N ALA D 253 31.17 -7.58 6.99
CA ALA D 253 29.71 -7.54 6.81
C ALA D 253 29.04 -8.65 7.54
N ASP D 254 29.54 -9.82 7.28
CA ASP D 254 28.93 -10.98 7.84
C ASP D 254 28.88 -10.87 9.33
N ASP D 255 30.01 -10.68 9.99
CA ASP D 255 30.00 -10.46 11.46
C ASP D 255 29.22 -9.26 11.92
N ARG D 256 29.02 -8.31 11.04
CA ARG D 256 28.35 -7.09 11.49
C ARG D 256 26.92 -7.48 11.75
N ALA D 257 26.48 -8.44 10.97
CA ALA D 257 25.11 -8.99 11.08
C ALA D 257 24.86 -9.80 12.41
N ASP D 258 25.54 -10.94 12.56
CA ASP D 258 25.65 -11.60 13.89
C ASP D 258 25.76 -10.64 15.07
N LEU D 259 26.63 -9.64 14.98
CA LEU D 259 26.66 -8.71 16.14
C LEU D 259 25.41 -7.95 16.33
N ALA D 260 24.69 -7.65 15.24
CA ALA D 260 23.42 -6.90 15.34
C ALA D 260 22.37 -7.75 15.96
N LYS D 261 22.37 -9.00 15.47
CA LYS D 261 21.52 -10.09 15.93
C LYS D 261 21.77 -10.34 17.38
N TYR D 262 23.04 -10.50 17.71
CA TYR D 262 23.38 -10.66 19.09
C TYR D 262 22.80 -9.55 19.99
N ILE D 263 23.20 -8.30 19.74
CA ILE D 263 22.70 -7.15 20.53
C ILE D 263 21.15 -7.21 20.58
N CYS D 264 20.47 -7.53 19.48
CA CYS D 264 19.02 -7.37 19.54
C CYS D 264 18.44 -8.34 20.59
N ASP D 265 19.10 -9.50 20.71
CA ASP D 265 18.61 -10.60 21.52
C ASP D 265 18.61 -10.25 22.99
N HIS D 266 19.59 -9.49 23.40
CA HIS D 266 19.71 -9.15 24.78
C HIS D 266 19.28 -7.74 24.88
N GLN D 267 18.13 -7.40 24.35
CA GLN D 267 17.90 -6.00 24.18
C GLN D 267 17.52 -5.20 25.46
N ASP D 268 16.80 -5.82 26.39
CA ASP D 268 16.32 -5.06 27.58
C ASP D 268 17.21 -5.25 28.80
N THR D 269 18.41 -5.72 28.53
CA THR D 269 19.54 -5.63 29.45
C THR D 269 20.59 -4.62 28.89
N LEU D 270 20.21 -3.90 27.82
CA LEU D 270 21.05 -2.91 27.11
C LEU D 270 20.37 -1.49 26.94
N SER D 271 19.48 -1.40 25.94
CA SER D 271 18.82 -0.16 25.67
C SER D 271 17.37 -0.43 25.54
N SER D 272 16.52 0.37 26.20
CA SER D 272 15.06 0.33 25.89
C SER D 272 14.86 0.62 24.40
N LYS D 273 15.74 1.50 23.89
CA LYS D 273 15.63 2.13 22.57
C LYS D 273 15.84 1.20 21.34
N LEU D 274 16.30 -0.04 21.60
CA LEU D 274 16.66 -1.00 20.55
C LEU D 274 15.49 -1.62 19.83
N LYS D 275 14.38 -1.90 20.51
CA LYS D 275 13.32 -2.62 19.81
C LYS D 275 12.90 -1.87 18.56
N GLU D 276 12.99 -0.52 18.64
CA GLU D 276 12.62 0.37 17.52
C GLU D 276 13.49 0.01 16.30
N CYS D 277 14.67 -0.55 16.56
CA CYS D 277 15.52 -1.05 15.49
C CYS D 277 15.33 -2.54 15.18
N CYS D 278 14.92 -3.33 16.16
CA CYS D 278 15.23 -4.78 16.12
C CYS D 278 14.44 -5.68 15.22
N ASP D 279 13.29 -5.20 14.76
CA ASP D 279 12.42 -5.89 13.81
C ASP D 279 12.65 -5.43 12.35
N LYS D 280 13.37 -4.31 12.17
CA LYS D 280 13.79 -3.79 10.84
C LYS D 280 14.67 -4.79 10.10
N PRO D 281 14.93 -4.57 8.81
CA PRO D 281 15.75 -5.61 8.13
C PRO D 281 17.25 -5.35 8.41
N VAL D 282 18.13 -6.15 7.79
CA VAL D 282 19.51 -6.35 8.38
C VAL D 282 20.29 -5.05 8.42
N LEU D 283 20.21 -4.35 7.29
CA LEU D 283 21.08 -3.25 7.03
C LEU D 283 20.35 -2.03 7.55
N GLU D 284 19.09 -1.87 7.13
CA GLU D 284 18.37 -0.80 7.83
C GLU D 284 18.65 -0.90 9.36
N LYS D 285 18.83 -2.11 9.86
CA LYS D 285 18.84 -2.39 11.29
C LYS D 285 20.24 -2.22 11.96
N SER D 286 21.27 -2.77 11.33
CA SER D 286 22.66 -2.52 11.76
C SER D 286 22.95 -0.99 11.82
N HIS D 287 22.31 -0.26 10.88
CA HIS D 287 22.43 1.20 10.83
C HIS D 287 21.70 1.90 11.98
N CYS D 288 20.48 1.46 12.23
CA CYS D 288 19.71 2.07 13.23
C CYS D 288 20.41 2.01 14.56
N ILE D 289 21.01 0.86 14.88
CA ILE D 289 21.60 0.59 16.21
C ILE D 289 22.87 1.39 16.33
N ALA D 290 23.67 1.35 15.27
CA ALA D 290 24.91 2.16 15.15
C ALA D 290 24.77 3.61 15.53
N GLU D 291 23.54 4.11 15.54
CA GLU D 291 23.29 5.55 15.61
C GLU D 291 22.00 5.65 16.40
N ILE D 292 21.60 4.55 17.00
CA ILE D 292 20.49 4.56 17.89
C ILE D 292 20.65 5.67 18.95
N ASP D 293 19.57 6.07 19.62
CA ASP D 293 19.70 7.09 20.68
C ASP D 293 20.29 6.66 21.99
N LYS D 294 20.85 7.61 22.71
CA LYS D 294 21.27 7.36 24.09
C LYS D 294 20.06 6.93 24.92
N ASP D 295 20.08 5.71 25.46
CA ASP D 295 19.04 5.27 26.38
C ASP D 295 19.30 6.09 27.58
N ALA D 296 18.24 6.35 28.34
CA ALA D 296 18.34 7.25 29.43
C ALA D 296 18.94 6.59 30.69
N VAL D 297 19.67 7.41 31.45
CA VAL D 297 20.42 6.96 32.62
C VAL D 297 19.62 6.31 33.76
N PRO D 298 20.00 5.08 34.15
CA PRO D 298 19.54 4.42 35.38
C PRO D 298 19.37 5.38 36.57
N GLU D 299 18.14 5.45 37.08
CA GLU D 299 17.71 6.46 38.05
C GLU D 299 18.54 6.55 39.30
N ASN D 300 19.04 5.41 39.79
CA ASN D 300 19.63 5.40 41.12
C ASN D 300 21.09 4.99 41.18
N LEU D 301 22.00 5.87 40.77
CA LEU D 301 23.42 5.46 40.62
C LEU D 301 24.39 5.93 41.67
N PRO D 302 25.11 5.00 42.27
CA PRO D 302 26.04 5.37 43.36
C PRO D 302 26.98 6.54 43.02
N PRO D 303 27.42 7.32 44.02
CA PRO D 303 28.44 8.33 43.71
C PRO D 303 29.72 7.70 43.22
N LEU D 304 30.31 8.37 42.25
CA LEU D 304 31.53 7.92 41.60
C LEU D 304 32.58 7.96 42.64
N THR D 305 32.39 8.89 43.57
CA THR D 305 33.35 9.21 44.61
C THR D 305 33.59 8.05 45.55
N ALA D 306 32.60 7.20 45.65
CA ALA D 306 32.60 6.07 46.60
C ALA D 306 33.60 4.99 46.23
N ASP D 307 34.01 4.96 44.97
CA ASP D 307 34.85 3.85 44.43
C ASP D 307 36.15 4.36 43.80
N PHE D 308 36.33 5.65 43.69
CA PHE D 308 37.46 6.08 42.95
C PHE D 308 38.14 7.16 43.72
N ALA D 309 37.46 7.65 44.75
CA ALA D 309 37.91 8.87 45.47
C ALA D 309 38.01 8.76 46.99
N GLU D 310 37.18 7.95 47.64
CA GLU D 310 37.29 7.76 49.10
C GLU D 310 37.85 6.40 49.45
N ASP D 311 37.36 5.37 48.74
CA ASP D 311 37.68 3.98 49.06
C ASP D 311 39.20 3.90 49.29
N LYS D 312 39.66 2.95 50.11
CA LYS D 312 41.11 2.87 50.34
C LYS D 312 41.72 1.65 49.73
N GLU D 313 40.97 1.04 48.80
CA GLU D 313 41.46 0.03 47.87
C GLU D 313 41.71 0.60 46.49
N VAL D 314 41.66 1.92 46.38
CA VAL D 314 41.72 2.54 45.08
C VAL D 314 43.09 2.34 44.57
N CYS D 315 44.07 2.68 45.40
CA CYS D 315 45.45 2.56 45.01
C CYS D 315 45.84 1.11 44.83
N LYS D 316 45.22 0.23 45.58
CA LYS D 316 45.60 -1.16 45.48
C LYS D 316 45.12 -1.69 44.13
N ASN D 317 43.79 -1.70 43.94
CA ASN D 317 43.16 -1.95 42.65
C ASN D 317 43.87 -1.30 41.48
N TYR D 318 44.32 -0.06 41.62
CA TYR D 318 45.03 0.53 40.49
C TYR D 318 46.29 -0.26 40.13
N GLN D 319 46.90 -0.79 41.18
CA GLN D 319 48.12 -1.49 41.01
C GLN D 319 47.95 -2.92 40.49
N GLU D 320 46.94 -3.65 40.97
CA GLU D 320 46.70 -5.02 40.46
C GLU D 320 46.16 -5.24 39.04
N ALA D 321 45.23 -4.37 38.59
CA ALA D 321 44.74 -4.35 37.23
C ALA D 321 44.57 -2.92 36.77
N LYS D 322 45.66 -2.21 36.61
CA LYS D 322 45.58 -0.88 36.06
C LYS D 322 44.58 -0.84 34.89
N ASP D 323 44.69 -1.72 33.88
CA ASP D 323 43.78 -1.54 32.68
C ASP D 323 42.33 -1.83 33.02
N VAL D 324 42.09 -2.88 33.81
CA VAL D 324 40.71 -3.20 34.22
C VAL D 324 40.10 -2.11 35.11
N PHE D 325 40.85 -1.66 36.10
CA PHE D 325 40.40 -0.56 36.98
C PHE D 325 40.05 0.66 36.20
N LEU D 326 40.90 1.00 35.24
CA LEU D 326 40.73 2.16 34.41
C LEU D 326 39.62 2.09 33.39
N GLY D 327 39.44 0.96 32.75
CA GLY D 327 38.29 0.84 31.85
C GLY D 327 37.01 0.94 32.65
N SER D 328 37.12 0.68 33.95
CA SER D 328 35.94 0.61 34.77
C SER D 328 35.45 2.04 35.04
N PHE D 329 36.36 2.89 35.48
CA PHE D 329 36.12 4.27 35.70
C PHE D 329 35.53 4.86 34.42
N LEU D 330 36.15 4.60 33.26
CA LEU D 330 35.63 5.25 32.07
C LEU D 330 34.23 4.70 31.82
N TYR D 331 34.03 3.41 31.97
CA TYR D 331 32.69 2.90 31.83
C TYR D 331 31.69 3.70 32.70
N GLU D 332 31.95 3.73 34.01
CA GLU D 332 31.07 4.28 34.99
C GLU D 332 30.86 5.74 34.77
N TYR D 333 31.99 6.44 34.62
CA TYR D 333 31.97 7.86 34.33
C TYR D 333 31.20 8.17 32.99
N SER D 334 31.30 7.29 31.98
CA SER D 334 30.68 7.54 30.69
C SER D 334 29.15 7.40 30.74
N ARG D 335 28.66 6.22 31.15
CA ARG D 335 27.22 6.08 31.31
C ARG D 335 26.59 7.24 32.12
N ARG D 336 27.38 7.90 32.98
CA ARG D 336 26.85 8.99 33.80
C ARG D 336 26.99 10.34 33.17
N HIS D 337 27.68 10.43 32.03
CA HIS D 337 27.65 11.69 31.27
C HIS D 337 27.36 11.63 29.75
N PRO D 338 26.07 11.72 29.34
CA PRO D 338 25.90 11.73 27.89
C PRO D 338 26.07 13.12 27.29
N GLU D 339 26.20 14.13 28.12
CA GLU D 339 26.43 15.47 27.66
C GLU D 339 27.91 15.66 27.29
N TYR D 340 28.77 14.76 27.73
CA TYR D 340 30.20 14.87 27.41
C TYR D 340 30.66 14.32 26.07
N ALA D 341 31.53 15.10 25.42
CA ALA D 341 32.40 14.69 24.35
C ALA D 341 33.24 13.46 24.82
N VAL D 342 32.97 12.35 24.12
CA VAL D 342 33.62 11.05 24.27
C VAL D 342 35.09 11.30 24.41
N SER D 343 35.60 12.26 23.68
CA SER D 343 37.05 12.41 23.69
C SER D 343 37.59 13.08 24.93
N VAL D 344 36.82 13.99 25.49
CA VAL D 344 37.11 14.65 26.74
C VAL D 344 37.00 13.59 27.81
N LEU D 345 36.00 12.71 27.68
CA LEU D 345 35.87 11.59 28.59
C LEU D 345 37.18 10.82 28.76
N LEU D 346 37.91 10.71 27.65
CA LEU D 346 39.15 10.02 27.76
C LEU D 346 40.20 10.95 28.30
N ARG D 347 40.03 12.23 28.01
CA ARG D 347 41.01 13.11 28.47
C ARG D 347 40.87 13.09 29.98
N LEU D 348 39.66 12.75 30.42
CA LEU D 348 39.32 12.76 31.86
C LEU D 348 40.00 11.55 32.43
N ALA D 349 39.71 10.37 31.88
CA ALA D 349 40.44 9.15 32.27
C ALA D 349 41.96 9.23 32.33
N LYS D 350 42.61 9.85 31.39
CA LYS D 350 44.07 9.94 31.46
C LYS D 350 44.42 10.79 32.66
N GLU D 351 43.74 11.90 32.85
CA GLU D 351 44.10 12.74 33.97
C GLU D 351 43.85 12.01 35.32
N TYR D 352 42.78 11.22 35.34
CA TYR D 352 42.49 10.45 36.54
C TYR D 352 43.71 9.57 36.87
N GLU D 353 44.08 8.77 35.89
CA GLU D 353 45.24 7.92 36.03
C GLU D 353 46.43 8.68 36.53
N ALA D 354 46.71 9.78 35.88
CA ALA D 354 47.85 10.56 36.17
C ALA D 354 47.79 11.03 37.62
N THR D 355 46.59 11.35 38.10
CA THR D 355 46.42 11.68 39.51
C THR D 355 46.76 10.48 40.38
N LEU D 356 46.24 9.32 40.01
CA LEU D 356 46.44 8.09 40.79
C LEU D 356 47.86 7.65 40.71
N GLU D 357 48.51 7.95 39.57
CA GLU D 357 49.96 7.68 39.42
C GLU D 357 50.76 8.54 40.42
N ASP D 358 50.35 9.79 40.53
CA ASP D 358 50.90 10.73 41.48
C ASP D 358 50.59 10.37 42.92
N CYS D 359 49.31 10.22 43.26
CA CYS D 359 48.96 10.08 44.67
C CYS D 359 49.33 8.71 45.33
N CYS D 360 49.32 7.65 44.52
CA CYS D 360 49.62 6.30 45.01
C CYS D 360 51.06 6.09 45.45
N ALA D 361 51.96 6.90 44.88
CA ALA D 361 53.34 6.97 45.31
C ALA D 361 53.56 7.98 46.47
N LYS D 362 52.49 8.46 47.10
CA LYS D 362 52.61 9.31 48.27
C LYS D 362 52.23 8.54 49.55
N GLU D 363 52.36 9.21 50.71
CA GLU D 363 52.11 8.65 52.06
C GLU D 363 50.65 8.45 52.42
N ASP D 364 49.89 9.51 52.36
CA ASP D 364 48.46 9.43 52.52
C ASP D 364 47.90 9.53 51.06
N PRO D 365 47.66 8.39 50.38
CA PRO D 365 47.06 8.70 49.09
C PRO D 365 45.68 9.41 49.15
N HIS D 366 44.85 9.11 50.17
CA HIS D 366 43.45 9.55 50.18
C HIS D 366 43.40 11.03 50.43
N ALA D 367 44.35 11.46 51.25
CA ALA D 367 44.68 12.84 51.41
C ALA D 367 44.92 13.52 50.07
N CYS D 368 45.29 12.75 49.08
CA CYS D 368 45.83 13.34 47.88
C CYS D 368 44.84 13.25 46.79
N TYR D 369 43.96 12.26 46.80
CA TYR D 369 43.11 12.05 45.64
C TYR D 369 41.62 12.20 45.97
N ALA D 370 41.25 12.42 47.24
CA ALA D 370 39.83 12.64 47.53
C ALA D 370 39.23 13.65 46.53
N THR D 371 39.93 14.75 46.31
CA THR D 371 39.48 15.91 45.50
C THR D 371 39.48 15.75 44.00
N VAL D 372 39.92 14.62 43.54
CA VAL D 372 40.09 14.43 42.11
C VAL D 372 38.87 14.94 41.30
N PHE D 373 37.66 14.44 41.59
CA PHE D 373 36.50 14.66 40.70
C PHE D 373 36.18 16.14 40.53
N ASP D 374 36.55 16.90 41.55
CA ASP D 374 36.58 18.34 41.43
C ASP D 374 37.56 18.79 40.34
N LYS D 375 38.80 18.32 40.35
CA LYS D 375 39.79 18.68 39.30
C LYS D 375 39.30 18.20 37.96
N LEU D 376 38.67 17.04 37.94
CA LEU D 376 38.21 16.57 36.69
C LEU D 376 37.04 17.49 36.16
N LYS D 377 35.99 17.70 36.99
CA LYS D 377 34.85 18.51 36.53
C LYS D 377 35.27 19.82 35.91
N HIS D 378 36.23 20.52 36.54
CA HIS D 378 36.78 21.75 35.92
C HIS D 378 37.61 21.58 34.63
N LEU D 379 38.21 20.41 34.39
CA LEU D 379 38.96 20.25 33.13
C LEU D 379 37.98 20.43 31.99
N VAL D 380 36.72 20.10 32.25
CA VAL D 380 35.70 20.26 31.20
C VAL D 380 35.42 21.74 30.78
N ASP D 381 35.79 22.71 31.60
CA ASP D 381 35.55 24.11 31.25
C ASP D 381 36.19 24.52 29.93
N GLU D 382 37.51 24.35 29.90
CA GLU D 382 38.38 24.57 28.72
C GLU D 382 37.71 24.25 27.37
N PRO D 383 37.26 23.03 27.18
CA PRO D 383 36.52 22.68 25.97
C PRO D 383 35.25 23.46 25.69
N GLN D 384 34.37 23.58 26.69
CA GLN D 384 33.12 24.34 26.51
C GLN D 384 33.33 25.79 26.23
N ASN D 385 34.42 26.36 26.74
CA ASN D 385 34.79 27.72 26.39
C ASN D 385 35.09 27.88 24.89
N LEU D 386 35.91 26.99 24.34
CA LEU D 386 36.20 27.00 22.90
C LEU D 386 34.91 27.02 22.06
N ILE D 387 34.05 26.06 22.30
CA ILE D 387 32.80 25.90 21.53
C ILE D 387 31.95 27.14 21.67
N LYS D 388 31.64 27.50 22.92
CA LYS D 388 30.91 28.76 23.21
C LYS D 388 31.38 29.91 22.23
N LYS D 389 32.70 30.08 22.14
CA LYS D 389 33.28 31.25 21.51
C LYS D 389 33.12 31.12 20.00
N ASN D 390 33.20 29.88 19.54
CA ASN D 390 33.19 29.58 18.15
C ASN D 390 31.77 29.73 17.65
N CYS D 391 30.80 29.38 18.51
CA CYS D 391 29.40 29.56 18.15
C CYS D 391 28.97 31.06 18.23
N GLU D 392 29.83 31.91 18.79
CA GLU D 392 29.46 33.29 18.78
C GLU D 392 29.99 33.78 17.48
N LEU D 393 31.22 33.39 17.20
CA LEU D 393 31.80 33.63 15.90
C LEU D 393 30.88 33.24 14.74
N PHE D 394 30.29 32.05 14.83
CA PHE D 394 29.41 31.56 13.78
C PHE D 394 28.17 32.43 13.69
N GLU D 395 27.61 32.80 14.83
CA GLU D 395 26.32 33.48 14.83
C GLU D 395 26.49 34.90 14.27
N LYS D 396 27.46 35.63 14.81
CA LYS D 396 27.85 36.94 14.29
C LYS D 396 28.16 36.96 12.78
N HIS D 397 28.85 35.96 12.26
CA HIS D 397 29.34 36.03 10.87
C HIS D 397 28.68 35.13 9.86
N GLY D 398 27.99 34.09 10.29
CA GLY D 398 27.47 33.11 9.36
C GLY D 398 28.50 32.12 8.84
N GLU D 399 28.05 31.02 8.30
CA GLU D 399 28.99 29.99 7.90
C GLU D 399 30.21 30.46 7.11
N TYR D 400 29.93 31.19 6.04
CA TYR D 400 30.90 31.67 5.10
C TYR D 400 32.02 32.44 5.82
N GLY D 401 31.66 33.54 6.51
CA GLY D 401 32.56 34.45 7.20
C GLY D 401 33.16 33.73 8.35
N PHE D 402 32.46 32.72 8.85
CA PHE D 402 33.04 31.90 9.88
C PHE D 402 34.16 31.04 9.27
N GLN D 403 33.91 30.59 8.05
CA GLN D 403 34.91 29.76 7.39
C GLN D 403 36.17 30.55 7.11
N ASN D 404 35.97 31.81 6.86
CA ASN D 404 37.05 32.61 6.35
C ASN D 404 37.94 32.94 7.52
N ALA D 405 37.31 33.28 8.65
CA ALA D 405 37.98 33.29 9.98
C ALA D 405 38.89 32.04 10.14
N LEU D 406 38.37 30.91 9.81
CA LEU D 406 39.23 29.74 10.03
C LEU D 406 40.35 29.55 9.00
N ILE D 407 40.06 29.81 7.75
CA ILE D 407 41.10 29.87 6.76
C ILE D 407 42.25 30.73 7.28
N VAL D 408 41.95 31.98 7.69
CA VAL D 408 42.96 32.91 8.25
C VAL D 408 43.73 32.15 9.31
N ARG D 409 43.02 31.86 10.38
CA ARG D 409 43.60 31.29 11.57
C ARG D 409 44.32 29.99 11.32
N TYR D 410 43.70 29.06 10.56
CA TYR D 410 44.41 27.80 10.29
C TYR D 410 45.62 27.99 9.38
N THR D 411 45.47 28.74 8.29
CA THR D 411 46.59 28.91 7.36
C THR D 411 47.76 29.43 8.12
N ARG D 412 47.48 30.31 9.08
CA ARG D 412 48.49 30.85 9.96
C ARG D 412 49.26 29.79 10.74
N LYS D 413 48.52 28.88 11.36
CA LYS D 413 49.09 27.74 12.07
C LYS D 413 50.03 27.00 11.17
N ALA D 414 49.57 26.70 9.94
CA ALA D 414 50.30 25.82 9.01
C ALA D 414 50.32 26.20 7.52
N PRO D 415 51.05 27.26 7.20
CA PRO D 415 51.17 27.79 5.85
C PRO D 415 51.84 26.85 4.82
N GLN D 416 52.53 25.81 5.24
CA GLN D 416 53.19 25.01 4.24
C GLN D 416 52.31 23.90 3.78
N VAL D 417 51.18 23.72 4.48
CA VAL D 417 50.18 22.67 4.11
C VAL D 417 49.62 23.31 2.89
N SER D 418 49.35 22.51 1.89
CA SER D 418 48.94 23.08 0.62
C SER D 418 47.60 23.75 0.81
N THR D 419 47.22 24.56 -0.19
CA THR D 419 46.00 25.39 -0.22
C THR D 419 44.67 24.60 -0.37
N PRO D 420 44.65 23.58 -1.24
CA PRO D 420 43.41 22.86 -1.40
C PRO D 420 43.14 22.10 -0.15
N THR D 421 44.17 21.87 0.66
CA THR D 421 43.87 21.26 1.95
C THR D 421 43.31 22.28 2.90
N LEU D 422 44.06 23.36 3.06
CA LEU D 422 43.61 24.43 3.98
C LEU D 422 42.21 24.84 3.59
N VAL D 423 41.87 24.76 2.31
CA VAL D 423 40.52 25.15 1.92
C VAL D 423 39.46 24.14 2.36
N GLU D 424 39.74 22.87 2.08
CA GLU D 424 38.74 21.85 2.30
C GLU D 424 38.57 21.74 3.83
N ILE D 425 39.67 21.64 4.51
CA ILE D 425 39.68 21.65 5.96
C ILE D 425 38.96 22.79 6.58
N SER D 426 39.39 24.04 6.32
CA SER D 426 38.66 25.17 6.99
C SER D 426 37.17 25.21 6.65
N ARG D 427 36.77 24.76 5.47
CA ARG D 427 35.39 24.89 5.07
C ARG D 427 34.66 23.95 5.95
N SER D 428 35.14 22.71 6.00
CA SER D 428 34.56 21.66 6.92
C SER D 428 34.40 22.13 8.31
N LEU D 429 35.52 22.56 8.86
CA LEU D 429 35.53 23.16 10.19
C LEU D 429 34.39 24.20 10.38
N GLY D 430 34.17 25.09 9.43
CA GLY D 430 32.99 26.03 9.56
C GLY D 430 31.61 25.38 9.48
N LYS D 431 31.47 24.27 8.76
CA LYS D 431 30.23 23.51 8.70
C LYS D 431 29.95 22.90 10.08
N VAL D 432 30.98 22.79 10.94
CA VAL D 432 30.66 22.32 12.29
C VAL D 432 29.69 23.27 12.95
N GLY D 433 29.98 24.58 12.89
CA GLY D 433 29.06 25.60 13.41
C GLY D 433 27.57 25.49 13.03
N THR D 434 27.29 25.34 11.74
CA THR D 434 25.93 25.20 11.30
C THR D 434 25.36 23.98 11.92
N LYS D 435 26.12 22.89 11.86
CA LYS D 435 25.64 21.57 12.24
C LYS D 435 25.46 21.33 13.77
N CYS D 436 26.03 22.22 14.61
CA CYS D 436 26.13 21.95 16.08
C CYS D 436 25.63 23.11 16.95
N CYS D 437 25.95 24.33 16.51
CA CYS D 437 25.72 25.50 17.28
C CYS D 437 24.24 25.77 17.63
N ALA D 438 23.29 25.10 16.99
CA ALA D 438 21.88 25.43 17.19
C ALA D 438 21.28 24.35 18.03
N LYS D 439 22.15 23.45 18.49
CA LYS D 439 21.69 22.25 19.16
C LYS D 439 21.36 22.51 20.61
N PRO D 440 20.78 21.50 21.28
CA PRO D 440 20.60 21.71 22.71
C PRO D 440 21.95 21.76 23.39
N GLU D 441 22.09 22.62 24.37
CA GLU D 441 23.29 22.55 25.17
C GLU D 441 23.86 21.14 25.46
N SER D 442 23.04 20.17 25.85
CA SER D 442 23.57 18.84 26.16
C SER D 442 24.20 18.03 24.97
N GLU D 443 23.92 18.41 23.73
CA GLU D 443 24.41 17.68 22.57
C GLU D 443 25.57 18.52 21.93
N ARG D 444 25.65 19.78 22.31
CA ARG D 444 26.43 20.66 21.56
C ARG D 444 27.90 20.22 21.61
N MET D 445 28.41 19.83 22.79
CA MET D 445 29.81 19.37 22.84
C MET D 445 30.05 18.04 22.12
N PRO D 446 29.19 17.04 22.38
CA PRO D 446 29.54 15.83 21.64
C PRO D 446 29.54 16.14 20.19
N CYS D 447 28.72 17.13 19.77
CA CYS D 447 28.51 17.39 18.33
C CYS D 447 29.79 17.97 17.80
N THR D 448 30.18 19.07 18.42
CA THR D 448 31.42 19.76 18.11
C THR D 448 32.60 18.90 18.16
N GLU D 449 32.78 18.22 19.28
CA GLU D 449 34.04 17.52 19.48
C GLU D 449 34.18 16.25 18.57
N ASP D 450 33.02 15.67 18.25
CA ASP D 450 33.03 14.49 17.34
C ASP D 450 33.54 14.86 15.96
N TYR D 451 33.15 16.03 15.44
CA TYR D 451 33.51 16.36 14.06
C TYR D 451 34.90 16.84 13.89
N LEU D 452 35.34 17.65 14.88
CA LEU D 452 36.76 18.06 14.98
C LEU D 452 37.60 16.80 14.85
N SER D 453 37.26 15.77 15.58
CA SER D 453 38.04 14.54 15.51
C SER D 453 38.03 14.11 14.08
N LEU D 454 36.87 14.13 13.44
CA LEU D 454 36.79 13.67 12.05
C LEU D 454 37.57 14.51 11.06
N ILE D 455 37.63 15.81 11.29
CA ILE D 455 38.20 16.76 10.31
C ILE D 455 39.71 16.71 10.47
N LEU D 456 40.13 16.71 11.72
CA LEU D 456 41.56 16.69 12.01
C LEU D 456 42.19 15.39 11.60
N ASN D 457 41.54 14.24 11.84
CA ASN D 457 42.03 13.03 11.22
C ASN D 457 42.20 13.19 9.70
N ARG D 458 41.17 13.70 9.04
CA ARG D 458 41.27 13.82 7.59
C ARG D 458 42.52 14.64 7.18
N LEU D 459 42.74 15.74 7.90
CA LEU D 459 43.95 16.52 7.67
C LEU D 459 45.22 15.70 7.98
N CYS D 460 45.22 15.02 9.11
CA CYS D 460 46.30 14.09 9.46
C CYS D 460 46.47 12.99 8.43
N VAL D 461 45.46 12.69 7.64
CA VAL D 461 45.83 11.71 6.61
C VAL D 461 46.36 12.32 5.31
N LEU D 462 45.94 13.55 4.94
CA LEU D 462 46.49 14.23 3.78
C LEU D 462 47.95 14.58 4.03
N HIS D 463 48.21 15.20 5.18
CA HIS D 463 49.59 15.40 5.67
C HIS D 463 50.54 14.20 5.65
N GLU D 464 50.27 13.19 6.47
CA GLU D 464 51.04 11.92 6.45
C GLU D 464 51.53 11.44 5.05
N LYS D 465 50.69 11.48 4.01
CA LYS D 465 51.08 11.09 2.63
CA LYS D 465 51.14 11.06 2.68
C LYS D 465 52.22 11.97 2.08
N THR D 466 52.20 13.26 2.42
CA THR D 466 53.07 14.28 1.83
C THR D 466 53.35 15.37 2.90
N PRO D 467 54.22 15.11 3.87
CA PRO D 467 54.25 16.11 4.91
C PRO D 467 55.11 17.27 4.54
N VAL D 468 54.71 18.44 5.04
CA VAL D 468 55.35 19.71 4.75
C VAL D 468 55.44 20.60 6.02
N SER D 469 55.14 20.03 7.19
CA SER D 469 55.04 20.86 8.43
C SER D 469 55.29 20.02 9.66
N GLU D 470 56.22 20.43 10.51
CA GLU D 470 56.60 19.63 11.68
C GLU D 470 55.64 19.75 12.85
N LYS D 471 54.90 20.86 12.95
CA LYS D 471 53.92 21.01 14.05
C LYS D 471 52.66 20.12 13.70
N VAL D 472 52.25 20.15 12.44
CA VAL D 472 51.15 19.35 12.02
C VAL D 472 51.47 17.91 12.28
N THR D 473 52.63 17.48 11.82
CA THR D 473 53.04 16.12 12.01
C THR D 473 53.11 15.71 13.52
N LYS D 474 53.59 16.60 14.37
CA LYS D 474 53.66 16.37 15.84
C LYS D 474 52.27 16.19 16.50
N CYS D 475 51.24 16.92 16.04
CA CYS D 475 49.84 16.70 16.53
C CYS D 475 49.18 15.44 15.98
N CYS D 476 49.51 15.09 14.76
CA CYS D 476 48.91 13.92 14.17
C CYS D 476 49.51 12.64 14.73
N THR D 477 50.57 12.77 15.54
CA THR D 477 51.42 11.62 15.87
C THR D 477 51.43 11.32 17.32
N GLU D 478 51.11 12.31 18.11
CA GLU D 478 50.82 12.06 19.52
C GLU D 478 49.40 11.51 19.76
N SER D 479 49.03 11.35 21.02
CA SER D 479 47.76 10.71 21.38
C SER D 479 46.63 11.31 20.66
N LEU D 480 45.70 10.43 20.31
CA LEU D 480 44.49 10.84 19.71
C LEU D 480 43.76 11.71 20.65
N VAL D 481 43.84 11.35 21.91
CA VAL D 481 43.14 12.08 22.98
C VAL D 481 43.42 13.56 23.04
N ASN D 482 44.68 13.94 22.82
CA ASN D 482 45.13 15.33 22.96
C ASN D 482 45.42 15.94 21.60
N ARG D 483 44.65 15.51 20.60
CA ARG D 483 44.87 15.92 19.25
C ARG D 483 44.27 17.32 19.02
N ARG D 484 43.03 17.50 19.47
CA ARG D 484 42.32 18.74 19.23
C ARG D 484 43.05 19.90 19.91
N PRO D 485 43.33 19.78 21.23
CA PRO D 485 44.15 20.82 21.91
C PRO D 485 45.46 21.14 21.21
N CYS D 486 46.21 20.11 20.86
CA CYS D 486 47.46 20.28 20.15
C CYS D 486 47.27 21.29 18.99
N PHE D 487 46.19 21.12 18.21
CA PHE D 487 45.90 21.90 17.02
C PHE D 487 45.28 23.26 17.33
N SER D 488 44.38 23.25 18.32
CA SER D 488 43.89 24.47 18.96
C SER D 488 44.88 25.15 19.89
N ASP D 489 46.15 24.74 19.91
CA ASP D 489 47.15 25.52 20.63
C ASP D 489 48.24 26.00 19.70
N LEU D 490 48.34 25.40 18.53
CA LEU D 490 49.35 25.88 17.63
C LEU D 490 49.08 27.35 17.39
N THR D 491 50.14 28.12 17.19
CA THR D 491 49.97 29.49 16.79
C THR D 491 50.72 29.73 15.51
N LEU D 492 50.70 31.00 15.10
CA LEU D 492 51.25 31.46 13.85
C LEU D 492 52.72 31.03 13.77
N ASP D 493 52.98 30.10 12.89
CA ASP D 493 54.29 29.55 12.73
C ASP D 493 55.29 30.73 12.67
N GLU D 494 56.17 30.78 13.68
CA GLU D 494 57.28 31.77 13.83
C GLU D 494 58.26 31.83 12.66
N THR D 495 58.33 30.72 11.93
CA THR D 495 59.42 30.26 11.08
C THR D 495 59.13 30.05 9.55
N TYR D 496 57.87 30.16 9.10
CA TYR D 496 57.58 29.90 7.67
C TYR D 496 58.30 30.87 6.72
N VAL D 497 58.57 30.45 5.46
CA VAL D 497 59.20 31.32 4.44
C VAL D 497 58.14 31.83 3.48
N PRO D 498 57.88 33.15 3.48
CA PRO D 498 56.89 33.60 2.51
C PRO D 498 57.13 33.18 1.03
N LYS D 499 56.03 33.00 0.31
CA LYS D 499 56.03 32.73 -1.13
C LYS D 499 56.28 34.08 -1.83
N PRO D 500 57.50 34.26 -2.41
CA PRO D 500 57.65 35.51 -3.19
C PRO D 500 57.16 35.39 -4.61
N PHE D 501 57.54 34.33 -5.36
CA PHE D 501 57.68 34.40 -6.85
C PHE D 501 57.02 33.34 -7.78
N ASP D 502 57.14 32.04 -7.43
CA ASP D 502 56.70 30.96 -8.34
C ASP D 502 55.18 30.89 -8.44
N GLY D 503 54.55 30.41 -7.27
CA GLY D 503 53.09 30.28 -7.29
C GLY D 503 52.44 31.63 -7.06
N GLU D 504 53.17 32.68 -7.46
CA GLU D 504 52.85 34.06 -7.07
C GLU D 504 51.43 34.48 -7.40
N SER D 505 51.01 34.26 -8.65
CA SER D 505 49.69 34.76 -9.03
C SER D 505 48.56 33.72 -9.20
N PHE D 506 47.64 33.70 -8.22
CA PHE D 506 46.33 33.14 -8.48
C PHE D 506 45.35 34.29 -8.67
N THR D 507 44.70 34.30 -9.85
CA THR D 507 43.76 35.37 -10.27
C THR D 507 42.41 34.83 -10.73
N PHE D 508 41.49 35.76 -10.99
CA PHE D 508 40.10 35.46 -11.31
C PHE D 508 39.74 35.48 -12.81
N HIS D 509 38.69 34.76 -13.21
CA HIS D 509 38.19 34.72 -14.59
C HIS D 509 36.65 34.58 -14.54
N ALA D 510 35.93 34.62 -15.66
CA ALA D 510 34.43 34.75 -15.52
C ALA D 510 33.68 33.47 -15.20
N ASP D 511 34.40 32.35 -15.18
CA ASP D 511 33.84 31.08 -14.80
C ASP D 511 33.17 31.30 -13.49
N ILE D 512 33.61 32.34 -12.78
CA ILE D 512 33.09 32.59 -11.46
C ILE D 512 31.70 33.16 -11.36
N CYS D 513 31.14 33.59 -12.47
CA CYS D 513 29.88 34.29 -12.39
C CYS D 513 28.77 33.30 -12.47
N THR D 514 29.06 32.18 -13.14
CA THR D 514 28.12 31.12 -13.47
C THR D 514 28.02 30.11 -12.34
N LEU D 515 29.07 30.02 -11.52
CA LEU D 515 29.24 28.85 -10.70
C LEU D 515 28.20 28.77 -9.56
N PRO D 516 28.00 27.58 -8.94
CA PRO D 516 27.09 27.50 -7.74
C PRO D 516 27.86 28.11 -6.63
N ASP D 517 27.19 28.85 -5.76
CA ASP D 517 27.91 29.68 -4.80
C ASP D 517 29.05 28.97 -4.09
N THR D 518 29.03 27.60 -4.04
CA THR D 518 30.11 26.83 -3.42
C THR D 518 31.45 26.99 -4.07
N GLU D 519 31.52 26.67 -5.34
CA GLU D 519 32.69 27.00 -6.16
C GLU D 519 33.04 28.50 -6.12
N LYS D 520 32.06 29.39 -6.16
CA LYS D 520 32.38 30.85 -5.87
C LYS D 520 33.19 31.04 -4.53
N GLN D 521 32.70 30.52 -3.41
CA GLN D 521 33.44 30.65 -2.13
C GLN D 521 34.79 30.02 -2.18
N ILE D 522 34.81 28.80 -2.71
CA ILE D 522 36.03 27.99 -2.81
C ILE D 522 37.16 28.73 -3.50
N LYS D 523 36.88 29.30 -4.67
CA LYS D 523 37.87 30.07 -5.41
C LYS D 523 38.20 31.36 -4.65
N LYS D 524 37.22 31.95 -3.96
CA LYS D 524 37.54 33.22 -3.25
C LYS D 524 38.43 32.87 -2.09
N GLN D 525 37.95 31.87 -1.35
CA GLN D 525 38.64 31.39 -0.20
C GLN D 525 39.99 30.86 -0.61
N THR D 526 40.12 30.34 -1.85
CA THR D 526 41.47 30.02 -2.31
C THR D 526 42.40 31.27 -2.43
N ALA D 527 41.88 32.33 -3.04
CA ALA D 527 42.62 33.62 -3.19
C ALA D 527 43.10 33.97 -1.78
N LEU D 528 42.16 34.18 -0.88
CA LEU D 528 42.41 34.35 0.53
C LEU D 528 43.60 33.63 1.10
N VAL D 529 43.64 32.34 0.84
CA VAL D 529 44.65 31.47 1.37
C VAL D 529 46.00 31.92 0.95
N GLU D 530 46.17 32.09 -0.35
CA GLU D 530 47.49 32.39 -0.90
C GLU D 530 47.89 33.75 -0.33
N LEU D 531 46.90 34.64 -0.25
CA LEU D 531 47.10 35.96 0.26
C LEU D 531 47.69 35.91 1.67
N LEU D 532 47.28 34.96 2.49
CA LEU D 532 48.08 34.68 3.71
C LEU D 532 49.44 33.97 3.47
N LYS D 533 49.47 32.91 2.64
CA LYS D 533 50.76 32.25 2.30
C LYS D 533 51.93 33.17 1.82
N HIS D 534 51.62 34.41 1.48
CA HIS D 534 52.62 35.30 0.90
C HIS D 534 52.85 36.49 1.80
N LYS D 535 51.84 36.84 2.60
CA LYS D 535 51.93 38.01 3.48
C LYS D 535 51.35 37.76 4.89
N PRO D 536 51.95 36.80 5.63
CA PRO D 536 51.33 36.18 6.82
C PRO D 536 50.97 37.13 7.98
N LYS D 537 51.76 38.20 8.13
CA LYS D 537 51.69 39.03 9.32
C LYS D 537 50.52 39.97 9.25
N ALA D 538 49.79 39.91 8.15
CA ALA D 538 48.90 40.99 7.74
C ALA D 538 47.77 41.25 8.72
N THR D 539 47.36 42.52 8.83
CA THR D 539 46.32 42.89 9.79
C THR D 539 45.02 42.22 9.41
N ASP D 540 44.05 42.34 10.28
CA ASP D 540 42.76 41.81 10.01
C ASP D 540 41.99 42.80 9.11
N GLU D 541 42.29 44.09 9.27
CA GLU D 541 41.73 45.15 8.43
C GLU D 541 42.23 45.03 6.97
N GLN D 542 43.47 44.61 6.80
CA GLN D 542 44.05 44.45 5.48
C GLN D 542 43.36 43.31 4.74
N LEU D 543 43.19 42.21 5.46
CA LEU D 543 42.50 41.10 4.93
C LEU D 543 41.06 41.52 4.69
N LYS D 544 40.47 42.32 5.56
CA LYS D 544 39.05 42.66 5.35
C LYS D 544 38.82 43.75 4.30
N THR D 545 39.88 44.44 3.88
CA THR D 545 39.71 45.42 2.82
C THR D 545 39.78 44.64 1.56
N VAL D 546 40.92 43.98 1.39
CA VAL D 546 41.17 43.21 0.20
C VAL D 546 39.97 42.37 -0.15
N MET D 547 39.50 41.55 0.79
CA MET D 547 38.26 40.80 0.54
C MET D 547 37.14 41.67 -0.09
N GLU D 548 37.04 42.95 0.28
CA GLU D 548 35.99 43.79 -0.30
C GLU D 548 36.18 44.08 -1.80
N ASN D 549 37.44 44.31 -2.17
CA ASN D 549 37.78 44.54 -3.56
C ASN D 549 37.45 43.33 -4.36
N PHE D 550 37.70 42.19 -3.77
CA PHE D 550 37.53 40.95 -4.45
C PHE D 550 36.10 40.91 -4.90
N VAL D 551 35.25 41.46 -4.03
CA VAL D 551 33.80 41.34 -4.19
C VAL D 551 33.32 42.36 -5.16
N ALA D 552 33.71 43.60 -4.91
CA ALA D 552 33.41 44.72 -5.76
C ALA D 552 33.85 44.42 -7.18
N PHE D 553 35.11 43.97 -7.34
CA PHE D 553 35.69 43.63 -8.67
C PHE D 553 34.83 42.60 -9.34
N VAL D 554 34.56 41.50 -8.63
CA VAL D 554 33.78 40.39 -9.14
C VAL D 554 32.34 40.79 -9.47
N ASP D 555 31.67 41.49 -8.54
CA ASP D 555 30.28 41.95 -8.79
C ASP D 555 30.15 42.82 -10.06
N LYS D 556 31.18 43.60 -10.33
CA LYS D 556 31.22 44.61 -11.37
C LYS D 556 31.30 43.90 -12.65
N CYS D 557 32.19 42.91 -12.70
CA CYS D 557 32.53 42.28 -13.96
C CYS D 557 31.58 41.17 -14.33
N CYS D 558 30.87 40.64 -13.33
CA CYS D 558 29.81 39.67 -13.65
C CYS D 558 28.56 40.38 -14.20
N ALA D 559 28.56 41.71 -14.06
CA ALA D 559 27.47 42.53 -14.58
C ALA D 559 27.87 43.36 -15.83
N ALA D 560 29.11 43.17 -16.28
CA ALA D 560 29.56 43.56 -17.59
C ALA D 560 28.82 42.70 -18.64
N ASP D 561 28.53 43.29 -19.79
CA ASP D 561 28.09 42.49 -20.93
C ASP D 561 29.27 41.77 -21.60
N ASP D 562 30.43 42.39 -21.59
CA ASP D 562 31.61 41.61 -21.87
C ASP D 562 32.28 41.30 -20.54
N LYS D 563 31.75 40.27 -19.87
CA LYS D 563 32.29 39.78 -18.60
C LYS D 563 33.78 39.31 -18.62
N GLU D 564 34.23 38.48 -19.57
CA GLU D 564 35.62 38.06 -19.43
C GLU D 564 36.49 39.25 -19.53
N GLY D 565 36.16 40.07 -20.54
CA GLY D 565 36.93 41.24 -20.90
C GLY D 565 36.95 42.28 -19.81
N CYS D 566 36.24 42.06 -18.70
CA CYS D 566 36.25 42.94 -17.55
C CYS D 566 37.27 42.47 -16.57
N PHE D 567 37.21 41.17 -16.28
CA PHE D 567 38.17 40.44 -15.46
C PHE D 567 39.57 40.52 -16.10
N LEU D 568 39.61 40.50 -17.43
CA LEU D 568 40.92 40.57 -18.11
C LEU D 568 41.46 42.00 -17.99
N LEU D 569 40.57 42.98 -18.01
CA LEU D 569 41.02 44.37 -17.93
C LEU D 569 41.38 44.74 -16.53
N GLU D 570 40.41 44.70 -15.63
CA GLU D 570 40.62 45.24 -14.29
C GLU D 570 41.47 44.36 -13.33
N GLY D 571 41.76 43.12 -13.77
CA GLY D 571 42.65 42.21 -13.00
C GLY D 571 43.82 42.84 -12.22
N PRO D 572 44.74 43.53 -12.92
CA PRO D 572 45.97 44.05 -12.32
C PRO D 572 45.80 45.08 -11.21
N LYS D 573 44.81 45.96 -11.32
CA LYS D 573 44.60 46.89 -10.19
C LYS D 573 44.49 46.16 -8.85
N LEU D 574 43.76 45.04 -8.85
CA LEU D 574 43.60 44.24 -7.63
C LEU D 574 44.92 43.73 -7.13
N VAL D 575 45.73 43.21 -8.06
CA VAL D 575 47.05 42.72 -7.75
C VAL D 575 47.84 43.88 -7.19
N ALA D 576 47.66 45.04 -7.83
CA ALA D 576 48.39 46.24 -7.47
C ALA D 576 47.94 46.64 -6.06
N SER D 577 46.64 46.91 -5.95
CA SER D 577 46.06 47.30 -4.68
C SER D 577 46.45 46.29 -3.59
N THR D 578 46.61 45.02 -3.98
CA THR D 578 46.92 43.97 -3.01
C THR D 578 48.28 44.14 -2.35
N GLN D 579 49.36 44.12 -3.12
CA GLN D 579 50.70 44.23 -2.54
C GLN D 579 50.91 45.60 -1.92
N ALA D 580 50.04 46.53 -2.27
CA ALA D 580 50.09 47.91 -1.74
C ALA D 580 49.33 48.01 -0.44
N ALA D 581 48.11 47.46 -0.41
CA ALA D 581 47.31 47.49 0.81
C ALA D 581 47.88 46.55 1.81
N LEU D 582 48.69 45.64 1.32
CA LEU D 582 49.38 44.69 2.17
C LEU D 582 50.45 45.30 3.09
N ALA D 583 51.26 46.21 2.54
CA ALA D 583 52.40 46.82 3.26
C ALA D 583 53.30 45.79 4.00
C1 PGE E . -5.99 -26.77 -9.59
O1 PGE E . -5.56 -26.94 -10.95
C2 PGE E . -5.29 -27.80 -8.72
O2 PGE E . -4.76 -27.16 -7.59
C3 PGE E . -3.58 -27.79 -7.11
C4 PGE E . -2.37 -27.15 -7.81
O4 PGE E . 0.48 -28.13 -5.30
C6 PGE E . 0.85 -26.87 -5.95
C5 PGE E . -0.24 -26.44 -6.93
O3 PGE E . -1.15 -27.54 -7.20
N PRO F . 3.58 -11.92 -9.59
CA PRO F . 4.97 -11.56 -9.39
C PRO F . 5.26 -10.11 -9.80
O PRO F . 4.51 -9.18 -9.57
CB PRO F . 5.72 -12.56 -10.30
CG PRO F . 4.71 -13.34 -11.06
CD PRO F . 3.44 -13.24 -10.22
OXT PRO F . 6.29 -9.77 -10.34
N PRO G . -22.89 8.35 8.00
CA PRO G . -24.13 8.72 7.29
C PRO G . -24.34 7.84 6.06
O PRO G . -24.25 6.62 6.20
CB PRO G . -23.89 10.18 6.89
CG PRO G . -22.40 10.30 6.82
CD PRO G . -21.87 9.43 7.92
OXT PRO G . -24.58 8.31 4.92
C1 PGE H . -48.50 -44.37 13.53
O1 PGE H . -49.49 -44.65 12.53
C2 PGE H . -47.09 -44.57 12.94
O2 PGE H . -46.16 -44.71 14.02
C3 PGE H . -44.91 -45.30 13.67
C4 PGE H . -43.82 -44.49 14.34
O4 PGE H . -41.13 -47.85 16.51
C6 PGE H . -41.29 -46.46 16.19
C5 PGE H . -42.61 -46.17 15.46
O3 PGE H . -42.55 -45.09 14.53
N PRO I . -28.12 -19.34 37.98
CA PRO I . -27.34 -18.33 38.66
C PRO I . -27.03 -18.80 40.06
O PRO I . -27.88 -19.49 40.66
CB PRO I . -28.27 -17.14 38.72
CG PRO I . -29.63 -17.74 38.79
CD PRO I . -29.57 -19.13 38.19
OXT PRO I . -25.95 -18.49 40.63
N PRO J . -50.81 -67.30 44.48
CA PRO J . -52.03 -66.47 44.44
C PRO J . -52.30 -65.64 45.73
O PRO J . -53.47 -65.35 46.07
CB PRO J . -53.13 -67.53 44.20
CG PRO J . -52.43 -68.58 43.41
CD PRO J . -51.06 -68.68 44.04
OXT PRO J . -51.37 -65.19 46.43
C1 PGE K . 37.92 34.17 -62.92
O1 PGE K . 39.18 34.01 -62.31
C2 PGE K . 36.98 34.16 -61.73
O2 PGE K . 37.07 35.43 -61.07
C3 PGE K . 36.12 35.57 -60.00
C4 PGE K . 36.58 36.62 -58.99
O4 PGE K . 36.68 41.28 -59.01
C6 PGE K . 36.67 40.00 -58.33
C5 PGE K . 37.11 38.90 -59.33
O3 PGE K . 36.08 37.89 -59.39
C1 PEG L . 25.34 36.72 -46.54
O1 PEG L . 25.76 35.39 -46.28
C2 PEG L . 24.83 37.27 -45.22
O2 PEG L . 23.88 38.31 -45.41
C3 PEG L . 24.44 39.62 -45.57
C4 PEG L . 23.84 40.59 -44.56
O4 PEG L . 24.64 41.77 -44.39
N PRO M . 33.57 17.82 -37.30
CA PRO M . 34.54 18.01 -36.22
C PRO M . 35.72 18.80 -36.68
O PRO M . 36.02 19.91 -36.17
CB PRO M . 35.04 16.59 -35.96
CG PRO M . 34.90 15.90 -37.28
CD PRO M . 33.58 16.43 -37.81
OXT PRO M . 36.43 18.29 -37.56
N PRO N . 13.05 45.99 -21.95
CA PRO N . 12.42 47.22 -21.49
C PRO N . 11.09 47.55 -22.16
O PRO N . 10.10 46.81 -22.20
CB PRO N . 13.46 48.28 -21.83
CG PRO N . 14.77 47.56 -21.95
CD PRO N . 14.39 46.24 -22.53
OXT PRO N . 10.98 48.63 -22.71
N PRO O . 29.15 60.49 -44.15
CA PRO O . 29.57 60.23 -42.77
C PRO O . 28.69 60.97 -41.75
O PRO O . 28.08 60.32 -40.92
CB PRO O . 31.01 60.78 -42.74
CG PRO O . 31.48 60.65 -44.15
CD PRO O . 30.26 61.04 -44.96
OXT PRO O . 28.58 62.21 -41.75
C1 PEG P . 36.61 25.45 15.10
O1 PEG P . 37.33 24.73 16.11
C2 PEG P . 35.18 24.92 14.93
O2 PEG P . 34.29 25.61 15.82
C3 PEG P . 32.97 25.06 15.81
C4 PEG P . 32.00 25.85 16.67
O4 PEG P . 31.63 25.06 17.80
N PRO Q . 18.61 -1.68 -5.54
CA PRO Q . 18.82 -2.83 -6.41
C PRO Q . 17.56 -3.21 -7.25
O PRO Q . 16.55 -3.68 -6.71
CB PRO Q . 19.12 -3.91 -5.41
CG PRO Q . 18.16 -3.62 -4.31
CD PRO Q . 18.12 -2.11 -4.22
OXT PRO Q . 17.49 -3.10 -8.48
N PRO R . 32.09 7.85 19.28
CA PRO R . 33.33 7.66 18.51
C PRO R . 34.17 6.45 19.02
O PRO R . 33.65 5.35 19.23
CB PRO R . 34.08 9.00 18.70
CG PRO R . 33.02 9.97 19.05
CD PRO R . 31.72 9.27 19.38
OXT PRO R . 35.37 6.55 19.25
N PRO S . 17.67 13.96 12.20
CA PRO S . 16.86 13.00 12.93
C PRO S . 15.43 13.50 13.20
O PRO S . 14.96 13.50 14.35
CB PRO S . 17.62 12.82 14.23
CG PRO S . 19.05 13.05 13.85
CD PRO S . 19.08 13.91 12.61
OXT PRO S . 14.74 13.90 12.26
N PRO T . 57.93 16.33 6.13
CA PRO T . 58.64 17.40 5.42
C PRO T . 60.10 17.04 5.06
O PRO T . 61.02 17.12 5.92
CB PRO T . 58.59 18.57 6.40
CG PRO T . 58.48 17.92 7.73
CD PRO T . 57.62 16.72 7.52
OXT PRO T . 60.38 16.65 3.88
#